data_6GZJ
# 
_entry.id   6GZJ 
# 
_audit_conform.dict_name       mmcif_pdbx.dic 
_audit_conform.dict_version    5.383 
_audit_conform.dict_location   http://mmcif.pdb.org/dictionaries/ascii/mmcif_pdbx.dic 
# 
loop_
_database_2.database_id 
_database_2.database_code 
_database_2.pdbx_database_accession 
_database_2.pdbx_DOI 
PDB   6GZJ         pdb_00006gzj 10.2210/pdb6gzj/pdb 
WWPDB D_1200010787 ?            ?                   
# 
loop_
_pdbx_audit_revision_history.ordinal 
_pdbx_audit_revision_history.data_content_type 
_pdbx_audit_revision_history.major_revision 
_pdbx_audit_revision_history.minor_revision 
_pdbx_audit_revision_history.revision_date 
1 'Structure model' 1 0 2018-10-10 
2 'Structure model' 1 1 2019-01-09 
3 'Structure model' 1 2 2024-01-17 
# 
_pdbx_audit_revision_details.ordinal             1 
_pdbx_audit_revision_details.revision_ordinal    1 
_pdbx_audit_revision_details.data_content_type   'Structure model' 
_pdbx_audit_revision_details.provider            repository 
_pdbx_audit_revision_details.type                'Initial release' 
_pdbx_audit_revision_details.description         ? 
_pdbx_audit_revision_details.details             ? 
# 
loop_
_pdbx_audit_revision_group.ordinal 
_pdbx_audit_revision_group.revision_ordinal 
_pdbx_audit_revision_group.data_content_type 
_pdbx_audit_revision_group.group 
1 2 'Structure model' 'Data collection'        
2 2 'Structure model' 'Database references'    
3 3 'Structure model' 'Data collection'        
4 3 'Structure model' 'Database references'    
5 3 'Structure model' 'Refinement description' 
# 
loop_
_pdbx_audit_revision_category.ordinal 
_pdbx_audit_revision_category.revision_ordinal 
_pdbx_audit_revision_category.data_content_type 
_pdbx_audit_revision_category.category 
1 2 'Structure model' citation                      
2 2 'Structure model' pdbx_database_proc            
3 3 'Structure model' chem_comp_atom                
4 3 'Structure model' chem_comp_bond                
5 3 'Structure model' database_2                    
6 3 'Structure model' pdbx_initial_refinement_model 
# 
loop_
_pdbx_audit_revision_item.ordinal 
_pdbx_audit_revision_item.revision_ordinal 
_pdbx_audit_revision_item.data_content_type 
_pdbx_audit_revision_item.item 
1 2 'Structure model' '_citation.journal_volume'            
2 2 'Structure model' '_citation.page_first'                
3 2 'Structure model' '_citation.page_last'                 
4 3 'Structure model' '_database_2.pdbx_DOI'                
5 3 'Structure model' '_database_2.pdbx_database_accession' 
# 
_pdbx_database_status.status_code                     REL 
_pdbx_database_status.status_code_sf                  REL 
_pdbx_database_status.status_code_mr                  ? 
_pdbx_database_status.entry_id                        6GZJ 
_pdbx_database_status.recvd_initial_deposition_date   2018-07-04 
_pdbx_database_status.SG_entry                        N 
_pdbx_database_status.deposit_site                    PDBE 
_pdbx_database_status.process_site                    PDBE 
_pdbx_database_status.status_code_cs                  ? 
_pdbx_database_status.methods_development_category    ? 
_pdbx_database_status.pdb_format_compatible           Y 
_pdbx_database_status.status_code_nmr_data            ? 
# 
loop_
_audit_author.name 
_audit_author.pdbx_ordinal 
_audit_author.identifier_ORCID 
'Myllykoski, M.' 1 ? 
'Kursula, P.'    2 ? 
# 
_citation.abstract                  ? 
_citation.abstract_id_CAS           ? 
_citation.book_id_ISBN              ? 
_citation.book_publisher            ? 
_citation.book_publisher_city       ? 
_citation.book_title                ? 
_citation.coordinate_linkage        ? 
_citation.country                   UK 
_citation.database_id_Medline       ? 
_citation.details                   ? 
_citation.id                        primary 
_citation.journal_abbrev            'J. Neurochem.' 
_citation.journal_id_ASTM           ? 
_citation.journal_id_CSD            ? 
_citation.journal_id_ISSN           1471-4159 
_citation.journal_full              ? 
_citation.journal_issue             ? 
_citation.journal_volume            147 
_citation.language                  ? 
_citation.page_first                764 
_citation.page_last                 783 
_citation.title                     
'High-affinity heterotetramer formation between the large myelin-associated glycoprotein and the dynein light chain DYNLL1.' 
_citation.year                      2018 
_citation.database_id_CSD           ? 
_citation.pdbx_database_id_DOI      10.1111/jnc.14598 
_citation.pdbx_database_id_PubMed   30261098 
_citation.unpublished_flag          ? 
# 
loop_
_citation_author.citation_id 
_citation_author.name 
_citation_author.ordinal 
_citation_author.identifier_ORCID 
primary 'Myllykoski, M.' 1 ? 
primary 'Eichel, M.A.'   2 ? 
primary 'Jung, R.B.'     3 ? 
primary 'Kelm, S.'       4 ? 
primary 'Werner, H.B.'   5 ? 
primary 'Kursula, P.'    6 ? 
# 
loop_
_entity.id 
_entity.type 
_entity.src_method 
_entity.pdbx_description 
_entity.formula_weight 
_entity.pdbx_number_of_molecules 
_entity.pdbx_ec 
_entity.pdbx_mutation 
_entity.pdbx_fragment 
_entity.details 
1 polymer     man 'Dynein light chain 1, cytoplasmic' 10468.978 1  ? ? ? ? 
2 polymer     syn 'Myelin-associated glycoprotein'    6191.895  1  ? ? ? ? 
3 non-polymer syn 'CHLORIDE ION'                      35.453    1  ? ? ? ? 
4 water       nat water                               18.015    15 ? ? ? ? 
# 
loop_
_entity_name_com.entity_id 
_entity_name_com.name 
1 '8 kDa dynein light chain,DLC8,Dynein light chain LC8-type 1,Protein inhibitor of neuronal nitric oxide synthase,PIN' 
2 Siglec-4a                                                                                                             
# 
loop_
_entity_poly.entity_id 
_entity_poly.type 
_entity_poly.nstd_linkage 
_entity_poly.nstd_monomer 
_entity_poly.pdbx_seq_one_letter_code 
_entity_poly.pdbx_seq_one_letter_code_can 
_entity_poly.pdbx_strand_id 
_entity_poly.pdbx_target_identifier 
1 'polypeptide(L)' no no 
;SMCDRKAVIKNADMSEEMQQDSVECATQALEKYNIEKDIAAHIKKEFDKKYNPTWHCIVGRNFGSYVTHETKHFIYFYLG
QVAILLFKSG
;
;SMCDRKAVIKNADMSEEMQQDSVECATQALEKYNIEKDIAAHIKKEFDKKYNPTWHCIVGRNFGSYVTHETKHFIYFYLG
QVAILLFKSG
;
A ? 
2 'polypeptide(L)' no no SEKRLGSERRLLGLRGESPELDLSYSHSDLGKRPTKDSYTLTEELAEYAEIRVK                                        
SEKRLGSERRLLGLRGESPELDLSYSHSDLGKRPTKDSYTLTEELAEYAEIRVK                                        B ? 
# 
loop_
_pdbx_entity_nonpoly.entity_id 
_pdbx_entity_nonpoly.name 
_pdbx_entity_nonpoly.comp_id 
3 'CHLORIDE ION' CL  
4 water          HOH 
# 
loop_
_entity_poly_seq.entity_id 
_entity_poly_seq.num 
_entity_poly_seq.mon_id 
_entity_poly_seq.hetero 
1 1  SER n 
1 2  MET n 
1 3  CYS n 
1 4  ASP n 
1 5  ARG n 
1 6  LYS n 
1 7  ALA n 
1 8  VAL n 
1 9  ILE n 
1 10 LYS n 
1 11 ASN n 
1 12 ALA n 
1 13 ASP n 
1 14 MET n 
1 15 SER n 
1 16 GLU n 
1 17 GLU n 
1 18 MET n 
1 19 GLN n 
1 20 GLN n 
1 21 ASP n 
1 22 SER n 
1 23 VAL n 
1 24 GLU n 
1 25 CYS n 
1 26 ALA n 
1 27 THR n 
1 28 GLN n 
1 29 ALA n 
1 30 LEU n 
1 31 GLU n 
1 32 LYS n 
1 33 TYR n 
1 34 ASN n 
1 35 ILE n 
1 36 GLU n 
1 37 LYS n 
1 38 ASP n 
1 39 ILE n 
1 40 ALA n 
1 41 ALA n 
1 42 HIS n 
1 43 ILE n 
1 44 LYS n 
1 45 LYS n 
1 46 GLU n 
1 47 PHE n 
1 48 ASP n 
1 49 LYS n 
1 50 LYS n 
1 51 TYR n 
1 52 ASN n 
1 53 PRO n 
1 54 THR n 
1 55 TRP n 
1 56 HIS n 
1 57 CYS n 
1 58 ILE n 
1 59 VAL n 
1 60 GLY n 
1 61 ARG n 
1 62 ASN n 
1 63 PHE n 
1 64 GLY n 
1 65 SER n 
1 66 TYR n 
1 67 VAL n 
1 68 THR n 
1 69 HIS n 
1 70 GLU n 
1 71 THR n 
1 72 LYS n 
1 73 HIS n 
1 74 PHE n 
1 75 ILE n 
1 76 TYR n 
1 77 PHE n 
1 78 TYR n 
1 79 LEU n 
1 80 GLY n 
1 81 GLN n 
1 82 VAL n 
1 83 ALA n 
1 84 ILE n 
1 85 LEU n 
1 86 LEU n 
1 87 PHE n 
1 88 LYS n 
1 89 SER n 
1 90 GLY n 
2 1  SER n 
2 2  GLU n 
2 3  LYS n 
2 4  ARG n 
2 5  LEU n 
2 6  GLY n 
2 7  SER n 
2 8  GLU n 
2 9  ARG n 
2 10 ARG n 
2 11 LEU n 
2 12 LEU n 
2 13 GLY n 
2 14 LEU n 
2 15 ARG n 
2 16 GLY n 
2 17 GLU n 
2 18 SER n 
2 19 PRO n 
2 20 GLU n 
2 21 LEU n 
2 22 ASP n 
2 23 LEU n 
2 24 SER n 
2 25 TYR n 
2 26 SER n 
2 27 HIS n 
2 28 SER n 
2 29 ASP n 
2 30 LEU n 
2 31 GLY n 
2 32 LYS n 
2 33 ARG n 
2 34 PRO n 
2 35 THR n 
2 36 LYS n 
2 37 ASP n 
2 38 SER n 
2 39 TYR n 
2 40 THR n 
2 41 LEU n 
2 42 THR n 
2 43 GLU n 
2 44 GLU n 
2 45 LEU n 
2 46 ALA n 
2 47 GLU n 
2 48 TYR n 
2 49 ALA n 
2 50 GLU n 
2 51 ILE n 
2 52 ARG n 
2 53 VAL n 
2 54 LYS n 
# 
_entity_src_gen.entity_id                          1 
_entity_src_gen.pdbx_src_id                        1 
_entity_src_gen.pdbx_alt_source_flag               sample 
_entity_src_gen.pdbx_seq_type                      'Biological sequence' 
_entity_src_gen.pdbx_beg_seq_num                   1 
_entity_src_gen.pdbx_end_seq_num                   90 
_entity_src_gen.gene_src_common_name               Human 
_entity_src_gen.gene_src_genus                     ? 
_entity_src_gen.pdbx_gene_src_gene                 'DYNLL1, DLC1, DNCL1, DNCLC1, HDLC1' 
_entity_src_gen.gene_src_species                   ? 
_entity_src_gen.gene_src_strain                    ? 
_entity_src_gen.gene_src_tissue                    ? 
_entity_src_gen.gene_src_tissue_fraction           ? 
_entity_src_gen.gene_src_details                   ? 
_entity_src_gen.pdbx_gene_src_fragment             ? 
_entity_src_gen.pdbx_gene_src_scientific_name      'Homo sapiens' 
_entity_src_gen.pdbx_gene_src_ncbi_taxonomy_id     9606 
_entity_src_gen.pdbx_gene_src_variant              ? 
_entity_src_gen.pdbx_gene_src_cell_line            ? 
_entity_src_gen.pdbx_gene_src_atcc                 ? 
_entity_src_gen.pdbx_gene_src_organ                ? 
_entity_src_gen.pdbx_gene_src_organelle            ? 
_entity_src_gen.pdbx_gene_src_cell                 ? 
_entity_src_gen.pdbx_gene_src_cellular_location    ? 
_entity_src_gen.host_org_common_name               ? 
_entity_src_gen.pdbx_host_org_scientific_name      'Escherichia coli' 
_entity_src_gen.pdbx_host_org_ncbi_taxonomy_id     562 
_entity_src_gen.host_org_genus                     ? 
_entity_src_gen.pdbx_host_org_gene                 ? 
_entity_src_gen.pdbx_host_org_organ                ? 
_entity_src_gen.host_org_species                   ? 
_entity_src_gen.pdbx_host_org_tissue               ? 
_entity_src_gen.pdbx_host_org_tissue_fraction      ? 
_entity_src_gen.pdbx_host_org_strain               ? 
_entity_src_gen.pdbx_host_org_variant              ? 
_entity_src_gen.pdbx_host_org_cell_line            ? 
_entity_src_gen.pdbx_host_org_atcc                 ? 
_entity_src_gen.pdbx_host_org_culture_collection   ? 
_entity_src_gen.pdbx_host_org_cell                 ? 
_entity_src_gen.pdbx_host_org_organelle            ? 
_entity_src_gen.pdbx_host_org_cellular_location    ? 
_entity_src_gen.pdbx_host_org_vector_type          plasmid 
_entity_src_gen.pdbx_host_org_vector               ? 
_entity_src_gen.host_org_details                   ? 
_entity_src_gen.expression_system_id               ? 
_entity_src_gen.plasmid_name                       pJExpress401 
_entity_src_gen.plasmid_details                    ? 
_entity_src_gen.pdbx_description                   ? 
# 
_pdbx_entity_src_syn.entity_id              2 
_pdbx_entity_src_syn.pdbx_src_id            1 
_pdbx_entity_src_syn.pdbx_alt_source_flag   sample 
_pdbx_entity_src_syn.pdbx_beg_seq_num       1 
_pdbx_entity_src_syn.pdbx_end_seq_num       54 
_pdbx_entity_src_syn.organism_scientific    'Mus musculus' 
_pdbx_entity_src_syn.organism_common_name   'House Mouse' 
_pdbx_entity_src_syn.ncbi_taxonomy_id       10090 
_pdbx_entity_src_syn.details                ? 
# 
loop_
_chem_comp.id 
_chem_comp.type 
_chem_comp.mon_nstd_flag 
_chem_comp.name 
_chem_comp.pdbx_synonyms 
_chem_comp.formula 
_chem_comp.formula_weight 
ALA 'L-peptide linking' y ALANINE         ? 'C3 H7 N O2'     89.093  
ARG 'L-peptide linking' y ARGININE        ? 'C6 H15 N4 O2 1' 175.209 
ASN 'L-peptide linking' y ASPARAGINE      ? 'C4 H8 N2 O3'    132.118 
ASP 'L-peptide linking' y 'ASPARTIC ACID' ? 'C4 H7 N O4'     133.103 
CL  non-polymer         . 'CHLORIDE ION'  ? 'Cl -1'          35.453  
CYS 'L-peptide linking' y CYSTEINE        ? 'C3 H7 N O2 S'   121.158 
GLN 'L-peptide linking' y GLUTAMINE       ? 'C5 H10 N2 O3'   146.144 
GLU 'L-peptide linking' y 'GLUTAMIC ACID' ? 'C5 H9 N O4'     147.129 
GLY 'peptide linking'   y GLYCINE         ? 'C2 H5 N O2'     75.067  
HIS 'L-peptide linking' y HISTIDINE       ? 'C6 H10 N3 O2 1' 156.162 
HOH non-polymer         . WATER           ? 'H2 O'           18.015  
ILE 'L-peptide linking' y ISOLEUCINE      ? 'C6 H13 N O2'    131.173 
LEU 'L-peptide linking' y LEUCINE         ? 'C6 H13 N O2'    131.173 
LYS 'L-peptide linking' y LYSINE          ? 'C6 H15 N2 O2 1' 147.195 
MET 'L-peptide linking' y METHIONINE      ? 'C5 H11 N O2 S'  149.211 
PHE 'L-peptide linking' y PHENYLALANINE   ? 'C9 H11 N O2'    165.189 
PRO 'L-peptide linking' y PROLINE         ? 'C5 H9 N O2'     115.130 
SER 'L-peptide linking' y SERINE          ? 'C3 H7 N O3'     105.093 
THR 'L-peptide linking' y THREONINE       ? 'C4 H9 N O3'     119.119 
TRP 'L-peptide linking' y TRYPTOPHAN      ? 'C11 H12 N2 O2'  204.225 
TYR 'L-peptide linking' y TYROSINE        ? 'C9 H11 N O3'    181.189 
VAL 'L-peptide linking' y VALINE          ? 'C5 H11 N O2'    117.146 
# 
loop_
_pdbx_poly_seq_scheme.asym_id 
_pdbx_poly_seq_scheme.entity_id 
_pdbx_poly_seq_scheme.seq_id 
_pdbx_poly_seq_scheme.mon_id 
_pdbx_poly_seq_scheme.ndb_seq_num 
_pdbx_poly_seq_scheme.pdb_seq_num 
_pdbx_poly_seq_scheme.auth_seq_num 
_pdbx_poly_seq_scheme.pdb_mon_id 
_pdbx_poly_seq_scheme.auth_mon_id 
_pdbx_poly_seq_scheme.pdb_strand_id 
_pdbx_poly_seq_scheme.pdb_ins_code 
_pdbx_poly_seq_scheme.hetero 
A 1 1  SER 1  0   ?   ?   ?   A . n 
A 1 2  MET 2  1   ?   ?   ?   A . n 
A 1 3  CYS 3  2   2   CYS CYS A . n 
A 1 4  ASP 4  3   3   ASP ASP A . n 
A 1 5  ARG 5  4   4   ARG ARG A . n 
A 1 6  LYS 6  5   5   LYS LYS A . n 
A 1 7  ALA 7  6   6   ALA ALA A . n 
A 1 8  VAL 8  7   7   VAL VAL A . n 
A 1 9  ILE 9  8   8   ILE ILE A . n 
A 1 10 LYS 10 9   9   LYS LYS A . n 
A 1 11 ASN 11 10  10  ASN ASN A . n 
A 1 12 ALA 12 11  11  ALA ALA A . n 
A 1 13 ASP 13 12  12  ASP ASP A . n 
A 1 14 MET 14 13  13  MET MET A . n 
A 1 15 SER 15 14  14  SER SER A . n 
A 1 16 GLU 16 15  15  GLU GLU A . n 
A 1 17 GLU 17 16  16  GLU GLU A . n 
A 1 18 MET 18 17  17  MET MET A . n 
A 1 19 GLN 19 18  18  GLN GLN A . n 
A 1 20 GLN 20 19  19  GLN GLN A . n 
A 1 21 ASP 21 20  20  ASP ASP A . n 
A 1 22 SER 22 21  21  SER SER A . n 
A 1 23 VAL 23 22  22  VAL VAL A . n 
A 1 24 GLU 24 23  23  GLU GLU A . n 
A 1 25 CYS 25 24  24  CYS CYS A . n 
A 1 26 ALA 26 25  25  ALA ALA A . n 
A 1 27 THR 27 26  26  THR THR A . n 
A 1 28 GLN 28 27  27  GLN GLN A . n 
A 1 29 ALA 29 28  28  ALA ALA A . n 
A 1 30 LEU 30 29  29  LEU LEU A . n 
A 1 31 GLU 31 30  30  GLU GLU A . n 
A 1 32 LYS 32 31  31  LYS LYS A . n 
A 1 33 TYR 33 32  32  TYR TYR A . n 
A 1 34 ASN 34 33  33  ASN ASN A . n 
A 1 35 ILE 35 34  34  ILE ILE A . n 
A 1 36 GLU 36 35  35  GLU GLU A . n 
A 1 37 LYS 37 36  36  LYS LYS A . n 
A 1 38 ASP 38 37  37  ASP ASP A . n 
A 1 39 ILE 39 38  38  ILE ILE A . n 
A 1 40 ALA 40 39  39  ALA ALA A . n 
A 1 41 ALA 41 40  40  ALA ALA A . n 
A 1 42 HIS 42 41  41  HIS HIS A . n 
A 1 43 ILE 43 42  42  ILE ILE A . n 
A 1 44 LYS 44 43  43  LYS LYS A . n 
A 1 45 LYS 45 44  44  LYS LYS A . n 
A 1 46 GLU 46 45  45  GLU GLU A . n 
A 1 47 PHE 47 46  46  PHE PHE A . n 
A 1 48 ASP 48 47  47  ASP ASP A . n 
A 1 49 LYS 49 48  48  LYS LYS A . n 
A 1 50 LYS 50 49  49  LYS LYS A . n 
A 1 51 TYR 51 50  50  TYR TYR A . n 
A 1 52 ASN 52 51  51  ASN ASN A . n 
A 1 53 PRO 53 52  52  PRO PRO A . n 
A 1 54 THR 54 53  53  THR THR A . n 
A 1 55 TRP 55 54  54  TRP TRP A . n 
A 1 56 HIS 56 55  55  HIS HIS A . n 
A 1 57 CYS 57 56  56  CYS CYS A . n 
A 1 58 ILE 58 57  57  ILE ILE A . n 
A 1 59 VAL 59 58  58  VAL VAL A . n 
A 1 60 GLY 60 59  59  GLY GLY A . n 
A 1 61 ARG 61 60  60  ARG ARG A . n 
A 1 62 ASN 62 61  61  ASN ASN A . n 
A 1 63 PHE 63 62  62  PHE PHE A . n 
A 1 64 GLY 64 63  63  GLY GLY A . n 
A 1 65 SER 65 64  64  SER SER A . n 
A 1 66 TYR 66 65  65  TYR TYR A . n 
A 1 67 VAL 67 66  66  VAL VAL A . n 
A 1 68 THR 68 67  67  THR THR A . n 
A 1 69 HIS 69 68  68  HIS HIS A . n 
A 1 70 GLU 70 69  69  GLU GLU A . n 
A 1 71 THR 71 70  70  THR THR A . n 
A 1 72 LYS 72 71  71  LYS LYS A . n 
A 1 73 HIS 73 72  72  HIS HIS A . n 
A 1 74 PHE 74 73  73  PHE PHE A . n 
A 1 75 ILE 75 74  74  ILE ILE A . n 
A 1 76 TYR 76 75  75  TYR TYR A . n 
A 1 77 PHE 77 76  76  PHE PHE A . n 
A 1 78 TYR 78 77  77  TYR TYR A . n 
A 1 79 LEU 79 78  78  LEU LEU A . n 
A 1 80 GLY 80 79  79  GLY GLY A . n 
A 1 81 GLN 81 80  80  GLN GLN A . n 
A 1 82 VAL 82 81  81  VAL VAL A . n 
A 1 83 ALA 83 82  82  ALA ALA A . n 
A 1 84 ILE 84 83  83  ILE ILE A . n 
A 1 85 LEU 85 84  84  LEU LEU A . n 
A 1 86 LEU 86 85  85  LEU LEU A . n 
A 1 87 PHE 87 86  86  PHE PHE A . n 
A 1 88 LYS 88 87  87  LYS LYS A . n 
A 1 89 SER 89 88  88  SER SER A . n 
A 1 90 GLY 90 89  89  GLY GLY A . n 
B 2 1  SER 1  573 ?   ?   ?   B . n 
B 2 2  GLU 2  574 ?   ?   ?   B . n 
B 2 3  LYS 3  575 ?   ?   ?   B . n 
B 2 4  ARG 4  576 ?   ?   ?   B . n 
B 2 5  LEU 5  577 ?   ?   ?   B . n 
B 2 6  GLY 6  578 ?   ?   ?   B . n 
B 2 7  SER 7  579 ?   ?   ?   B . n 
B 2 8  GLU 8  580 ?   ?   ?   B . n 
B 2 9  ARG 9  581 ?   ?   ?   B . n 
B 2 10 ARG 10 582 ?   ?   ?   B . n 
B 2 11 LEU 11 583 ?   ?   ?   B . n 
B 2 12 LEU 12 584 ?   ?   ?   B . n 
B 2 13 GLY 13 585 ?   ?   ?   B . n 
B 2 14 LEU 14 586 ?   ?   ?   B . n 
B 2 15 ARG 15 587 ?   ?   ?   B . n 
B 2 16 GLY 16 588 ?   ?   ?   B . n 
B 2 17 GLU 17 589 ?   ?   ?   B . n 
B 2 18 SER 18 590 ?   ?   ?   B . n 
B 2 19 PRO 19 591 ?   ?   ?   B . n 
B 2 20 GLU 20 592 ?   ?   ?   B . n 
B 2 21 LEU 21 593 ?   ?   ?   B . n 
B 2 22 ASP 22 594 ?   ?   ?   B . n 
B 2 23 LEU 23 595 ?   ?   ?   B . n 
B 2 24 SER 24 596 ?   ?   ?   B . n 
B 2 25 TYR 25 597 ?   ?   ?   B . n 
B 2 26 SER 26 598 ?   ?   ?   B . n 
B 2 27 HIS 27 599 ?   ?   ?   B . n 
B 2 28 SER 28 600 ?   ?   ?   B . n 
B 2 29 ASP 29 601 ?   ?   ?   B . n 
B 2 30 LEU 30 602 ?   ?   ?   B . n 
B 2 31 GLY 31 603 ?   ?   ?   B . n 
B 2 32 LYS 32 604 ?   ?   ?   B . n 
B 2 33 ARG 33 605 ?   ?   ?   B . n 
B 2 34 PRO 34 606 606 PRO PRO B . n 
B 2 35 THR 35 607 607 THR THR B . n 
B 2 36 LYS 36 608 608 LYS LYS B . n 
B 2 37 ASP 37 609 609 ASP ASP B . n 
B 2 38 SER 38 610 610 SER SER B . n 
B 2 39 TYR 39 611 611 TYR TYR B . n 
B 2 40 THR 40 612 612 THR THR B . n 
B 2 41 LEU 41 613 613 LEU LEU B . n 
B 2 42 THR 42 614 614 THR THR B . n 
B 2 43 GLU 43 615 615 GLU GLU B . n 
B 2 44 GLU 44 616 ?   ?   ?   B . n 
B 2 45 LEU 45 617 ?   ?   ?   B . n 
B 2 46 ALA 46 618 ?   ?   ?   B . n 
B 2 47 GLU 47 619 ?   ?   ?   B . n 
B 2 48 TYR 48 620 ?   ?   ?   B . n 
B 2 49 ALA 49 621 ?   ?   ?   B . n 
B 2 50 GLU 50 622 ?   ?   ?   B . n 
B 2 51 ILE 51 623 ?   ?   ?   B . n 
B 2 52 ARG 52 624 ?   ?   ?   B . n 
B 2 53 VAL 53 625 ?   ?   ?   B . n 
B 2 54 LYS 54 626 ?   ?   ?   B . n 
# 
loop_
_pdbx_nonpoly_scheme.asym_id 
_pdbx_nonpoly_scheme.entity_id 
_pdbx_nonpoly_scheme.mon_id 
_pdbx_nonpoly_scheme.ndb_seq_num 
_pdbx_nonpoly_scheme.pdb_seq_num 
_pdbx_nonpoly_scheme.auth_seq_num 
_pdbx_nonpoly_scheme.pdb_mon_id 
_pdbx_nonpoly_scheme.auth_mon_id 
_pdbx_nonpoly_scheme.pdb_strand_id 
_pdbx_nonpoly_scheme.pdb_ins_code 
C 3 CL  1  101 1  CL  CL  A . 
D 4 HOH 1  201 19 HOH HOH A . 
D 4 HOH 2  202 1  HOH HOH A . 
D 4 HOH 3  203 3  HOH HOH A . 
D 4 HOH 4  204 6  HOH HOH A . 
D 4 HOH 5  205 4  HOH HOH A . 
D 4 HOH 6  206 14 HOH HOH A . 
D 4 HOH 7  207 9  HOH HOH A . 
D 4 HOH 8  208 13 HOH HOH A . 
D 4 HOH 9  209 15 HOH HOH A . 
D 4 HOH 10 210 2  HOH HOH A . 
D 4 HOH 11 211 16 HOH HOH A . 
D 4 HOH 12 212 7  HOH HOH A . 
E 4 HOH 1  701 12 HOH HOH B . 
E 4 HOH 2  702 8  HOH HOH B . 
E 4 HOH 3  703 18 HOH HOH B . 
# 
loop_
_software.citation_id 
_software.classification 
_software.compiler_name 
_software.compiler_version 
_software.contact_author 
_software.contact_author_email 
_software.date 
_software.description 
_software.dependencies 
_software.hardware 
_software.language 
_software.location 
_software.mods 
_software.name 
_software.os 
_software.os_version 
_software.type 
_software.version 
_software.pdbx_ordinal 
? refinement       ? ? ? ? ? ? ? ? ? ? ? PHENIX ? ? ? '(1.10_2152: ???)' 1 
? 'data reduction' ? ? ? ? ? ? ? ? ? ? ? XDS    ? ? ? .                  2 
? 'data scaling'   ? ? ? ? ? ? ? ? ? ? ? XSCALE ? ? ? .                  3 
? phasing          ? ? ? ? ? ? ? ? ? ? ? PHASER ? ? ? .                  4 
# 
_cell.angle_alpha                  90.00 
_cell.angle_alpha_esd              ? 
_cell.angle_beta                   90.00 
_cell.angle_beta_esd               ? 
_cell.angle_gamma                  120.00 
_cell.angle_gamma_esd              ? 
_cell.entry_id                     6GZJ 
_cell.details                      ? 
_cell.formula_units_Z              ? 
_cell.length_a                     44.050 
_cell.length_a_esd                 ? 
_cell.length_b                     44.050 
_cell.length_b_esd                 ? 
_cell.length_c                     204.460 
_cell.length_c_esd                 ? 
_cell.volume                       ? 
_cell.volume_esd                   ? 
_cell.Z_PDB                        12 
_cell.reciprocal_angle_alpha       ? 
_cell.reciprocal_angle_beta        ? 
_cell.reciprocal_angle_gamma       ? 
_cell.reciprocal_angle_alpha_esd   ? 
_cell.reciprocal_angle_beta_esd    ? 
_cell.reciprocal_angle_gamma_esd   ? 
_cell.reciprocal_length_a          ? 
_cell.reciprocal_length_b          ? 
_cell.reciprocal_length_c          ? 
_cell.reciprocal_length_a_esd      ? 
_cell.reciprocal_length_b_esd      ? 
_cell.reciprocal_length_c_esd      ? 
_cell.pdbx_unique_axis             ? 
# 
_symmetry.entry_id                         6GZJ 
_symmetry.cell_setting                     ? 
_symmetry.Int_Tables_number                178 
_symmetry.space_group_name_Hall            ? 
_symmetry.space_group_name_H-M             'P 61 2 2' 
_symmetry.pdbx_full_space_group_name_H-M   ? 
# 
_exptl.absorpt_coefficient_mu     ? 
_exptl.absorpt_correction_T_max   ? 
_exptl.absorpt_correction_T_min   ? 
_exptl.absorpt_correction_type    ? 
_exptl.absorpt_process_details    ? 
_exptl.entry_id                   6GZJ 
_exptl.crystals_number            1 
_exptl.details                    ? 
_exptl.method                     'X-RAY DIFFRACTION' 
_exptl.method_details             ? 
# 
_exptl_crystal.colour                      ? 
_exptl_crystal.density_diffrn              ? 
_exptl_crystal.density_Matthews            1.72 
_exptl_crystal.density_method              ? 
_exptl_crystal.density_percent_sol         28.43 
_exptl_crystal.description                 ? 
_exptl_crystal.F_000                       ? 
_exptl_crystal.id                          1 
_exptl_crystal.preparation                 ? 
_exptl_crystal.size_max                    ? 
_exptl_crystal.size_mid                    ? 
_exptl_crystal.size_min                    ? 
_exptl_crystal.size_rad                    ? 
_exptl_crystal.colour_lustre               ? 
_exptl_crystal.colour_modifier             ? 
_exptl_crystal.colour_primary              ? 
_exptl_crystal.density_meas                ? 
_exptl_crystal.density_meas_esd            ? 
_exptl_crystal.density_meas_gt             ? 
_exptl_crystal.density_meas_lt             ? 
_exptl_crystal.density_meas_temp           ? 
_exptl_crystal.density_meas_temp_esd       ? 
_exptl_crystal.density_meas_temp_gt        ? 
_exptl_crystal.density_meas_temp_lt        ? 
_exptl_crystal.pdbx_crystal_image_url      ? 
_exptl_crystal.pdbx_crystal_image_format   ? 
_exptl_crystal.pdbx_mosaicity              ? 
_exptl_crystal.pdbx_mosaicity_esd          ? 
# 
_exptl_crystal_grow.apparatus       ? 
_exptl_crystal_grow.atmosphere      ? 
_exptl_crystal_grow.crystal_id      1 
_exptl_crystal_grow.details         ? 
_exptl_crystal_grow.method          'VAPOR DIFFUSION, SITTING DROP' 
_exptl_crystal_grow.method_ref      ? 
_exptl_crystal_grow.pH              5.5 
_exptl_crystal_grow.pressure        ? 
_exptl_crystal_grow.pressure_esd    ? 
_exptl_crystal_grow.seeding         ? 
_exptl_crystal_grow.seeding_ref     ? 
_exptl_crystal_grow.temp            293 
_exptl_crystal_grow.temp_details    ? 
_exptl_crystal_grow.temp_esd        ? 
_exptl_crystal_grow.time            ? 
_exptl_crystal_grow.pdbx_details    '0.1 M Bis-Tris pH 6.5, 0.2 M lithium sulfate, and 25% (w/v) PEG 3350' 
_exptl_crystal_grow.pdbx_pH_range   ? 
# 
_diffrn.ambient_environment    ? 
_diffrn.ambient_temp           100 
_diffrn.ambient_temp_details   ? 
_diffrn.ambient_temp_esd       ? 
_diffrn.crystal_id             1 
_diffrn.crystal_support        ? 
_diffrn.crystal_treatment      ? 
_diffrn.details                ? 
_diffrn.id                     1 
_diffrn.ambient_pressure       ? 
_diffrn.ambient_pressure_esd   ? 
_diffrn.ambient_pressure_gt    ? 
_diffrn.ambient_pressure_lt    ? 
_diffrn.ambient_temp_gt        ? 
_diffrn.ambient_temp_lt        ? 
# 
_diffrn_detector.details                      ? 
_diffrn_detector.detector                     PIXEL 
_diffrn_detector.diffrn_id                    1 
_diffrn_detector.type                         'DECTRIS PILATUS 6M-F' 
_diffrn_detector.area_resol_mean              ? 
_diffrn_detector.dtime                        ? 
_diffrn_detector.pdbx_frames_total            ? 
_diffrn_detector.pdbx_collection_time_total   ? 
_diffrn_detector.pdbx_collection_date         2014-12-11 
# 
_diffrn_radiation.collimation                      ? 
_diffrn_radiation.diffrn_id                        1 
_diffrn_radiation.filter_edge                      ? 
_diffrn_radiation.inhomogeneity                    ? 
_diffrn_radiation.monochromator                    ? 
_diffrn_radiation.polarisn_norm                    ? 
_diffrn_radiation.polarisn_ratio                   ? 
_diffrn_radiation.probe                            ? 
_diffrn_radiation.type                             ? 
_diffrn_radiation.xray_symbol                      ? 
_diffrn_radiation.wavelength_id                    1 
_diffrn_radiation.pdbx_monochromatic_or_laue_m_l   M 
_diffrn_radiation.pdbx_wavelength_list             ? 
_diffrn_radiation.pdbx_wavelength                  ? 
_diffrn_radiation.pdbx_diffrn_protocol             'SINGLE WAVELENGTH' 
_diffrn_radiation.pdbx_analyzer                    ? 
_diffrn_radiation.pdbx_scattering_type             x-ray 
# 
_diffrn_radiation_wavelength.id           1 
_diffrn_radiation_wavelength.wavelength   1.07175 
_diffrn_radiation_wavelength.wt           1.0 
# 
_diffrn_source.current                     ? 
_diffrn_source.details                     ? 
_diffrn_source.diffrn_id                   1 
_diffrn_source.power                       ? 
_diffrn_source.size                        ? 
_diffrn_source.source                      SYNCHROTRON 
_diffrn_source.target                      ? 
_diffrn_source.type                        'ESRF BEAMLINE ID29' 
_diffrn_source.voltage                     ? 
_diffrn_source.take-off_angle              ? 
_diffrn_source.pdbx_wavelength_list        1.07175 
_diffrn_source.pdbx_wavelength             ? 
_diffrn_source.pdbx_synchrotron_beamline   ID29 
_diffrn_source.pdbx_synchrotron_site       ESRF 
# 
_reflns.B_iso_Wilson_estimate            44.2 
_reflns.entry_id                         6GZJ 
_reflns.data_reduction_details           ? 
_reflns.data_reduction_method            ? 
_reflns.d_resolution_high                1.977 
_reflns.d_resolution_low                 50 
_reflns.details                          ? 
_reflns.limit_h_max                      ? 
_reflns.limit_h_min                      ? 
_reflns.limit_k_max                      ? 
_reflns.limit_k_min                      ? 
_reflns.limit_l_max                      ? 
_reflns.limit_l_min                      ? 
_reflns.number_all                       ? 
_reflns.number_obs                       7535 
_reflns.observed_criterion               ? 
_reflns.observed_criterion_F_max         ? 
_reflns.observed_criterion_F_min         ? 
_reflns.observed_criterion_I_max         ? 
_reflns.observed_criterion_I_min         ? 
_reflns.observed_criterion_sigma_F       ? 
_reflns.observed_criterion_sigma_I       ? 
_reflns.percent_possible_obs             82.8 
_reflns.R_free_details                   ? 
_reflns.Rmerge_F_all                     ? 
_reflns.Rmerge_F_obs                     ? 
_reflns.Friedel_coverage                 ? 
_reflns.number_gt                        ? 
_reflns.threshold_expression             ? 
_reflns.pdbx_redundancy                  17.6 
_reflns.pdbx_Rmerge_I_obs                0.107 
_reflns.pdbx_Rmerge_I_all                ? 
_reflns.pdbx_Rsym_value                  ? 
_reflns.pdbx_netI_over_av_sigmaI         ? 
_reflns.pdbx_netI_over_sigmaI            17.0 
_reflns.pdbx_res_netI_over_av_sigmaI_2   ? 
_reflns.pdbx_res_netI_over_sigmaI_2      ? 
_reflns.pdbx_chi_squared                 ? 
_reflns.pdbx_scaling_rejects             ? 
_reflns.pdbx_d_res_high_opt              ? 
_reflns.pdbx_d_res_low_opt               ? 
_reflns.pdbx_d_res_opt_method            ? 
_reflns.phase_calculation_details        ? 
_reflns.pdbx_Rrim_I_all                  0.110 
_reflns.pdbx_Rpim_I_all                  ? 
_reflns.pdbx_d_opt                       ? 
_reflns.pdbx_number_measured_all         ? 
_reflns.pdbx_diffrn_id                   1 
_reflns.pdbx_ordinal                     1 
_reflns.pdbx_CC_half                     0.999 
_reflns.pdbx_R_split                     ? 
# 
_reflns_shell.d_res_high                  1.977 
_reflns_shell.d_res_low                   2.03 
_reflns_shell.meanI_over_sigI_all         ? 
_reflns_shell.meanI_over_sigI_obs         3.9 
_reflns_shell.number_measured_all         ? 
_reflns_shell.number_measured_obs         ? 
_reflns_shell.number_possible             ? 
_reflns_shell.number_unique_all           ? 
_reflns_shell.number_unique_obs           62 
_reflns_shell.percent_possible_all        9.7 
_reflns_shell.percent_possible_obs        ? 
_reflns_shell.Rmerge_F_all                ? 
_reflns_shell.Rmerge_F_obs                ? 
_reflns_shell.Rmerge_I_all                ? 
_reflns_shell.Rmerge_I_obs                0.813 
_reflns_shell.meanI_over_sigI_gt          ? 
_reflns_shell.meanI_over_uI_all           ? 
_reflns_shell.meanI_over_uI_gt            ? 
_reflns_shell.number_measured_gt          ? 
_reflns_shell.number_unique_gt            ? 
_reflns_shell.percent_possible_gt         ? 
_reflns_shell.Rmerge_F_gt                 ? 
_reflns_shell.Rmerge_I_gt                 ? 
_reflns_shell.pdbx_redundancy             10.9 
_reflns_shell.pdbx_Rsym_value             ? 
_reflns_shell.pdbx_chi_squared            ? 
_reflns_shell.pdbx_netI_over_sigmaI_all   ? 
_reflns_shell.pdbx_netI_over_sigmaI_obs   ? 
_reflns_shell.pdbx_Rrim_I_all             0.854 
_reflns_shell.pdbx_Rpim_I_all             ? 
_reflns_shell.pdbx_rejects                ? 
_reflns_shell.pdbx_ordinal                1 
_reflns_shell.pdbx_diffrn_id              1 
_reflns_shell.pdbx_CC_half                0.902 
_reflns_shell.pdbx_R_split                ? 
# 
_refine.aniso_B[1][1]                            ? 
_refine.aniso_B[1][2]                            ? 
_refine.aniso_B[1][3]                            ? 
_refine.aniso_B[2][2]                            ? 
_refine.aniso_B[2][3]                            ? 
_refine.aniso_B[3][3]                            ? 
_refine.B_iso_max                                ? 
_refine.B_iso_mean                               ? 
_refine.B_iso_min                                ? 
_refine.correlation_coeff_Fo_to_Fc               ? 
_refine.correlation_coeff_Fo_to_Fc_free          ? 
_refine.details                                  
;Refinement was carried out with a set of data that has been anisotropically truncated, due to the strong anisotropy of the crystals. Hydrogen atoms were added to their riding positions.
;
_refine.diff_density_max                         ? 
_refine.diff_density_max_esd                     ? 
_refine.diff_density_min                         ? 
_refine.diff_density_min_esd                     ? 
_refine.diff_density_rms                         ? 
_refine.diff_density_rms_esd                     ? 
_refine.entry_id                                 6GZJ 
_refine.pdbx_refine_id                           'X-RAY DIFFRACTION' 
_refine.ls_abs_structure_details                 ? 
_refine.ls_abs_structure_Flack                   ? 
_refine.ls_abs_structure_Flack_esd               ? 
_refine.ls_abs_structure_Rogers                  ? 
_refine.ls_abs_structure_Rogers_esd              ? 
_refine.ls_d_res_high                            1.977 
_refine.ls_d_res_low                             38.148 
_refine.ls_extinction_coef                       ? 
_refine.ls_extinction_coef_esd                   ? 
_refine.ls_extinction_expression                 ? 
_refine.ls_extinction_method                     ? 
_refine.ls_goodness_of_fit_all                   ? 
_refine.ls_goodness_of_fit_all_esd               ? 
_refine.ls_goodness_of_fit_obs                   ? 
_refine.ls_goodness_of_fit_obs_esd               ? 
_refine.ls_hydrogen_treatment                    ? 
_refine.ls_matrix_type                           ? 
_refine.ls_number_constraints                    ? 
_refine.ls_number_parameters                     ? 
_refine.ls_number_reflns_all                     ? 
_refine.ls_number_reflns_obs                     7511 
_refine.ls_number_reflns_R_free                  346 
_refine.ls_number_reflns_R_work                  ? 
_refine.ls_number_restraints                     ? 
_refine.ls_percent_reflns_obs                    83.34 
_refine.ls_percent_reflns_R_free                 4.61 
_refine.ls_R_factor_all                          ? 
_refine.ls_R_factor_obs                          0.1931 
_refine.ls_R_factor_R_free                       0.2289 
_refine.ls_R_factor_R_free_error                 ? 
_refine.ls_R_factor_R_free_error_details         ? 
_refine.ls_R_factor_R_work                       0.1915 
_refine.ls_R_Fsqd_factor_obs                     ? 
_refine.ls_R_I_factor_obs                        ? 
_refine.ls_redundancy_reflns_all                 ? 
_refine.ls_redundancy_reflns_obs                 ? 
_refine.ls_restrained_S_all                      ? 
_refine.ls_restrained_S_obs                      ? 
_refine.ls_shift_over_esd_max                    ? 
_refine.ls_shift_over_esd_mean                   ? 
_refine.ls_structure_factor_coef                 ? 
_refine.ls_weighting_details                     ? 
_refine.ls_weighting_scheme                      ? 
_refine.ls_wR_factor_all                         ? 
_refine.ls_wR_factor_obs                         ? 
_refine.ls_wR_factor_R_free                      ? 
_refine.ls_wR_factor_R_work                      ? 
_refine.occupancy_max                            ? 
_refine.occupancy_min                            ? 
_refine.solvent_model_details                    ? 
_refine.solvent_model_param_bsol                 ? 
_refine.solvent_model_param_ksol                 ? 
_refine.ls_R_factor_gt                           ? 
_refine.ls_goodness_of_fit_gt                    ? 
_refine.ls_goodness_of_fit_ref                   ? 
_refine.ls_shift_over_su_max                     ? 
_refine.ls_shift_over_su_max_lt                  ? 
_refine.ls_shift_over_su_mean                    ? 
_refine.ls_shift_over_su_mean_lt                 ? 
_refine.pdbx_ls_sigma_I                          ? 
_refine.pdbx_ls_sigma_F                          1.37 
_refine.pdbx_ls_sigma_Fsqd                       ? 
_refine.pdbx_data_cutoff_high_absF               ? 
_refine.pdbx_data_cutoff_high_rms_absF           ? 
_refine.pdbx_data_cutoff_low_absF                ? 
_refine.pdbx_isotropic_thermal_model             ? 
_refine.pdbx_ls_cross_valid_method               'FREE R-VALUE' 
_refine.pdbx_method_to_determine_struct          'MOLECULAR REPLACEMENT' 
_refine.pdbx_starting_model                      3ZKE 
_refine.pdbx_stereochemistry_target_values       ? 
_refine.pdbx_R_Free_selection_details            ? 
_refine.pdbx_stereochem_target_val_spec_case     ? 
_refine.pdbx_overall_ESU_R                       ? 
_refine.pdbx_overall_ESU_R_Free                  ? 
_refine.pdbx_solvent_vdw_probe_radii             1.11 
_refine.pdbx_solvent_ion_probe_radii             ? 
_refine.pdbx_solvent_shrinkage_radii             0.90 
_refine.pdbx_real_space_R                        ? 
_refine.pdbx_density_correlation                 ? 
_refine.pdbx_pd_number_of_powder_patterns        ? 
_refine.pdbx_pd_number_of_points                 ? 
_refine.pdbx_pd_meas_number_of_points            ? 
_refine.pdbx_pd_proc_ls_prof_R_factor            ? 
_refine.pdbx_pd_proc_ls_prof_wR_factor           ? 
_refine.pdbx_pd_Marquardt_correlation_coeff      ? 
_refine.pdbx_pd_Fsqrd_R_factor                   ? 
_refine.pdbx_pd_ls_matrix_band_width             ? 
_refine.pdbx_overall_phase_error                 23.19 
_refine.pdbx_overall_SU_R_free_Cruickshank_DPI   ? 
_refine.pdbx_overall_SU_R_free_Blow_DPI          ? 
_refine.pdbx_overall_SU_R_Blow_DPI               ? 
_refine.pdbx_TLS_residual_ADP_flag               ? 
_refine.pdbx_diffrn_id                           1 
_refine.overall_SU_B                             ? 
_refine.overall_SU_ML                            0.20 
_refine.overall_SU_R_Cruickshank_DPI             ? 
_refine.overall_SU_R_free                        ? 
_refine.overall_FOM_free_R_set                   ? 
_refine.overall_FOM_work_R_set                   ? 
_refine.pdbx_average_fsc_overall                 ? 
_refine.pdbx_average_fsc_work                    ? 
_refine.pdbx_average_fsc_free                    ? 
# 
_refine_hist.pdbx_refine_id                   'X-RAY DIFFRACTION' 
_refine_hist.cycle_id                         LAST 
_refine_hist.pdbx_number_atoms_protein        800 
_refine_hist.pdbx_number_atoms_nucleic_acid   0 
_refine_hist.pdbx_number_atoms_ligand         1 
_refine_hist.number_atoms_solvent             15 
_refine_hist.number_atoms_total               816 
_refine_hist.d_res_high                       1.977 
_refine_hist.d_res_low                        38.148 
# 
loop_
_refine_ls_restr.pdbx_refine_id 
_refine_ls_restr.criterion 
_refine_ls_restr.dev_ideal 
_refine_ls_restr.dev_ideal_target 
_refine_ls_restr.number 
_refine_ls_restr.rejects 
_refine_ls_restr.type 
_refine_ls_restr.weight 
_refine_ls_restr.pdbx_restraint_function 
'X-RAY DIFFRACTION' ? 0.013  ? 817  ? f_bond_d           ? ? 
'X-RAY DIFFRACTION' ? 1.135  ? 1098 ? f_angle_d          ? ? 
'X-RAY DIFFRACTION' ? 15.206 ? 489  ? f_dihedral_angle_d ? ? 
'X-RAY DIFFRACTION' ? 0.069  ? 118  ? f_chiral_restr     ? ? 
'X-RAY DIFFRACTION' ? 0.006  ? 138  ? f_plane_restr      ? ? 
# 
_refine_ls_shell.pdbx_refine_id                   'X-RAY DIFFRACTION' 
_refine_ls_shell.d_res_high                       1.9774 
_refine_ls_shell.d_res_low                        2.4912 
_refine_ls_shell.number_reflns_all                ? 
_refine_ls_shell.number_reflns_obs                ? 
_refine_ls_shell.number_reflns_R_free             117 
_refine_ls_shell.number_reflns_R_work             2740 
_refine_ls_shell.percent_reflns_obs               66.00 
_refine_ls_shell.percent_reflns_R_free            ? 
_refine_ls_shell.R_factor_all                     ? 
_refine_ls_shell.R_factor_obs                     ? 
_refine_ls_shell.R_factor_R_free                  0.2746 
_refine_ls_shell.R_factor_R_free_error            ? 
_refine_ls_shell.R_factor_R_work                  0.2449 
_refine_ls_shell.redundancy_reflns_all            ? 
_refine_ls_shell.redundancy_reflns_obs            ? 
_refine_ls_shell.wR_factor_all                    ? 
_refine_ls_shell.wR_factor_obs                    ? 
_refine_ls_shell.wR_factor_R_free                 ? 
_refine_ls_shell.wR_factor_R_work                 ? 
_refine_ls_shell.pdbx_total_number_of_bins_used   ? 
_refine_ls_shell.pdbx_phase_error                 ? 
_refine_ls_shell.pdbx_fsc_work                    ? 
_refine_ls_shell.pdbx_fsc_free                    ? 
# 
_struct.entry_id                     6GZJ 
_struct.title                        
'Complex between the dynein light chain DYNLL1/DLC8 and the specific domain of large myelin-associated glycoprotein L-MAG' 
_struct.pdbx_model_details           ? 
_struct.pdbx_formula_weight          ? 
_struct.pdbx_formula_weight_method   ? 
_struct.pdbx_model_type_details      ? 
_struct.pdbx_CASP_flag               N 
# 
_struct_keywords.entry_id        6GZJ 
_struct_keywords.text            'complex, heterotetramer, cell adhesion, cytoplasmic domain, PROTEIN BINDING' 
_struct_keywords.pdbx_keywords   'PROTEIN BINDING' 
# 
loop_
_struct_asym.id 
_struct_asym.pdbx_blank_PDB_chainid_flag 
_struct_asym.pdbx_modified 
_struct_asym.entity_id 
_struct_asym.details 
A N N 1 ? 
B N N 2 ? 
C N N 3 ? 
D N N 4 ? 
E N N 4 ? 
# 
loop_
_struct_ref.id 
_struct_ref.db_name 
_struct_ref.db_code 
_struct_ref.pdbx_db_accession 
_struct_ref.pdbx_db_isoform 
_struct_ref.entity_id 
_struct_ref.pdbx_seq_one_letter_code 
_struct_ref.pdbx_align_begin 
1 UNP DYL1_HUMAN P63167 ? 1 
;MCDRKAVIKNADMSEEMQQDSVECATQALEKYNIEKDIAAHIKKEFDKKYNPTWHCIVGRNFGSYVTHETKHFIYFYLGQ
VAILLFKSG
;
1   
2 UNP MAG_MOUSE  P20917 ? 2 SEKRLGSERRLLGLRGESPELDLSYSHSDLGKRPTKDSYTLTEELAEYAEIRVK                                       573 
# 
loop_
_struct_ref_seq.align_id 
_struct_ref_seq.ref_id 
_struct_ref_seq.pdbx_PDB_id_code 
_struct_ref_seq.pdbx_strand_id 
_struct_ref_seq.seq_align_beg 
_struct_ref_seq.pdbx_seq_align_beg_ins_code 
_struct_ref_seq.seq_align_end 
_struct_ref_seq.pdbx_seq_align_end_ins_code 
_struct_ref_seq.pdbx_db_accession 
_struct_ref_seq.db_align_beg 
_struct_ref_seq.pdbx_db_align_beg_ins_code 
_struct_ref_seq.db_align_end 
_struct_ref_seq.pdbx_db_align_end_ins_code 
_struct_ref_seq.pdbx_auth_seq_align_beg 
_struct_ref_seq.pdbx_auth_seq_align_end 
1 1 6GZJ A 2 ? 90 ? P63167 1   ? 89  ? 1   89  
2 2 6GZJ B 1 ? 54 ? P20917 573 ? 626 ? 573 626 
# 
_struct_ref_seq_dif.align_id                     1 
_struct_ref_seq_dif.pdbx_pdb_id_code             6GZJ 
_struct_ref_seq_dif.mon_id                       SER 
_struct_ref_seq_dif.pdbx_pdb_strand_id           A 
_struct_ref_seq_dif.seq_num                      1 
_struct_ref_seq_dif.pdbx_pdb_ins_code            ? 
_struct_ref_seq_dif.pdbx_seq_db_name             UNP 
_struct_ref_seq_dif.pdbx_seq_db_accession_code   P63167 
_struct_ref_seq_dif.db_mon_id                    ? 
_struct_ref_seq_dif.pdbx_seq_db_seq_num          ? 
_struct_ref_seq_dif.details                      'expression tag' 
_struct_ref_seq_dif.pdbx_auth_seq_num            0 
_struct_ref_seq_dif.pdbx_ordinal                 1 
# 
_pdbx_struct_assembly.id                   1 
_pdbx_struct_assembly.details              author_and_software_defined_assembly 
_pdbx_struct_assembly.method_details       PISA 
_pdbx_struct_assembly.oligomeric_details   dimeric 
_pdbx_struct_assembly.oligomeric_count     2 
# 
loop_
_pdbx_struct_assembly_prop.biol_id 
_pdbx_struct_assembly_prop.type 
_pdbx_struct_assembly_prop.value 
_pdbx_struct_assembly_prop.details 
1 'ABSA (A^2)' 1400 ? 
1 MORE         -13  ? 
1 'SSA (A^2)'  5730 ? 
# 
_pdbx_struct_assembly_gen.assembly_id       1 
_pdbx_struct_assembly_gen.oper_expression   1 
_pdbx_struct_assembly_gen.asym_id_list      A,B,C,D,E 
# 
loop_
_pdbx_struct_assembly_auth_evidence.id 
_pdbx_struct_assembly_auth_evidence.assembly_id 
_pdbx_struct_assembly_auth_evidence.experimental_support 
_pdbx_struct_assembly_auth_evidence.details 
1 1 SAXS             ? 
2 1 'gel filtration' ? 
# 
_pdbx_struct_oper_list.id                   1 
_pdbx_struct_oper_list.type                 'identity operation' 
_pdbx_struct_oper_list.name                 1_555 
_pdbx_struct_oper_list.symmetry_operation   x,y,z 
_pdbx_struct_oper_list.matrix[1][1]         1.0000000000 
_pdbx_struct_oper_list.matrix[1][2]         0.0000000000 
_pdbx_struct_oper_list.matrix[1][3]         0.0000000000 
_pdbx_struct_oper_list.vector[1]            0.0000000000 
_pdbx_struct_oper_list.matrix[2][1]         0.0000000000 
_pdbx_struct_oper_list.matrix[2][2]         1.0000000000 
_pdbx_struct_oper_list.matrix[2][3]         0.0000000000 
_pdbx_struct_oper_list.vector[2]            0.0000000000 
_pdbx_struct_oper_list.matrix[3][1]         0.0000000000 
_pdbx_struct_oper_list.matrix[3][2]         0.0000000000 
_pdbx_struct_oper_list.matrix[3][3]         1.0000000000 
_pdbx_struct_oper_list.vector[3]            0.0000000000 
# 
loop_
_struct_conf.conf_type_id 
_struct_conf.id 
_struct_conf.pdbx_PDB_helix_id 
_struct_conf.beg_label_comp_id 
_struct_conf.beg_label_asym_id 
_struct_conf.beg_label_seq_id 
_struct_conf.pdbx_beg_PDB_ins_code 
_struct_conf.end_label_comp_id 
_struct_conf.end_label_asym_id 
_struct_conf.end_label_seq_id 
_struct_conf.pdbx_end_PDB_ins_code 
_struct_conf.beg_auth_comp_id 
_struct_conf.beg_auth_asym_id 
_struct_conf.beg_auth_seq_id 
_struct_conf.end_auth_comp_id 
_struct_conf.end_auth_asym_id 
_struct_conf.end_auth_seq_id 
_struct_conf.pdbx_PDB_helix_class 
_struct_conf.details 
_struct_conf.pdbx_PDB_helix_length 
HELX_P HELX_P1 AA1 SER A 15 ? TYR A 33 ? SER A 14 TYR A 32 1 ? 19 
HELX_P HELX_P2 AA2 ILE A 35 ? ASN A 52 ? ILE A 34 ASN A 51 1 ? 18 
# 
_struct_conf_type.id          HELX_P 
_struct_conf_type.criteria    ? 
_struct_conf_type.reference   ? 
# 
_struct_mon_prot_cis.pdbx_id                1 
_struct_mon_prot_cis.label_comp_id          PRO 
_struct_mon_prot_cis.label_seq_id           53 
_struct_mon_prot_cis.label_asym_id          A 
_struct_mon_prot_cis.label_alt_id           . 
_struct_mon_prot_cis.pdbx_PDB_ins_code      ? 
_struct_mon_prot_cis.auth_comp_id           PRO 
_struct_mon_prot_cis.auth_seq_id            52 
_struct_mon_prot_cis.auth_asym_id           A 
_struct_mon_prot_cis.pdbx_label_comp_id_2   THR 
_struct_mon_prot_cis.pdbx_label_seq_id_2    54 
_struct_mon_prot_cis.pdbx_label_asym_id_2   A 
_struct_mon_prot_cis.pdbx_PDB_ins_code_2    ? 
_struct_mon_prot_cis.pdbx_auth_comp_id_2    THR 
_struct_mon_prot_cis.pdbx_auth_seq_id_2     53 
_struct_mon_prot_cis.pdbx_auth_asym_id_2    A 
_struct_mon_prot_cis.pdbx_PDB_model_num     1 
_struct_mon_prot_cis.pdbx_omega_angle       -0.25 
# 
loop_
_struct_sheet.id 
_struct_sheet.type 
_struct_sheet.number_strands 
_struct_sheet.details 
AA1 ? 4 ? 
AA2 ? 2 ? 
# 
loop_
_struct_sheet_order.sheet_id 
_struct_sheet_order.range_id_1 
_struct_sheet_order.range_id_2 
_struct_sheet_order.offset 
_struct_sheet_order.sense 
AA1 1 2 ? anti-parallel 
AA1 2 3 ? anti-parallel 
AA1 3 4 ? anti-parallel 
AA2 1 2 ? anti-parallel 
# 
loop_
_struct_sheet_range.sheet_id 
_struct_sheet_range.id 
_struct_sheet_range.beg_label_comp_id 
_struct_sheet_range.beg_label_asym_id 
_struct_sheet_range.beg_label_seq_id 
_struct_sheet_range.pdbx_beg_PDB_ins_code 
_struct_sheet_range.end_label_comp_id 
_struct_sheet_range.end_label_asym_id 
_struct_sheet_range.end_label_seq_id 
_struct_sheet_range.pdbx_end_PDB_ins_code 
_struct_sheet_range.beg_auth_comp_id 
_struct_sheet_range.beg_auth_asym_id 
_struct_sheet_range.beg_auth_seq_id 
_struct_sheet_range.end_auth_comp_id 
_struct_sheet_range.end_auth_asym_id 
_struct_sheet_range.end_auth_seq_id 
AA1 1 ALA A 7  ? MET A 14 ? ALA A 6   MET A 13  
AA1 2 HIS A 73 ? LEU A 79 ? HIS A 72  LEU A 78  
AA1 3 VAL A 82 ? LYS A 88 ? VAL A 81  LYS A 87  
AA1 4 TRP A 55 ? GLY A 60 ? TRP A 54  GLY A 59  
AA2 1 GLY A 64 ? GLU A 70 ? GLY A 63  GLU A 69  
AA2 2 THR B 35 ? LEU B 41 ? THR B 607 LEU B 613 
# 
loop_
_pdbx_struct_sheet_hbond.sheet_id 
_pdbx_struct_sheet_hbond.range_id_1 
_pdbx_struct_sheet_hbond.range_id_2 
_pdbx_struct_sheet_hbond.range_1_label_atom_id 
_pdbx_struct_sheet_hbond.range_1_label_comp_id 
_pdbx_struct_sheet_hbond.range_1_label_asym_id 
_pdbx_struct_sheet_hbond.range_1_label_seq_id 
_pdbx_struct_sheet_hbond.range_1_PDB_ins_code 
_pdbx_struct_sheet_hbond.range_1_auth_atom_id 
_pdbx_struct_sheet_hbond.range_1_auth_comp_id 
_pdbx_struct_sheet_hbond.range_1_auth_asym_id 
_pdbx_struct_sheet_hbond.range_1_auth_seq_id 
_pdbx_struct_sheet_hbond.range_2_label_atom_id 
_pdbx_struct_sheet_hbond.range_2_label_comp_id 
_pdbx_struct_sheet_hbond.range_2_label_asym_id 
_pdbx_struct_sheet_hbond.range_2_label_seq_id 
_pdbx_struct_sheet_hbond.range_2_PDB_ins_code 
_pdbx_struct_sheet_hbond.range_2_auth_atom_id 
_pdbx_struct_sheet_hbond.range_2_auth_comp_id 
_pdbx_struct_sheet_hbond.range_2_auth_asym_id 
_pdbx_struct_sheet_hbond.range_2_auth_seq_id 
AA1 1 2 N ASP A 13 ? N ASP A 12 O PHE A 74 ? O PHE A 73  
AA1 2 3 N LEU A 79 ? N LEU A 78 O VAL A 82 ? O VAL A 81  
AA1 3 4 O LEU A 85 ? O LEU A 84 N ILE A 58 ? N ILE A 57  
AA2 1 2 N HIS A 69 ? N HIS A 68 O LYS B 36 ? O LYS B 608 
# 
_struct_site.id                   AC1 
_struct_site.pdbx_evidence_code   Software 
_struct_site.pdbx_auth_asym_id    A 
_struct_site.pdbx_auth_comp_id    CL 
_struct_site.pdbx_auth_seq_id     101 
_struct_site.pdbx_auth_ins_code   ? 
_struct_site.pdbx_num_residues    1 
_struct_site.details              'binding site for residue CL A 101' 
# 
_struct_site_gen.id                   1 
_struct_site_gen.site_id              AC1 
_struct_site_gen.pdbx_num_res         1 
_struct_site_gen.label_comp_id        GLU 
_struct_site_gen.label_asym_id        A 
_struct_site_gen.label_seq_id         36 
_struct_site_gen.pdbx_auth_ins_code   ? 
_struct_site_gen.auth_comp_id         GLU 
_struct_site_gen.auth_asym_id         A 
_struct_site_gen.auth_seq_id          35 
_struct_site_gen.label_atom_id        . 
_struct_site_gen.label_alt_id         ? 
_struct_site_gen.symmetry             1_555 
_struct_site_gen.details              ? 
# 
_pdbx_validate_torsion.id              1 
_pdbx_validate_torsion.PDB_model_num   1 
_pdbx_validate_torsion.auth_comp_id    ASN 
_pdbx_validate_torsion.auth_asym_id    A 
_pdbx_validate_torsion.auth_seq_id     51 
_pdbx_validate_torsion.PDB_ins_code    ? 
_pdbx_validate_torsion.label_alt_id    ? 
_pdbx_validate_torsion.phi             74.56 
_pdbx_validate_torsion.psi             144.37 
# 
loop_
_pdbx_refine_tls.pdbx_refine_id 
_pdbx_refine_tls.id 
_pdbx_refine_tls.details 
_pdbx_refine_tls.method 
_pdbx_refine_tls.origin_x 
_pdbx_refine_tls.origin_y 
_pdbx_refine_tls.origin_z 
_pdbx_refine_tls.T[1][1] 
_pdbx_refine_tls.T[2][2] 
_pdbx_refine_tls.T[3][3] 
_pdbx_refine_tls.T[1][2] 
_pdbx_refine_tls.T[1][3] 
_pdbx_refine_tls.T[2][3] 
_pdbx_refine_tls.L[1][1] 
_pdbx_refine_tls.L[2][2] 
_pdbx_refine_tls.L[3][3] 
_pdbx_refine_tls.L[1][2] 
_pdbx_refine_tls.L[1][3] 
_pdbx_refine_tls.L[2][3] 
_pdbx_refine_tls.S[1][1] 
_pdbx_refine_tls.S[1][2] 
_pdbx_refine_tls.S[1][3] 
_pdbx_refine_tls.S[2][1] 
_pdbx_refine_tls.S[2][2] 
_pdbx_refine_tls.S[2][3] 
_pdbx_refine_tls.S[3][1] 
_pdbx_refine_tls.S[3][2] 
_pdbx_refine_tls.S[3][3] 
'X-RAY DIFFRACTION' 1 ? refined -4.4015 3.0374  -6.1358 0.5559 0.8894 0.1972 -0.2281 -0.1222 0.1862  1.0020 1.4220 3.0705 0.0873  0.9329  -0.3279 0.0375  0.2974 0.1019  -0.1197 0.6530  0.1164  -0.0666 -0.0845 0.2197 
'X-RAY DIFFRACTION' 2 ? refined -6.2424 -5.8664 -2.0338 0.7619 0.5355 0.1255 -0.3400 0.0495  -0.0456 3.4618 0.1283 3.4124 -0.6083 -2.5585 0.2813  -0.1426 0.6241 -0.3032 -0.4618 0.3282  0.0395  0.7746  -0.7000 0.3130 
'X-RAY DIFFRACTION' 3 ? refined 1.3489  -5.4606 5.1448  0.5214 0.2121 0.3106 -0.1292 0.1389  -0.0136 2.8634 2.7982 0.6537 -0.3054 1.2886  -0.5670 -0.1549 0.0716 -0.8410 -0.3328 0.0256  -0.3701 0.9669  -0.2270 0.1716 
'X-RAY DIFFRACTION' 4 ? refined 2.7090  3.7443  -0.9216 0.4312 0.3087 0.1170 -0.1318 0.0567  0.0177  3.2325 3.2441 2.9695 0.3588  0.3849  -0.4998 -0.3436 0.9018 -0.1322 -0.9223 0.1995  -0.4086 0.5109  -0.3634 0.4611 
'X-RAY DIFFRACTION' 5 ? refined 6.5890  9.1490  -3.8264 0.5577 0.5061 0.4338 -0.0573 0.0887  0.1491  4.2605 9.6925 6.9092 1.0056  -2.9286 4.9337  -0.1160 1.6501 0.2374  -1.5496 -0.0218 -0.8389 -0.4138 -0.2985 0.0534 
# 
loop_
_pdbx_refine_tls_group.pdbx_refine_id 
_pdbx_refine_tls_group.id 
_pdbx_refine_tls_group.refine_tls_id 
_pdbx_refine_tls_group.beg_auth_asym_id 
_pdbx_refine_tls_group.beg_auth_seq_id 
_pdbx_refine_tls_group.beg_label_asym_id 
_pdbx_refine_tls_group.beg_label_seq_id 
_pdbx_refine_tls_group.end_auth_asym_id 
_pdbx_refine_tls_group.end_auth_seq_id 
_pdbx_refine_tls_group.end_label_asym_id 
_pdbx_refine_tls_group.end_label_seq_id 
_pdbx_refine_tls_group.selection 
_pdbx_refine_tls_group.selection_details 
'X-RAY DIFFRACTION' 1 1 ? ? ? ? ? ? ? ? ? 
;chain 'A' and (resid 4 through 14 )
;
'X-RAY DIFFRACTION' 2 2 ? ? ? ? ? ? ? ? ? 
;chain 'A' and (resid 15 through 31 )
;
'X-RAY DIFFRACTION' 3 3 ? ? ? ? ? ? ? ? ? 
;chain 'A' and (resid 32 through 59 )
;
'X-RAY DIFFRACTION' 4 4 ? ? ? ? ? ? ? ? ? 
;chain 'A' and (resid 60 through 89 )
;
'X-RAY DIFFRACTION' 5 5 ? ? ? ? ? ? ? ? ? 
;chain 'B' and (resid 606 through 615 )
;
# 
loop_
_pdbx_unobs_or_zero_occ_residues.id 
_pdbx_unobs_or_zero_occ_residues.PDB_model_num 
_pdbx_unobs_or_zero_occ_residues.polymer_flag 
_pdbx_unobs_or_zero_occ_residues.occupancy_flag 
_pdbx_unobs_or_zero_occ_residues.auth_asym_id 
_pdbx_unobs_or_zero_occ_residues.auth_comp_id 
_pdbx_unobs_or_zero_occ_residues.auth_seq_id 
_pdbx_unobs_or_zero_occ_residues.PDB_ins_code 
_pdbx_unobs_or_zero_occ_residues.label_asym_id 
_pdbx_unobs_or_zero_occ_residues.label_comp_id 
_pdbx_unobs_or_zero_occ_residues.label_seq_id 
1  1 Y 1 A SER 0   ? A SER 1  
2  1 Y 1 A MET 1   ? A MET 2  
3  1 Y 1 B SER 573 ? B SER 1  
4  1 Y 1 B GLU 574 ? B GLU 2  
5  1 Y 1 B LYS 575 ? B LYS 3  
6  1 Y 1 B ARG 576 ? B ARG 4  
7  1 Y 1 B LEU 577 ? B LEU 5  
8  1 Y 1 B GLY 578 ? B GLY 6  
9  1 Y 1 B SER 579 ? B SER 7  
10 1 Y 1 B GLU 580 ? B GLU 8  
11 1 Y 1 B ARG 581 ? B ARG 9  
12 1 Y 1 B ARG 582 ? B ARG 10 
13 1 Y 1 B LEU 583 ? B LEU 11 
14 1 Y 1 B LEU 584 ? B LEU 12 
15 1 Y 1 B GLY 585 ? B GLY 13 
16 1 Y 1 B LEU 586 ? B LEU 14 
17 1 Y 1 B ARG 587 ? B ARG 15 
18 1 Y 1 B GLY 588 ? B GLY 16 
19 1 Y 1 B GLU 589 ? B GLU 17 
20 1 Y 1 B SER 590 ? B SER 18 
21 1 Y 1 B PRO 591 ? B PRO 19 
22 1 Y 1 B GLU 592 ? B GLU 20 
23 1 Y 1 B LEU 593 ? B LEU 21 
24 1 Y 1 B ASP 594 ? B ASP 22 
25 1 Y 1 B LEU 595 ? B LEU 23 
26 1 Y 1 B SER 596 ? B SER 24 
27 1 Y 1 B TYR 597 ? B TYR 25 
28 1 Y 1 B SER 598 ? B SER 26 
29 1 Y 1 B HIS 599 ? B HIS 27 
30 1 Y 1 B SER 600 ? B SER 28 
31 1 Y 1 B ASP 601 ? B ASP 29 
32 1 Y 1 B LEU 602 ? B LEU 30 
33 1 Y 1 B GLY 603 ? B GLY 31 
34 1 Y 1 B LYS 604 ? B LYS 32 
35 1 Y 1 B ARG 605 ? B ARG 33 
36 1 Y 1 B GLU 616 ? B GLU 44 
37 1 Y 1 B LEU 617 ? B LEU 45 
38 1 Y 1 B ALA 618 ? B ALA 46 
39 1 Y 1 B GLU 619 ? B GLU 47 
40 1 Y 1 B TYR 620 ? B TYR 48 
41 1 Y 1 B ALA 621 ? B ALA 49 
42 1 Y 1 B GLU 622 ? B GLU 50 
43 1 Y 1 B ILE 623 ? B ILE 51 
44 1 Y 1 B ARG 624 ? B ARG 52 
45 1 Y 1 B VAL 625 ? B VAL 53 
46 1 Y 1 B LYS 626 ? B LYS 54 
# 
loop_
_chem_comp_atom.comp_id 
_chem_comp_atom.atom_id 
_chem_comp_atom.type_symbol 
_chem_comp_atom.pdbx_aromatic_flag 
_chem_comp_atom.pdbx_stereo_config 
_chem_comp_atom.pdbx_ordinal 
ALA N    N  N N 1   
ALA CA   C  N S 2   
ALA C    C  N N 3   
ALA O    O  N N 4   
ALA CB   C  N N 5   
ALA OXT  O  N N 6   
ALA H    H  N N 7   
ALA H2   H  N N 8   
ALA HA   H  N N 9   
ALA HB1  H  N N 10  
ALA HB2  H  N N 11  
ALA HB3  H  N N 12  
ALA HXT  H  N N 13  
ARG N    N  N N 14  
ARG CA   C  N S 15  
ARG C    C  N N 16  
ARG O    O  N N 17  
ARG CB   C  N N 18  
ARG CG   C  N N 19  
ARG CD   C  N N 20  
ARG NE   N  N N 21  
ARG CZ   C  N N 22  
ARG NH1  N  N N 23  
ARG NH2  N  N N 24  
ARG OXT  O  N N 25  
ARG H    H  N N 26  
ARG H2   H  N N 27  
ARG HA   H  N N 28  
ARG HB2  H  N N 29  
ARG HB3  H  N N 30  
ARG HG2  H  N N 31  
ARG HG3  H  N N 32  
ARG HD2  H  N N 33  
ARG HD3  H  N N 34  
ARG HE   H  N N 35  
ARG HH11 H  N N 36  
ARG HH12 H  N N 37  
ARG HH21 H  N N 38  
ARG HH22 H  N N 39  
ARG HXT  H  N N 40  
ASN N    N  N N 41  
ASN CA   C  N S 42  
ASN C    C  N N 43  
ASN O    O  N N 44  
ASN CB   C  N N 45  
ASN CG   C  N N 46  
ASN OD1  O  N N 47  
ASN ND2  N  N N 48  
ASN OXT  O  N N 49  
ASN H    H  N N 50  
ASN H2   H  N N 51  
ASN HA   H  N N 52  
ASN HB2  H  N N 53  
ASN HB3  H  N N 54  
ASN HD21 H  N N 55  
ASN HD22 H  N N 56  
ASN HXT  H  N N 57  
ASP N    N  N N 58  
ASP CA   C  N S 59  
ASP C    C  N N 60  
ASP O    O  N N 61  
ASP CB   C  N N 62  
ASP CG   C  N N 63  
ASP OD1  O  N N 64  
ASP OD2  O  N N 65  
ASP OXT  O  N N 66  
ASP H    H  N N 67  
ASP H2   H  N N 68  
ASP HA   H  N N 69  
ASP HB2  H  N N 70  
ASP HB3  H  N N 71  
ASP HD2  H  N N 72  
ASP HXT  H  N N 73  
CL  CL   CL N N 74  
CYS N    N  N N 75  
CYS CA   C  N R 76  
CYS C    C  N N 77  
CYS O    O  N N 78  
CYS CB   C  N N 79  
CYS SG   S  N N 80  
CYS OXT  O  N N 81  
CYS H    H  N N 82  
CYS H2   H  N N 83  
CYS HA   H  N N 84  
CYS HB2  H  N N 85  
CYS HB3  H  N N 86  
CYS HG   H  N N 87  
CYS HXT  H  N N 88  
GLN N    N  N N 89  
GLN CA   C  N S 90  
GLN C    C  N N 91  
GLN O    O  N N 92  
GLN CB   C  N N 93  
GLN CG   C  N N 94  
GLN CD   C  N N 95  
GLN OE1  O  N N 96  
GLN NE2  N  N N 97  
GLN OXT  O  N N 98  
GLN H    H  N N 99  
GLN H2   H  N N 100 
GLN HA   H  N N 101 
GLN HB2  H  N N 102 
GLN HB3  H  N N 103 
GLN HG2  H  N N 104 
GLN HG3  H  N N 105 
GLN HE21 H  N N 106 
GLN HE22 H  N N 107 
GLN HXT  H  N N 108 
GLU N    N  N N 109 
GLU CA   C  N S 110 
GLU C    C  N N 111 
GLU O    O  N N 112 
GLU CB   C  N N 113 
GLU CG   C  N N 114 
GLU CD   C  N N 115 
GLU OE1  O  N N 116 
GLU OE2  O  N N 117 
GLU OXT  O  N N 118 
GLU H    H  N N 119 
GLU H2   H  N N 120 
GLU HA   H  N N 121 
GLU HB2  H  N N 122 
GLU HB3  H  N N 123 
GLU HG2  H  N N 124 
GLU HG3  H  N N 125 
GLU HE2  H  N N 126 
GLU HXT  H  N N 127 
GLY N    N  N N 128 
GLY CA   C  N N 129 
GLY C    C  N N 130 
GLY O    O  N N 131 
GLY OXT  O  N N 132 
GLY H    H  N N 133 
GLY H2   H  N N 134 
GLY HA2  H  N N 135 
GLY HA3  H  N N 136 
GLY HXT  H  N N 137 
HIS N    N  N N 138 
HIS CA   C  N S 139 
HIS C    C  N N 140 
HIS O    O  N N 141 
HIS CB   C  N N 142 
HIS CG   C  Y N 143 
HIS ND1  N  Y N 144 
HIS CD2  C  Y N 145 
HIS CE1  C  Y N 146 
HIS NE2  N  Y N 147 
HIS OXT  O  N N 148 
HIS H    H  N N 149 
HIS H2   H  N N 150 
HIS HA   H  N N 151 
HIS HB2  H  N N 152 
HIS HB3  H  N N 153 
HIS HD1  H  N N 154 
HIS HD2  H  N N 155 
HIS HE1  H  N N 156 
HIS HE2  H  N N 157 
HIS HXT  H  N N 158 
HOH O    O  N N 159 
HOH H1   H  N N 160 
HOH H2   H  N N 161 
ILE N    N  N N 162 
ILE CA   C  N S 163 
ILE C    C  N N 164 
ILE O    O  N N 165 
ILE CB   C  N S 166 
ILE CG1  C  N N 167 
ILE CG2  C  N N 168 
ILE CD1  C  N N 169 
ILE OXT  O  N N 170 
ILE H    H  N N 171 
ILE H2   H  N N 172 
ILE HA   H  N N 173 
ILE HB   H  N N 174 
ILE HG12 H  N N 175 
ILE HG13 H  N N 176 
ILE HG21 H  N N 177 
ILE HG22 H  N N 178 
ILE HG23 H  N N 179 
ILE HD11 H  N N 180 
ILE HD12 H  N N 181 
ILE HD13 H  N N 182 
ILE HXT  H  N N 183 
LEU N    N  N N 184 
LEU CA   C  N S 185 
LEU C    C  N N 186 
LEU O    O  N N 187 
LEU CB   C  N N 188 
LEU CG   C  N N 189 
LEU CD1  C  N N 190 
LEU CD2  C  N N 191 
LEU OXT  O  N N 192 
LEU H    H  N N 193 
LEU H2   H  N N 194 
LEU HA   H  N N 195 
LEU HB2  H  N N 196 
LEU HB3  H  N N 197 
LEU HG   H  N N 198 
LEU HD11 H  N N 199 
LEU HD12 H  N N 200 
LEU HD13 H  N N 201 
LEU HD21 H  N N 202 
LEU HD22 H  N N 203 
LEU HD23 H  N N 204 
LEU HXT  H  N N 205 
LYS N    N  N N 206 
LYS CA   C  N S 207 
LYS C    C  N N 208 
LYS O    O  N N 209 
LYS CB   C  N N 210 
LYS CG   C  N N 211 
LYS CD   C  N N 212 
LYS CE   C  N N 213 
LYS NZ   N  N N 214 
LYS OXT  O  N N 215 
LYS H    H  N N 216 
LYS H2   H  N N 217 
LYS HA   H  N N 218 
LYS HB2  H  N N 219 
LYS HB3  H  N N 220 
LYS HG2  H  N N 221 
LYS HG3  H  N N 222 
LYS HD2  H  N N 223 
LYS HD3  H  N N 224 
LYS HE2  H  N N 225 
LYS HE3  H  N N 226 
LYS HZ1  H  N N 227 
LYS HZ2  H  N N 228 
LYS HZ3  H  N N 229 
LYS HXT  H  N N 230 
MET N    N  N N 231 
MET CA   C  N S 232 
MET C    C  N N 233 
MET O    O  N N 234 
MET CB   C  N N 235 
MET CG   C  N N 236 
MET SD   S  N N 237 
MET CE   C  N N 238 
MET OXT  O  N N 239 
MET H    H  N N 240 
MET H2   H  N N 241 
MET HA   H  N N 242 
MET HB2  H  N N 243 
MET HB3  H  N N 244 
MET HG2  H  N N 245 
MET HG3  H  N N 246 
MET HE1  H  N N 247 
MET HE2  H  N N 248 
MET HE3  H  N N 249 
MET HXT  H  N N 250 
PHE N    N  N N 251 
PHE CA   C  N S 252 
PHE C    C  N N 253 
PHE O    O  N N 254 
PHE CB   C  N N 255 
PHE CG   C  Y N 256 
PHE CD1  C  Y N 257 
PHE CD2  C  Y N 258 
PHE CE1  C  Y N 259 
PHE CE2  C  Y N 260 
PHE CZ   C  Y N 261 
PHE OXT  O  N N 262 
PHE H    H  N N 263 
PHE H2   H  N N 264 
PHE HA   H  N N 265 
PHE HB2  H  N N 266 
PHE HB3  H  N N 267 
PHE HD1  H  N N 268 
PHE HD2  H  N N 269 
PHE HE1  H  N N 270 
PHE HE2  H  N N 271 
PHE HZ   H  N N 272 
PHE HXT  H  N N 273 
PRO N    N  N N 274 
PRO CA   C  N S 275 
PRO C    C  N N 276 
PRO O    O  N N 277 
PRO CB   C  N N 278 
PRO CG   C  N N 279 
PRO CD   C  N N 280 
PRO OXT  O  N N 281 
PRO H    H  N N 282 
PRO HA   H  N N 283 
PRO HB2  H  N N 284 
PRO HB3  H  N N 285 
PRO HG2  H  N N 286 
PRO HG3  H  N N 287 
PRO HD2  H  N N 288 
PRO HD3  H  N N 289 
PRO HXT  H  N N 290 
SER N    N  N N 291 
SER CA   C  N S 292 
SER C    C  N N 293 
SER O    O  N N 294 
SER CB   C  N N 295 
SER OG   O  N N 296 
SER OXT  O  N N 297 
SER H    H  N N 298 
SER H2   H  N N 299 
SER HA   H  N N 300 
SER HB2  H  N N 301 
SER HB3  H  N N 302 
SER HG   H  N N 303 
SER HXT  H  N N 304 
THR N    N  N N 305 
THR CA   C  N S 306 
THR C    C  N N 307 
THR O    O  N N 308 
THR CB   C  N R 309 
THR OG1  O  N N 310 
THR CG2  C  N N 311 
THR OXT  O  N N 312 
THR H    H  N N 313 
THR H2   H  N N 314 
THR HA   H  N N 315 
THR HB   H  N N 316 
THR HG1  H  N N 317 
THR HG21 H  N N 318 
THR HG22 H  N N 319 
THR HG23 H  N N 320 
THR HXT  H  N N 321 
TRP N    N  N N 322 
TRP CA   C  N S 323 
TRP C    C  N N 324 
TRP O    O  N N 325 
TRP CB   C  N N 326 
TRP CG   C  Y N 327 
TRP CD1  C  Y N 328 
TRP CD2  C  Y N 329 
TRP NE1  N  Y N 330 
TRP CE2  C  Y N 331 
TRP CE3  C  Y N 332 
TRP CZ2  C  Y N 333 
TRP CZ3  C  Y N 334 
TRP CH2  C  Y N 335 
TRP OXT  O  N N 336 
TRP H    H  N N 337 
TRP H2   H  N N 338 
TRP HA   H  N N 339 
TRP HB2  H  N N 340 
TRP HB3  H  N N 341 
TRP HD1  H  N N 342 
TRP HE1  H  N N 343 
TRP HE3  H  N N 344 
TRP HZ2  H  N N 345 
TRP HZ3  H  N N 346 
TRP HH2  H  N N 347 
TRP HXT  H  N N 348 
TYR N    N  N N 349 
TYR CA   C  N S 350 
TYR C    C  N N 351 
TYR O    O  N N 352 
TYR CB   C  N N 353 
TYR CG   C  Y N 354 
TYR CD1  C  Y N 355 
TYR CD2  C  Y N 356 
TYR CE1  C  Y N 357 
TYR CE2  C  Y N 358 
TYR CZ   C  Y N 359 
TYR OH   O  N N 360 
TYR OXT  O  N N 361 
TYR H    H  N N 362 
TYR H2   H  N N 363 
TYR HA   H  N N 364 
TYR HB2  H  N N 365 
TYR HB3  H  N N 366 
TYR HD1  H  N N 367 
TYR HD2  H  N N 368 
TYR HE1  H  N N 369 
TYR HE2  H  N N 370 
TYR HH   H  N N 371 
TYR HXT  H  N N 372 
VAL N    N  N N 373 
VAL CA   C  N S 374 
VAL C    C  N N 375 
VAL O    O  N N 376 
VAL CB   C  N N 377 
VAL CG1  C  N N 378 
VAL CG2  C  N N 379 
VAL OXT  O  N N 380 
VAL H    H  N N 381 
VAL H2   H  N N 382 
VAL HA   H  N N 383 
VAL HB   H  N N 384 
VAL HG11 H  N N 385 
VAL HG12 H  N N 386 
VAL HG13 H  N N 387 
VAL HG21 H  N N 388 
VAL HG22 H  N N 389 
VAL HG23 H  N N 390 
VAL HXT  H  N N 391 
# 
loop_
_chem_comp_bond.comp_id 
_chem_comp_bond.atom_id_1 
_chem_comp_bond.atom_id_2 
_chem_comp_bond.value_order 
_chem_comp_bond.pdbx_aromatic_flag 
_chem_comp_bond.pdbx_stereo_config 
_chem_comp_bond.pdbx_ordinal 
ALA N   CA   sing N N 1   
ALA N   H    sing N N 2   
ALA N   H2   sing N N 3   
ALA CA  C    sing N N 4   
ALA CA  CB   sing N N 5   
ALA CA  HA   sing N N 6   
ALA C   O    doub N N 7   
ALA C   OXT  sing N N 8   
ALA CB  HB1  sing N N 9   
ALA CB  HB2  sing N N 10  
ALA CB  HB3  sing N N 11  
ALA OXT HXT  sing N N 12  
ARG N   CA   sing N N 13  
ARG N   H    sing N N 14  
ARG N   H2   sing N N 15  
ARG CA  C    sing N N 16  
ARG CA  CB   sing N N 17  
ARG CA  HA   sing N N 18  
ARG C   O    doub N N 19  
ARG C   OXT  sing N N 20  
ARG CB  CG   sing N N 21  
ARG CB  HB2  sing N N 22  
ARG CB  HB3  sing N N 23  
ARG CG  CD   sing N N 24  
ARG CG  HG2  sing N N 25  
ARG CG  HG3  sing N N 26  
ARG CD  NE   sing N N 27  
ARG CD  HD2  sing N N 28  
ARG CD  HD3  sing N N 29  
ARG NE  CZ   sing N N 30  
ARG NE  HE   sing N N 31  
ARG CZ  NH1  sing N N 32  
ARG CZ  NH2  doub N N 33  
ARG NH1 HH11 sing N N 34  
ARG NH1 HH12 sing N N 35  
ARG NH2 HH21 sing N N 36  
ARG NH2 HH22 sing N N 37  
ARG OXT HXT  sing N N 38  
ASN N   CA   sing N N 39  
ASN N   H    sing N N 40  
ASN N   H2   sing N N 41  
ASN CA  C    sing N N 42  
ASN CA  CB   sing N N 43  
ASN CA  HA   sing N N 44  
ASN C   O    doub N N 45  
ASN C   OXT  sing N N 46  
ASN CB  CG   sing N N 47  
ASN CB  HB2  sing N N 48  
ASN CB  HB3  sing N N 49  
ASN CG  OD1  doub N N 50  
ASN CG  ND2  sing N N 51  
ASN ND2 HD21 sing N N 52  
ASN ND2 HD22 sing N N 53  
ASN OXT HXT  sing N N 54  
ASP N   CA   sing N N 55  
ASP N   H    sing N N 56  
ASP N   H2   sing N N 57  
ASP CA  C    sing N N 58  
ASP CA  CB   sing N N 59  
ASP CA  HA   sing N N 60  
ASP C   O    doub N N 61  
ASP C   OXT  sing N N 62  
ASP CB  CG   sing N N 63  
ASP CB  HB2  sing N N 64  
ASP CB  HB3  sing N N 65  
ASP CG  OD1  doub N N 66  
ASP CG  OD2  sing N N 67  
ASP OD2 HD2  sing N N 68  
ASP OXT HXT  sing N N 69  
CYS N   CA   sing N N 70  
CYS N   H    sing N N 71  
CYS N   H2   sing N N 72  
CYS CA  C    sing N N 73  
CYS CA  CB   sing N N 74  
CYS CA  HA   sing N N 75  
CYS C   O    doub N N 76  
CYS C   OXT  sing N N 77  
CYS CB  SG   sing N N 78  
CYS CB  HB2  sing N N 79  
CYS CB  HB3  sing N N 80  
CYS SG  HG   sing N N 81  
CYS OXT HXT  sing N N 82  
GLN N   CA   sing N N 83  
GLN N   H    sing N N 84  
GLN N   H2   sing N N 85  
GLN CA  C    sing N N 86  
GLN CA  CB   sing N N 87  
GLN CA  HA   sing N N 88  
GLN C   O    doub N N 89  
GLN C   OXT  sing N N 90  
GLN CB  CG   sing N N 91  
GLN CB  HB2  sing N N 92  
GLN CB  HB3  sing N N 93  
GLN CG  CD   sing N N 94  
GLN CG  HG2  sing N N 95  
GLN CG  HG3  sing N N 96  
GLN CD  OE1  doub N N 97  
GLN CD  NE2  sing N N 98  
GLN NE2 HE21 sing N N 99  
GLN NE2 HE22 sing N N 100 
GLN OXT HXT  sing N N 101 
GLU N   CA   sing N N 102 
GLU N   H    sing N N 103 
GLU N   H2   sing N N 104 
GLU CA  C    sing N N 105 
GLU CA  CB   sing N N 106 
GLU CA  HA   sing N N 107 
GLU C   O    doub N N 108 
GLU C   OXT  sing N N 109 
GLU CB  CG   sing N N 110 
GLU CB  HB2  sing N N 111 
GLU CB  HB3  sing N N 112 
GLU CG  CD   sing N N 113 
GLU CG  HG2  sing N N 114 
GLU CG  HG3  sing N N 115 
GLU CD  OE1  doub N N 116 
GLU CD  OE2  sing N N 117 
GLU OE2 HE2  sing N N 118 
GLU OXT HXT  sing N N 119 
GLY N   CA   sing N N 120 
GLY N   H    sing N N 121 
GLY N   H2   sing N N 122 
GLY CA  C    sing N N 123 
GLY CA  HA2  sing N N 124 
GLY CA  HA3  sing N N 125 
GLY C   O    doub N N 126 
GLY C   OXT  sing N N 127 
GLY OXT HXT  sing N N 128 
HIS N   CA   sing N N 129 
HIS N   H    sing N N 130 
HIS N   H2   sing N N 131 
HIS CA  C    sing N N 132 
HIS CA  CB   sing N N 133 
HIS CA  HA   sing N N 134 
HIS C   O    doub N N 135 
HIS C   OXT  sing N N 136 
HIS CB  CG   sing N N 137 
HIS CB  HB2  sing N N 138 
HIS CB  HB3  sing N N 139 
HIS CG  ND1  sing Y N 140 
HIS CG  CD2  doub Y N 141 
HIS ND1 CE1  doub Y N 142 
HIS ND1 HD1  sing N N 143 
HIS CD2 NE2  sing Y N 144 
HIS CD2 HD2  sing N N 145 
HIS CE1 NE2  sing Y N 146 
HIS CE1 HE1  sing N N 147 
HIS NE2 HE2  sing N N 148 
HIS OXT HXT  sing N N 149 
HOH O   H1   sing N N 150 
HOH O   H2   sing N N 151 
ILE N   CA   sing N N 152 
ILE N   H    sing N N 153 
ILE N   H2   sing N N 154 
ILE CA  C    sing N N 155 
ILE CA  CB   sing N N 156 
ILE CA  HA   sing N N 157 
ILE C   O    doub N N 158 
ILE C   OXT  sing N N 159 
ILE CB  CG1  sing N N 160 
ILE CB  CG2  sing N N 161 
ILE CB  HB   sing N N 162 
ILE CG1 CD1  sing N N 163 
ILE CG1 HG12 sing N N 164 
ILE CG1 HG13 sing N N 165 
ILE CG2 HG21 sing N N 166 
ILE CG2 HG22 sing N N 167 
ILE CG2 HG23 sing N N 168 
ILE CD1 HD11 sing N N 169 
ILE CD1 HD12 sing N N 170 
ILE CD1 HD13 sing N N 171 
ILE OXT HXT  sing N N 172 
LEU N   CA   sing N N 173 
LEU N   H    sing N N 174 
LEU N   H2   sing N N 175 
LEU CA  C    sing N N 176 
LEU CA  CB   sing N N 177 
LEU CA  HA   sing N N 178 
LEU C   O    doub N N 179 
LEU C   OXT  sing N N 180 
LEU CB  CG   sing N N 181 
LEU CB  HB2  sing N N 182 
LEU CB  HB3  sing N N 183 
LEU CG  CD1  sing N N 184 
LEU CG  CD2  sing N N 185 
LEU CG  HG   sing N N 186 
LEU CD1 HD11 sing N N 187 
LEU CD1 HD12 sing N N 188 
LEU CD1 HD13 sing N N 189 
LEU CD2 HD21 sing N N 190 
LEU CD2 HD22 sing N N 191 
LEU CD2 HD23 sing N N 192 
LEU OXT HXT  sing N N 193 
LYS N   CA   sing N N 194 
LYS N   H    sing N N 195 
LYS N   H2   sing N N 196 
LYS CA  C    sing N N 197 
LYS CA  CB   sing N N 198 
LYS CA  HA   sing N N 199 
LYS C   O    doub N N 200 
LYS C   OXT  sing N N 201 
LYS CB  CG   sing N N 202 
LYS CB  HB2  sing N N 203 
LYS CB  HB3  sing N N 204 
LYS CG  CD   sing N N 205 
LYS CG  HG2  sing N N 206 
LYS CG  HG3  sing N N 207 
LYS CD  CE   sing N N 208 
LYS CD  HD2  sing N N 209 
LYS CD  HD3  sing N N 210 
LYS CE  NZ   sing N N 211 
LYS CE  HE2  sing N N 212 
LYS CE  HE3  sing N N 213 
LYS NZ  HZ1  sing N N 214 
LYS NZ  HZ2  sing N N 215 
LYS NZ  HZ3  sing N N 216 
LYS OXT HXT  sing N N 217 
MET N   CA   sing N N 218 
MET N   H    sing N N 219 
MET N   H2   sing N N 220 
MET CA  C    sing N N 221 
MET CA  CB   sing N N 222 
MET CA  HA   sing N N 223 
MET C   O    doub N N 224 
MET C   OXT  sing N N 225 
MET CB  CG   sing N N 226 
MET CB  HB2  sing N N 227 
MET CB  HB3  sing N N 228 
MET CG  SD   sing N N 229 
MET CG  HG2  sing N N 230 
MET CG  HG3  sing N N 231 
MET SD  CE   sing N N 232 
MET CE  HE1  sing N N 233 
MET CE  HE2  sing N N 234 
MET CE  HE3  sing N N 235 
MET OXT HXT  sing N N 236 
PHE N   CA   sing N N 237 
PHE N   H    sing N N 238 
PHE N   H2   sing N N 239 
PHE CA  C    sing N N 240 
PHE CA  CB   sing N N 241 
PHE CA  HA   sing N N 242 
PHE C   O    doub N N 243 
PHE C   OXT  sing N N 244 
PHE CB  CG   sing N N 245 
PHE CB  HB2  sing N N 246 
PHE CB  HB3  sing N N 247 
PHE CG  CD1  doub Y N 248 
PHE CG  CD2  sing Y N 249 
PHE CD1 CE1  sing Y N 250 
PHE CD1 HD1  sing N N 251 
PHE CD2 CE2  doub Y N 252 
PHE CD2 HD2  sing N N 253 
PHE CE1 CZ   doub Y N 254 
PHE CE1 HE1  sing N N 255 
PHE CE2 CZ   sing Y N 256 
PHE CE2 HE2  sing N N 257 
PHE CZ  HZ   sing N N 258 
PHE OXT HXT  sing N N 259 
PRO N   CA   sing N N 260 
PRO N   CD   sing N N 261 
PRO N   H    sing N N 262 
PRO CA  C    sing N N 263 
PRO CA  CB   sing N N 264 
PRO CA  HA   sing N N 265 
PRO C   O    doub N N 266 
PRO C   OXT  sing N N 267 
PRO CB  CG   sing N N 268 
PRO CB  HB2  sing N N 269 
PRO CB  HB3  sing N N 270 
PRO CG  CD   sing N N 271 
PRO CG  HG2  sing N N 272 
PRO CG  HG3  sing N N 273 
PRO CD  HD2  sing N N 274 
PRO CD  HD3  sing N N 275 
PRO OXT HXT  sing N N 276 
SER N   CA   sing N N 277 
SER N   H    sing N N 278 
SER N   H2   sing N N 279 
SER CA  C    sing N N 280 
SER CA  CB   sing N N 281 
SER CA  HA   sing N N 282 
SER C   O    doub N N 283 
SER C   OXT  sing N N 284 
SER CB  OG   sing N N 285 
SER CB  HB2  sing N N 286 
SER CB  HB3  sing N N 287 
SER OG  HG   sing N N 288 
SER OXT HXT  sing N N 289 
THR N   CA   sing N N 290 
THR N   H    sing N N 291 
THR N   H2   sing N N 292 
THR CA  C    sing N N 293 
THR CA  CB   sing N N 294 
THR CA  HA   sing N N 295 
THR C   O    doub N N 296 
THR C   OXT  sing N N 297 
THR CB  OG1  sing N N 298 
THR CB  CG2  sing N N 299 
THR CB  HB   sing N N 300 
THR OG1 HG1  sing N N 301 
THR CG2 HG21 sing N N 302 
THR CG2 HG22 sing N N 303 
THR CG2 HG23 sing N N 304 
THR OXT HXT  sing N N 305 
TRP N   CA   sing N N 306 
TRP N   H    sing N N 307 
TRP N   H2   sing N N 308 
TRP CA  C    sing N N 309 
TRP CA  CB   sing N N 310 
TRP CA  HA   sing N N 311 
TRP C   O    doub N N 312 
TRP C   OXT  sing N N 313 
TRP CB  CG   sing N N 314 
TRP CB  HB2  sing N N 315 
TRP CB  HB3  sing N N 316 
TRP CG  CD1  doub Y N 317 
TRP CG  CD2  sing Y N 318 
TRP CD1 NE1  sing Y N 319 
TRP CD1 HD1  sing N N 320 
TRP CD2 CE2  doub Y N 321 
TRP CD2 CE3  sing Y N 322 
TRP NE1 CE2  sing Y N 323 
TRP NE1 HE1  sing N N 324 
TRP CE2 CZ2  sing Y N 325 
TRP CE3 CZ3  doub Y N 326 
TRP CE3 HE3  sing N N 327 
TRP CZ2 CH2  doub Y N 328 
TRP CZ2 HZ2  sing N N 329 
TRP CZ3 CH2  sing Y N 330 
TRP CZ3 HZ3  sing N N 331 
TRP CH2 HH2  sing N N 332 
TRP OXT HXT  sing N N 333 
TYR N   CA   sing N N 334 
TYR N   H    sing N N 335 
TYR N   H2   sing N N 336 
TYR CA  C    sing N N 337 
TYR CA  CB   sing N N 338 
TYR CA  HA   sing N N 339 
TYR C   O    doub N N 340 
TYR C   OXT  sing N N 341 
TYR CB  CG   sing N N 342 
TYR CB  HB2  sing N N 343 
TYR CB  HB3  sing N N 344 
TYR CG  CD1  doub Y N 345 
TYR CG  CD2  sing Y N 346 
TYR CD1 CE1  sing Y N 347 
TYR CD1 HD1  sing N N 348 
TYR CD2 CE2  doub Y N 349 
TYR CD2 HD2  sing N N 350 
TYR CE1 CZ   doub Y N 351 
TYR CE1 HE1  sing N N 352 
TYR CE2 CZ   sing Y N 353 
TYR CE2 HE2  sing N N 354 
TYR CZ  OH   sing N N 355 
TYR OH  HH   sing N N 356 
TYR OXT HXT  sing N N 357 
VAL N   CA   sing N N 358 
VAL N   H    sing N N 359 
VAL N   H2   sing N N 360 
VAL CA  C    sing N N 361 
VAL CA  CB   sing N N 362 
VAL CA  HA   sing N N 363 
VAL C   O    doub N N 364 
VAL C   OXT  sing N N 365 
VAL CB  CG1  sing N N 366 
VAL CB  CG2  sing N N 367 
VAL CB  HB   sing N N 368 
VAL CG1 HG11 sing N N 369 
VAL CG1 HG12 sing N N 370 
VAL CG1 HG13 sing N N 371 
VAL CG2 HG21 sing N N 372 
VAL CG2 HG22 sing N N 373 
VAL CG2 HG23 sing N N 374 
VAL OXT HXT  sing N N 375 
# 
_pdbx_initial_refinement_model.id               1 
_pdbx_initial_refinement_model.entity_id_list   ? 
_pdbx_initial_refinement_model.type             'experimental model' 
_pdbx_initial_refinement_model.source_name      PDB 
_pdbx_initial_refinement_model.accession_code   3ZKE 
_pdbx_initial_refinement_model.details          ? 
# 
_atom_sites.entry_id                    6GZJ 
_atom_sites.fract_transf_matrix[1][1]   -0.01444697 
_atom_sites.fract_transf_matrix[1][2]   0.01436650 
_atom_sites.fract_transf_matrix[1][3]   -0.01649295 
_atom_sites.fract_transf_matrix[2][1]   0.00512149 
_atom_sites.fract_transf_matrix[2][2]   -0.00044346 
_atom_sites.fract_transf_matrix[2][3]   -0.02570399 
_atom_sites.fract_transf_matrix[3][1]   -0.00309532 
_atom_sites.fract_transf_matrix[3][2]   -0.00374648 
_atom_sites.fract_transf_matrix[3][3]   -0.00055210 
_atom_sites.fract_transf_vector[1]      -0.186961 
_atom_sites.fract_transf_vector[2]      0.404651 
_atom_sites.fract_transf_vector[3]      -0.042343 
# 
loop_
_atom_type.symbol 
C  
CL 
N  
O  
S  
# 
loop_
_atom_site.group_PDB 
_atom_site.id 
_atom_site.type_symbol 
_atom_site.label_atom_id 
_atom_site.label_alt_id 
_atom_site.label_comp_id 
_atom_site.label_asym_id 
_atom_site.label_entity_id 
_atom_site.label_seq_id 
_atom_site.pdbx_PDB_ins_code 
_atom_site.Cartn_x 
_atom_site.Cartn_y 
_atom_site.Cartn_z 
_atom_site.occupancy 
_atom_site.B_iso_or_equiv 
_atom_site.pdbx_formal_charge 
_atom_site.auth_seq_id 
_atom_site.auth_comp_id 
_atom_site.auth_asym_id 
_atom_site.auth_atom_id 
_atom_site.pdbx_PDB_model_num 
ATOM   1   N  N   . CYS A 1 3  ? -19.515 1.168   4.989   1.00 108.57 ? 2   CYS A N   1 
ATOM   2   C  CA  . CYS A 1 3  ? -18.775 -0.091  4.963   1.00 108.56 ? 2   CYS A CA  1 
ATOM   3   C  C   . CYS A 1 3  ? -17.917 -0.237  3.693   1.00 104.57 ? 2   CYS A C   1 
ATOM   4   O  O   . CYS A 1 3  ? -16.739 -0.593  3.777   1.00 108.01 ? 2   CYS A O   1 
ATOM   5   C  CB  . CYS A 1 3  ? -19.747 -1.280  5.090   1.00 111.33 ? 2   CYS A CB  1 
ATOM   6   S  SG  . CYS A 1 3  ? -18.999 -2.955  4.950   1.00 112.18 ? 2   CYS A SG  1 
ATOM   7   N  N   . ASP A 1 4  ? -18.511 0.051   2.528   1.00 95.41  ? 3   ASP A N   1 
ATOM   8   C  CA  . ASP A 1 4  ? -17.884 -0.205  1.225   1.00 86.35  ? 3   ASP A CA  1 
ATOM   9   C  C   . ASP A 1 4  ? -17.076 1.013   0.794   1.00 69.15  ? 3   ASP A C   1 
ATOM   10  O  O   . ASP A 1 4  ? -17.559 1.887   0.070   1.00 74.77  ? 3   ASP A O   1 
ATOM   11  C  CB  . ASP A 1 4  ? -18.934 -0.555  0.179   1.00 94.24  ? 3   ASP A CB  1 
ATOM   12  C  CG  . ASP A 1 4  ? -19.502 -1.951  0.359   1.00 100.88 ? 3   ASP A CG  1 
ATOM   13  O  OD1 . ASP A 1 4  ? -18.812 -2.927  -0.027  1.00 100.52 ? 3   ASP A OD1 1 
ATOM   14  O  OD2 . ASP A 1 4  ? -20.642 -2.062  0.870   1.00 106.59 ? 3   ASP A OD2 1 
ATOM   15  N  N   . ARG A 1 5  ? -15.816 1.048   1.215   1.00 94.84  ? 4   ARG A N   1 
ATOM   16  C  CA  . ARG A 1 5  ? -14.951 2.185   0.952   1.00 75.67  ? 4   ARG A CA  1 
ATOM   17  C  C   . ARG A 1 5  ? -14.504 2.199   -0.505  1.00 66.56  ? 4   ARG A C   1 
ATOM   18  O  O   . ARG A 1 5  ? -14.163 1.161   -1.082  1.00 64.19  ? 4   ARG A O   1 
ATOM   19  C  CB  . ARG A 1 5  ? -13.740 2.134   1.884   1.00 70.79  ? 4   ARG A CB  1 
ATOM   20  C  CG  . ARG A 1 5  ? -14.088 2.189   3.374   1.00 74.87  ? 4   ARG A CG  1 
ATOM   21  C  CD  . ARG A 1 5  ? -12.829 2.074   4.262   1.00 78.60  ? 4   ARG A CD  1 
ATOM   22  N  NE  . ARG A 1 5  ? -13.162 1.889   5.674   1.00 83.15  ? 4   ARG A NE  1 
ATOM   23  C  CZ  . ARG A 1 5  ? -13.641 0.756   6.195   1.00 84.54  ? 4   ARG A CZ  1 
ATOM   24  N  NH1 . ARG A 1 5  ? -13.917 0.689   7.493   1.00 84.12  ? 4   ARG A NH1 1 
ATOM   25  N  NH2 . ARG A 1 5  ? -13.854 -0.311  5.426   1.00 86.42  ? 4   ARG A NH2 1 
ATOM   26  N  N   . LYS A 1 6  ? -14.503 3.386   -1.103  1.00 63.68  ? 5   LYS A N   1 
ATOM   27  C  CA  . LYS A 1 6  ? -14.129 3.527   -2.509  1.00 56.62  ? 5   LYS A CA  1 
ATOM   28  C  C   . LYS A 1 6  ? -12.608 3.465   -2.631  1.00 54.02  ? 5   LYS A C   1 
ATOM   29  O  O   . LYS A 1 6  ? -11.903 4.210   -1.944  1.00 59.83  ? 5   LYS A O   1 
ATOM   30  C  CB  . LYS A 1 6  ? -14.672 4.846   -3.071  1.00 48.85  ? 5   LYS A CB  1 
ATOM   31  C  CG  . LYS A 1 6  ? -14.530 5.016   -4.592  1.00 53.49  ? 5   LYS A CG  1 
ATOM   32  C  CD  . LYS A 1 6  ? -14.613 6.492   -5.052  1.00 57.55  ? 5   LYS A CD  1 
ATOM   33  C  CE  . LYS A 1 6  ? -15.695 7.274   -4.309  1.00 62.51  ? 5   LYS A CE  1 
ATOM   34  N  NZ  . LYS A 1 6  ? -15.790 8.690   -4.771  1.00 65.20  ? 5   LYS A NZ  1 
ATOM   35  N  N   . ALA A 1 7  ? -12.105 2.565   -3.481  1.00 47.12  ? 6   ALA A N   1 
ATOM   36  C  CA  . ALA A 1 7  ? -10.673 2.486   -3.756  1.00 45.14  ? 6   ALA A CA  1 
ATOM   37  C  C   . ALA A 1 7  ? -10.307 3.459   -4.872  1.00 45.99  ? 6   ALA A C   1 
ATOM   38  O  O   . ALA A 1 7  ? -10.982 3.518   -5.898  1.00 46.02  ? 6   ALA A O   1 
ATOM   39  C  CB  . ALA A 1 7  ? -10.278 1.063   -4.136  1.00 44.83  ? 6   ALA A CB  1 
ATOM   40  N  N   . VAL A 1 8  ? -9.244  4.236   -4.676  1.00 44.81  ? 7   VAL A N   1 
ATOM   41  C  CA  . VAL A 1 8  ? -8.835  5.268   -5.627  1.00 45.13  ? 7   VAL A CA  1 
ATOM   42  C  C   . VAL A 1 8  ? -7.318  5.234   -5.679  1.00 47.38  ? 7   VAL A C   1 
ATOM   43  O  O   . VAL A 1 8  ? -6.656  5.569   -4.685  1.00 43.99  ? 7   VAL A O   1 
ATOM   44  C  CB  . VAL A 1 8  ? -9.319  6.667   -5.211  1.00 54.12  ? 7   VAL A CB  1 
ATOM   45  C  CG1 . VAL A 1 8  ? -8.733  7.744   -6.110  1.00 46.18  ? 7   VAL A CG1 1 
ATOM   46  C  CG2 . VAL A 1 8  ? -10.838 6.744   -5.163  1.00 53.61  ? 7   VAL A CG2 1 
ATOM   47  N  N   . ILE A 1 9  ? -6.748  4.837   -6.814  1.00 46.94  ? 8   ILE A N   1 
ATOM   48  C  CA  . ILE A 1 9  ? -5.295  4.737   -6.913  1.00 47.39  ? 8   ILE A CA  1 
ATOM   49  C  C   . ILE A 1 9  ? -4.727  6.086   -7.332  1.00 46.68  ? 8   ILE A C   1 
ATOM   50  O  O   . ILE A 1 9  ? -5.163  6.678   -8.319  1.00 55.11  ? 8   ILE A O   1 
ATOM   51  C  CB  . ILE A 1 9  ? -4.865  3.613   -7.866  1.00 48.75  ? 8   ILE A CB  1 
ATOM   52  C  CG1 . ILE A 1 9  ? -5.311  2.268   -7.287  1.00 51.07  ? 8   ILE A CG1 1 
ATOM   53  C  CG2 . ILE A 1 9  ? -3.356  3.597   -7.996  1.00 43.98  ? 8   ILE A CG2 1 
ATOM   54  C  CD1 . ILE A 1 9  ? -4.873  1.055   -8.082  1.00 52.58  ? 8   ILE A CD1 1 
ATOM   55  N  N   . LYS A 1 10 ? -3.768  6.584   -6.555  1.00 44.96  ? 9   LYS A N   1 
ATOM   56  C  CA  . LYS A 1 10 ? -3.147  7.884   -6.752  1.00 45.57  ? 9   LYS A CA  1 
ATOM   57  C  C   . LYS A 1 10 ? -1.834  7.781   -7.501  1.00 48.37  ? 9   LYS A C   1 
ATOM   58  O  O   . LYS A 1 10 ? -1.536  8.622   -8.339  1.00 51.65  ? 9   LYS A O   1 
ATOM   59  C  CB  . LYS A 1 10 ? -2.901  8.577   -5.404  1.00 51.07  ? 9   LYS A CB  1 
ATOM   60  C  CG  . LYS A 1 10 ? -4.161  8.850   -4.581  1.00 57.63  ? 9   LYS A CG  1 
ATOM   61  C  CD  . LYS A 1 10 ? -5.149  9.761   -5.339  1.00 65.44  ? 9   LYS A CD  1 
ATOM   62  C  CE  . LYS A 1 10 ? -6.194  10.402  -4.405  1.00 71.03  ? 9   LYS A CE  1 
ATOM   63  N  NZ  . LYS A 1 10 ? -7.054  11.419  -5.104  1.00 74.07  ? 9   LYS A NZ  1 
ATOM   64  N  N   . ASN A 1 11 ? -1.034  6.765   -7.229  1.00 50.27  ? 10  ASN A N   1 
ATOM   65  C  CA  . ASN A 1 11 ? 0.226   6.641   -7.939  1.00 53.33  ? 10  ASN A CA  1 
ATOM   66  C  C   . ASN A 1 11 ? 0.620   5.182   -7.867  1.00 54.22  ? 10  ASN A C   1 
ATOM   67  O  O   . ASN A 1 11 ? 0.597   4.586   -6.793  1.00 52.98  ? 10  ASN A O   1 
ATOM   68  C  CB  . ASN A 1 11 ? 1.298   7.557   -7.333  1.00 56.30  ? 10  ASN A CB  1 
ATOM   69  C  CG  . ASN A 1 11 ? 2.571   7.627   -8.180  1.00 66.63  ? 10  ASN A CG  1 
ATOM   70  O  OD1 . ASN A 1 11 ? 3.613   8.078   -7.699  1.00 81.76  ? 10  ASN A OD1 1 
ATOM   71  N  ND2 . ASN A 1 11 ? 2.493   7.185   -9.438  1.00 63.73  ? 10  ASN A ND2 1 
ATOM   72  N  N   . ALA A 1 12 ? 0.933   4.596   -9.010  1.00 53.60  ? 11  ALA A N   1 
ATOM   73  C  CA  . ALA A 1 12 ? 1.239   3.179   -9.049  1.00 50.69  ? 11  ALA A CA  1 
ATOM   74  C  C   . ALA A 1 12 ? 2.420   2.982   -9.977  1.00 52.04  ? 11  ALA A C   1 
ATOM   75  O  O   . ALA A 1 12 ? 2.485   3.592   -11.041 1.00 52.30  ? 11  ALA A O   1 
ATOM   76  C  CB  . ALA A 1 12 ? 0.037   2.358   -9.523  1.00 47.83  ? 11  ALA A CB  1 
ATOM   77  N  N   . ASP A 1 13 ? 3.368   2.182   -9.546  1.00 52.42  ? 12  ASP A N   1 
ATOM   78  C  CA  . ASP A 1 13 ? 4.435   1.665   -10.391 1.00 54.10  ? 12  ASP A CA  1 
ATOM   79  C  C   . ASP A 1 13 ? 4.432   0.168   -10.104 1.00 55.52  ? 12  ASP A C   1 
ATOM   80  O  O   . ASP A 1 13 ? 5.262   -0.295  -9.317  1.00 49.58  ? 12  ASP A O   1 
ATOM   81  C  CB  . ASP A 1 13 ? 5.785   2.341   -10.061 1.00 57.64  ? 12  ASP A CB  1 
ATOM   82  C  CG  . ASP A 1 13 ? 6.957   1.711   -10.783 1.00 65.87  ? 12  ASP A CG  1 
ATOM   83  O  OD1 . ASP A 1 13 ? 6.753   1.062   -11.830 1.00 69.59  ? 12  ASP A OD1 1 
ATOM   84  O  OD2 . ASP A 1 13 ? 8.096   1.871   -10.303 1.00 68.28  ? 12  ASP A OD2 1 
ATOM   85  N  N   . MET A 1 14 ? 3.452   -0.546  -10.674 1.00 52.53  ? 13  MET A N   1 
ATOM   86  C  CA  . MET A 1 14 ? 3.298   -1.993  -10.502 1.00 53.97  ? 13  MET A CA  1 
ATOM   87  C  C   . MET A 1 14 ? 2.247   -2.496  -11.493 1.00 54.21  ? 13  MET A C   1 
ATOM   88  O  O   . MET A 1 14 ? 1.460   -1.712  -12.039 1.00 53.26  ? 13  MET A O   1 
ATOM   89  C  CB  . MET A 1 14 ? 2.945   -2.386  -9.042  1.00 53.74  ? 13  MET A CB  1 
ATOM   90  C  CG  . MET A 1 14 ? 1.536   -2.111  -8.550  1.00 50.80  ? 13  MET A CG  1 
ATOM   91  S  SD  . MET A 1 14 ? 1.105   -2.671  -6.855  1.00 45.87  ? 13  MET A SD  1 
ATOM   92  C  CE  . MET A 1 14 ? 2.616   -2.606  -5.904  1.00 43.81  ? 13  MET A CE  1 
ATOM   93  N  N   . SER A 1 15 ? 2.272   -3.812  -11.749 1.00 53.49  ? 14  SER A N   1 
ATOM   94  C  CA  . SER A 1 15 ? 1.363   -4.413  -12.727 1.00 53.73  ? 14  SER A CA  1 
ATOM   95  C  C   . SER A 1 15 ? -0.082  -4.108  -12.361 1.00 54.88  ? 14  SER A C   1 
ATOM   96  O  O   . SER A 1 15 ? -0.407  -3.835  -11.202 1.00 53.73  ? 14  SER A O   1 
ATOM   97  C  CB  . SER A 1 15 ? 1.574   -5.930  -12.811 1.00 51.70  ? 14  SER A CB  1 
ATOM   98  O  OG  . SER A 1 15 ? 1.317   -6.585  -11.580 1.00 51.96  ? 14  SER A OG  1 
ATOM   99  N  N   . GLU A 1 16 ? -0.969  -4.119  -13.354 1.00 51.62  ? 15  GLU A N   1 
ATOM   100 C  CA  . GLU A 1 16 ? -2.362  -3.911  -12.980 1.00 57.74  ? 15  GLU A CA  1 
ATOM   101 C  C   . GLU A 1 16 ? -2.890  -5.083  -12.166 1.00 58.26  ? 15  GLU A C   1 
ATOM   102 O  O   . GLU A 1 16 ? -3.801  -4.904  -11.343 1.00 56.46  ? 15  GLU A O   1 
ATOM   103 C  CB  . GLU A 1 16 ? -3.243  -3.669  -14.195 1.00 69.10  ? 15  GLU A CB  1 
ATOM   104 C  CG  . GLU A 1 16 ? -4.372  -2.712  -13.842 1.00 81.04  ? 15  GLU A CG  1 
ATOM   105 C  CD  . GLU A 1 16 ? -5.495  -2.690  -14.860 1.00 95.44  ? 15  GLU A CD  1 
ATOM   106 O  OE1 . GLU A 1 16 ? -5.277  -3.162  -16.001 1.00 103.19 ? 15  GLU A OE1 1 
ATOM   107 O  OE2 . GLU A 1 16 ? -6.598  -2.200  -14.508 1.00 99.03  ? 15  GLU A OE2 1 
ATOM   108 N  N   . GLU A 1 17 ? -2.303  -6.271  -12.349 1.00 60.92  ? 16  GLU A N   1 
ATOM   109 C  CA  . GLU A 1 17 ? -2.624  -7.403  -11.482 1.00 61.55  ? 16  GLU A CA  1 
ATOM   110 C  C   . GLU A 1 17 ? -2.409  -7.055  -10.012 1.00 53.82  ? 16  GLU A C   1 
ATOM   111 O  O   . GLU A 1 17 ? -3.307  -7.248  -9.182  1.00 53.37  ? 16  GLU A O   1 
ATOM   112 C  CB  . GLU A 1 17 ? -1.774  -8.619  -11.852 1.00 71.95  ? 16  GLU A CB  1 
ATOM   113 C  CG  . GLU A 1 17 ? -1.875  -9.052  -13.297 1.00 89.22  ? 16  GLU A CG  1 
ATOM   114 C  CD  . GLU A 1 17 ? -1.978  -10.569 -13.427 1.00 106.56 ? 16  GLU A CD  1 
ATOM   115 O  OE1 . GLU A 1 17 ? -3.004  -11.140 -12.983 1.00 111.39 ? 16  GLU A OE1 1 
ATOM   116 O  OE2 . GLU A 1 17 ? -1.028  -11.192 -13.959 1.00 114.86 ? 16  GLU A OE2 1 
ATOM   117 N  N   . MET A 1 18 ? -1.204  -6.572  -9.670  1.00 50.79  ? 17  MET A N   1 
ATOM   118 C  CA  . MET A 1 18 ? -0.858  -6.333  -8.271  1.00 50.10  ? 17  MET A CA  1 
ATOM   119 C  C   . MET A 1 18 ? -1.623  -5.155  -7.702  1.00 45.68  ? 17  MET A C   1 
ATOM   120 O  O   . MET A 1 18 ? -1.961  -5.155  -6.514  1.00 47.00  ? 17  MET A O   1 
ATOM   121 C  CB  . MET A 1 18 ? 0.644   -6.113  -8.121  1.00 55.43  ? 17  MET A CB  1 
ATOM   122 C  CG  . MET A 1 18 ? 1.435   -7.405  -8.266  1.00 64.69  ? 17  MET A CG  1 
ATOM   123 S  SD  . MET A 1 18 ? 3.224   -7.253  -8.037  1.00 70.26  ? 17  MET A SD  1 
ATOM   124 C  CE  . MET A 1 18 ? 3.352   -5.847  -6.957  1.00 49.64  ? 17  MET A CE  1 
ATOM   125 N  N   . GLN A 1 19 ? -1.924  -4.152  -8.523  1.00 43.33  ? 18  GLN A N   1 
ATOM   126 C  CA  . GLN A 1 19 ? -2.746  -3.056  -8.028  1.00 50.15  ? 18  GLN A CA  1 
ATOM   127 C  C   . GLN A 1 19 ? -4.123  -3.550  -7.590  1.00 50.86  ? 18  GLN A C   1 
ATOM   128 O  O   . GLN A 1 19 ? -4.691  -3.040  -6.620  1.00 56.27  ? 18  GLN A O   1 
ATOM   129 C  CB  . GLN A 1 19 ? -2.884  -1.980  -9.088  1.00 45.06  ? 18  GLN A CB  1 
ATOM   130 C  CG  . GLN A 1 19 ? -1.587  -1.375  -9.538  1.00 45.45  ? 18  GLN A CG  1 
ATOM   131 C  CD  . GLN A 1 19 ? -1.816  -0.403  -10.641 1.00 50.26  ? 18  GLN A CD  1 
ATOM   132 O  OE1 . GLN A 1 19 ? -2.765  0.366   -10.585 1.00 49.32  ? 18  GLN A OE1 1 
ATOM   133 N  NE2 . GLN A 1 19 ? -0.979  -0.450  -11.677 1.00 54.96  ? 18  GLN A NE2 1 
ATOM   134 N  N   . GLN A 1 20 ? -4.681  -4.538  -8.290  1.00 46.05  ? 19  GLN A N   1 
ATOM   135 C  CA  . GLN A 1 20 ? -5.923  -5.144  -7.811  1.00 50.75  ? 19  GLN A CA  1 
ATOM   136 C  C   . GLN A 1 20 ? -5.699  -6.010  -6.583  1.00 48.92  ? 19  GLN A C   1 
ATOM   137 O  O   . GLN A 1 20 ? -6.587  -6.120  -5.723  1.00 47.14  ? 19  GLN A O   1 
ATOM   138 C  CB  . GLN A 1 20 ? -6.582  -5.983  -8.909  1.00 67.11  ? 19  GLN A CB  1 
ATOM   139 C  CG  . GLN A 1 20 ? -7.641  -5.210  -9.657  1.00 83.01  ? 19  GLN A CG  1 
ATOM   140 C  CD  . GLN A 1 20 ? -8.342  -4.210  -8.743  1.00 91.50  ? 19  GLN A CD  1 
ATOM   141 O  OE1 . GLN A 1 20 ? -8.002  -3.017  -8.732  1.00 93.41  ? 19  GLN A OE1 1 
ATOM   142 N  NE2 . GLN A 1 20 ? -9.307  -4.697  -7.949  1.00 96.63  ? 19  GLN A NE2 1 
ATOM   143 N  N   . ASP A 1 21 ? -4.553  -6.677  -6.507  1.00 41.92  ? 20  ASP A N   1 
ATOM   144 C  CA  . ASP A 1 21 ? -4.264  -7.474  -5.328  1.00 41.23  ? 20  ASP A CA  1 
ATOM   145 C  C   . ASP A 1 21 ? -4.080  -6.573  -4.108  1.00 45.86  ? 20  ASP A C   1 
ATOM   146 O  O   . ASP A 1 21 ? -4.644  -6.826  -3.039  1.00 42.10  ? 20  ASP A O   1 
ATOM   147 C  CB  . ASP A 1 21 ? -3.026  -8.328  -5.591  1.00 54.28  ? 20  ASP A CB  1 
ATOM   148 C  CG  . ASP A 1 21 ? -2.963  -9.539  -4.697  1.00 68.50  ? 20  ASP A CG  1 
ATOM   149 O  OD1 . ASP A 1 21 ? -4.034  -10.088 -4.352  1.00 75.54  ? 20  ASP A OD1 1 
ATOM   150 O  OD2 . ASP A 1 21 ? -1.840  -9.942  -4.335  1.00 74.60  ? 20  ASP A OD2 1 
ATOM   151 N  N   . SER A 1 22 ? -3.322  -5.491  -4.268  1.00 40.50  ? 21  SER A N   1 
ATOM   152 C  CA  . SER A 1 22 ? -3.161  -4.519  -3.195  1.00 35.49  ? 21  SER A CA  1 
ATOM   153 C  C   . SER A 1 22 ? -4.501  -4.076  -2.649  1.00 35.38  ? 21  SER A C   1 
ATOM   154 O  O   . SER A 1 22 ? -4.734  -4.101  -1.437  1.00 37.39  ? 21  SER A O   1 
ATOM   155 C  CB  . SER A 1 22 ? -2.404  -3.298  -3.717  1.00 34.70  ? 21  SER A CB  1 
ATOM   156 O  OG  . SER A 1 22 ? -1.152  -3.648  -4.268  1.00 41.74  ? 21  SER A OG  1 
ATOM   157 N  N   . VAL A 1 23 ? -5.382  -3.619  -3.531  1.00 36.48  ? 22  VAL A N   1 
ATOM   158 C  CA  . VAL A 1 23 ? -6.663  -3.092  -3.095  1.00 36.53  ? 22  VAL A CA  1 
ATOM   159 C  C   . VAL A 1 23 ? -7.453  -4.166  -2.375  1.00 46.24  ? 22  VAL A C   1 
ATOM   160 O  O   . VAL A 1 23 ? -8.018  -3.932  -1.292  1.00 40.70  ? 22  VAL A O   1 
ATOM   161 C  CB  . VAL A 1 23 ? -7.433  -2.519  -4.295  1.00 47.58  ? 22  VAL A CB  1 
ATOM   162 C  CG1 . VAL A 1 23 ? -8.888  -2.304  -3.922  1.00 49.18  ? 22  VAL A CG1 1 
ATOM   163 C  CG2 . VAL A 1 23 ? -6.792  -1.212  -4.719  1.00 37.40  ? 22  VAL A CG2 1 
ATOM   164 N  N   . GLU A 1 24 ? -7.478  -5.369  -2.942  1.00 45.63  ? 23  GLU A N   1 
ATOM   165 C  CA  . GLU A 1 24 ? -8.217  -6.451  -2.313  1.00 47.30  ? 23  GLU A CA  1 
ATOM   166 C  C   . GLU A 1 24 ? -7.609  -6.800  -0.965  1.00 43.46  ? 23  GLU A C   1 
ATOM   167 O  O   . GLU A 1 24 ? -8.331  -6.932  0.028   1.00 44.62  ? 23  GLU A O   1 
ATOM   168 C  CB  . GLU A 1 24 ? -8.250  -7.663  -3.238  1.00 56.01  ? 23  GLU A CB  1 
ATOM   169 C  CG  . GLU A 1 24 ? -8.793  -8.916  -2.584  1.00 70.26  ? 23  GLU A CG  1 
ATOM   170 C  CD  . GLU A 1 24 ? -8.601  -10.147 -3.463  1.00 83.76  ? 23  GLU A CD  1 
ATOM   171 O  OE1 . GLU A 1 24 ? -7.740  -10.096 -4.383  1.00 90.28  ? 23  GLU A OE1 1 
ATOM   172 O  OE2 . GLU A 1 24 ? -9.315  -11.156 -3.241  1.00 85.63  ? 23  GLU A OE2 1 
ATOM   173 N  N   . CYS A 1 25 ? -6.280  -6.885  -0.892  1.00 41.80  ? 24  CYS A N   1 
ATOM   174 C  CA  . CYS A 1 25 ? -5.635  -7.239  0.372   1.00 46.45  ? 24  CYS A CA  1 
ATOM   175 C  C   . CYS A 1 25 ? -5.845  -6.153  1.430   1.00 44.53  ? 24  CYS A C   1 
ATOM   176 O  O   . CYS A 1 25 ? -6.083  -6.455  2.611   1.00 46.54  ? 24  CYS A O   1 
ATOM   177 C  CB  . CYS A 1 25 ? -4.150  -7.486  0.112   1.00 49.94  ? 24  CYS A CB  1 
ATOM   178 S  SG  . CYS A 1 25 ? -3.289  -8.352  1.349   1.00 51.88  ? 24  CYS A SG  1 
ATOM   179 N  N   . ALA A 1 26 ? -5.775  -4.878  1.029   1.00 40.22  ? 25  ALA A N   1 
ATOM   180 C  CA  . ALA A 1 26 ? -6.087  -3.804  1.974   1.00 36.56  ? 25  ALA A CA  1 
ATOM   181 C  C   . ALA A 1 26 ? -7.539  -3.872  2.421   1.00 35.96  ? 25  ALA A C   1 
ATOM   182 O  O   . ALA A 1 26 ? -7.852  -3.629  3.598   1.00 31.62  ? 25  ALA A O   1 
ATOM   183 C  CB  . ALA A 1 26 ? -5.781  -2.449  1.345   1.00 34.44  ? 25  ALA A CB  1 
ATOM   184 N  N   . THR A 1 27 ? -8.443  -4.213  1.497   1.00 34.05  ? 26  THR A N   1 
ATOM   185 C  CA  . THR A 1 27 ? -9.838  -4.408  1.861   1.00 34.84  ? 26  THR A CA  1 
ATOM   186 C  C   . THR A 1 27 ? -9.971  -5.463  2.948   1.00 38.50  ? 26  THR A C   1 
ATOM   187 O  O   . THR A 1 27 ? -10.614 -5.229  3.971   1.00 41.64  ? 26  THR A O   1 
ATOM   188 C  CB  . THR A 1 27 ? -10.653 -4.785  0.630   1.00 40.58  ? 26  THR A CB  1 
ATOM   189 O  OG1 . THR A 1 27 ? -10.662 -3.680  -0.297  1.00 44.85  ? 26  THR A OG1 1 
ATOM   190 C  CG2 . THR A 1 27 ? -12.074 -5.134  1.030   1.00 43.90  ? 26  THR A CG2 1 
ATOM   191 N  N   . GLN A 1 28 ? -9.337  -6.621  2.774   1.00 38.16  ? 27  GLN A N   1 
ATOM   192 C  CA  . GLN A 1 28 ? -9.423  -7.630  3.826   1.00 41.34  ? 27  GLN A CA  1 
ATOM   193 C  C   . GLN A 1 28 ? -8.836  -7.134  5.133   1.00 40.63  ? 27  GLN A C   1 
ATOM   194 O  O   . GLN A 1 28 ? -9.388  -7.398  6.202   1.00 40.98  ? 27  GLN A O   1 
ATOM   195 C  CB  . GLN A 1 28 ? -8.717  -8.895  3.402   1.00 52.88  ? 27  GLN A CB  1 
ATOM   196 C  CG  . GLN A 1 28 ? -9.461  -9.575  2.307   1.00 65.94  ? 27  GLN A CG  1 
ATOM   197 C  CD  . GLN A 1 28 ? -8.686  -10.725 1.808   1.00 76.45  ? 27  GLN A CD  1 
ATOM   198 O  OE1 . GLN A 1 28 ? -7.976  -11.366 2.586   1.00 79.68  ? 27  GLN A OE1 1 
ATOM   199 N  NE2 . GLN A 1 28 ? -8.769  -10.989 0.500   1.00 79.60  ? 27  GLN A NE2 1 
ATOM   200 N  N   . ALA A 1 29 ? -7.717  -6.419  5.068   1.00 33.04  ? 28  ALA A N   1 
ATOM   201 C  CA  . ALA A 1 29 ? -7.097  -5.905  6.278   1.00 31.50  ? 28  ALA A CA  1 
ATOM   202 C  C   . ALA A 1 29 ? -8.011  -4.932  7.018   1.00 30.48  ? 28  ALA A C   1 
ATOM   203 O  O   . ALA A 1 29 ? -8.089  -4.964  8.250   1.00 34.14  ? 28  ALA A O   1 
ATOM   204 C  CB  . ALA A 1 29 ? -5.772  -5.230  5.936   1.00 30.54  ? 28  ALA A CB  1 
ATOM   205 N  N   . LEU A 1 30 ? -8.686  -4.044  6.295   1.00 34.42  ? 29  LEU A N   1 
ATOM   206 C  CA  . LEU A 1 30 ? -9.588  -3.109  6.954   1.00 39.69  ? 29  LEU A CA  1 
ATOM   207 C  C   . LEU A 1 30 ? -10.801 -3.818  7.529   1.00 43.24  ? 29  LEU A C   1 
ATOM   208 O  O   . LEU A 1 30 ? -11.394 -3.333  8.497   1.00 44.42  ? 29  LEU A O   1 
ATOM   209 C  CB  . LEU A 1 30 ? -10.067 -2.028  5.994   1.00 36.39  ? 29  LEU A CB  1 
ATOM   210 C  CG  . LEU A 1 30 ? -9.128  -0.912  5.605   1.00 41.34  ? 29  LEU A CG  1 
ATOM   211 C  CD1 . LEU A 1 30 ? -9.841  0.042   4.659   1.00 47.62  ? 29  LEU A CD1 1 
ATOM   212 C  CD2 . LEU A 1 30 ? -8.728  -0.197  6.806   1.00 37.84  ? 29  LEU A CD2 1 
ATOM   213 N  N   . GLU A 1 31 ? -11.204 -4.942  6.933   1.00 41.83  ? 30  GLU A N   1 
ATOM   214 C  CA  . GLU A 1 31 ? -12.296 -5.714  7.513   1.00 41.37  ? 30  GLU A CA  1 
ATOM   215 C  C   . GLU A 1 31 ? -11.869 -6.350  8.824   1.00 44.88  ? 30  GLU A C   1 
ATOM   216 O  O   . GLU A 1 31 ? -12.653 -6.429  9.775   1.00 45.88  ? 30  GLU A O   1 
ATOM   217 C  CB  . GLU A 1 31 ? -12.788 -6.776  6.530   1.00 47.00  ? 30  GLU A CB  1 
ATOM   218 C  CG  . GLU A 1 31 ? -13.572 -6.191  5.345   1.00 61.42  ? 30  GLU A CG  1 
ATOM   219 C  CD  . GLU A 1 31 ? -13.840 -7.198  4.218   1.00 75.26  ? 30  GLU A CD  1 
ATOM   220 O  OE1 . GLU A 1 31 ? -13.493 -8.392  4.380   1.00 81.86  ? 30  GLU A OE1 1 
ATOM   221 O  OE2 . GLU A 1 31 ? -14.395 -6.786  3.168   1.00 80.22  ? 30  GLU A OE2 1 
ATOM   222 N  N   . LYS A 1 32 ? -10.624 -6.780  8.904   1.00 43.00  ? 31  LYS A N   1 
ATOM   223 C  CA  . LYS A 1 32 ? -10.179 -7.493  10.082  1.00 36.52  ? 31  LYS A CA  1 
ATOM   224 C  C   . LYS A 1 32 ? -9.734  -6.564  11.207  1.00 36.54  ? 31  LYS A C   1 
ATOM   225 O  O   . LYS A 1 32 ? -9.991  -6.847  12.377  1.00 32.68  ? 31  LYS A O   1 
ATOM   226 C  CB  . LYS A 1 32 ? -9.051  -8.448  9.691   1.00 37.24  ? 31  LYS A CB  1 
ATOM   227 C  CG  . LYS A 1 32 ? -8.399  -9.106  10.881  1.00 39.09  ? 31  LYS A CG  1 
ATOM   228 C  CD  . LYS A 1 32 ? -7.570  -10.315 10.509  1.00 45.43  ? 31  LYS A CD  1 
ATOM   229 C  CE  . LYS A 1 32 ? -6.833  -10.806 11.751  1.00 51.77  ? 31  LYS A CE  1 
ATOM   230 N  NZ  . LYS A 1 32 ? -6.376  -12.227 11.743  1.00 56.52  ? 31  LYS A NZ  1 
ATOM   231 N  N   . TYR A 1 33 ? -9.075  -5.453  10.896  1.00 33.81  ? 32  TYR A N   1 
ATOM   232 C  CA  . TYR A 1 33 ? -8.434  -4.623  11.904  1.00 30.43  ? 32  TYR A CA  1 
ATOM   233 C  C   . TYR A 1 33 ? -8.897  -3.176  11.820  1.00 37.25  ? 32  TYR A C   1 
ATOM   234 O  O   . TYR A 1 33 ? -9.184  -2.655  10.737  1.00 31.58  ? 32  TYR A O   1 
ATOM   235 C  CB  . TYR A 1 33 ? -6.925  -4.594  11.719  1.00 34.75  ? 32  TYR A CB  1 
ATOM   236 C  CG  . TYR A 1 33 ? -6.208  -5.893  11.849  1.00 37.27  ? 32  TYR A CG  1 
ATOM   237 C  CD1 . TYR A 1 33 ? -5.937  -6.443  13.095  1.00 39.25  ? 32  TYR A CD1 1 
ATOM   238 C  CD2 . TYR A 1 33 ? -5.746  -6.543  10.729  1.00 38.65  ? 32  TYR A CD2 1 
ATOM   239 C  CE1 . TYR A 1 33 ? -5.239  -7.643  13.217  1.00 44.84  ? 32  TYR A CE1 1 
ATOM   240 C  CE2 . TYR A 1 33 ? -5.056  -7.731  10.828  1.00 44.40  ? 32  TYR A CE2 1 
ATOM   241 C  CZ  . TYR A 1 33 ? -4.798  -8.280  12.070  1.00 47.65  ? 32  TYR A CZ  1 
ATOM   242 O  OH  . TYR A 1 33 ? -4.102  -9.473  12.133  1.00 48.26  ? 32  TYR A OH  1 
ATOM   243 N  N   . ASN A 1 34 ? -8.859  -2.499  12.967  1.00 30.42  ? 33  ASN A N   1 
ATOM   244 C  CA  . ASN A 1 34 ? -9.163  -1.078  13.025  1.00 30.31  ? 33  ASN A CA  1 
ATOM   245 C  C   . ASN A 1 34 ? -7.969  -0.187  13.261  1.00 29.60  ? 33  ASN A C   1 
ATOM   246 O  O   . ASN A 1 34 ? -8.070  1.006   12.999  1.00 40.18  ? 33  ASN A O   1 
ATOM   247 C  CB  . ASN A 1 34 ? -10.153 -0.765  14.152  1.00 32.65  ? 33  ASN A CB  1 
ATOM   248 C  CG  . ASN A 1 34 ? -11.467 -1.368  13.914  1.00 41.80  ? 33  ASN A CG  1 
ATOM   249 O  OD1 . ASN A 1 34 ? -11.998 -1.309  12.795  1.00 48.05  ? 33  ASN A OD1 1 
ATOM   250 N  ND2 . ASN A 1 34 ? -12.015 -1.990  14.945  1.00 43.70  ? 33  ASN A ND2 1 
ATOM   251 N  N   . ILE A 1 35 ? -6.890  -0.690  13.831  1.00 26.63  ? 34  ILE A N   1 
ATOM   252 C  CA  . ILE A 1 35 ? -5.752  0.154   14.184  1.00 25.63  ? 34  ILE A CA  1 
ATOM   253 C  C   . ILE A 1 35 ? -4.806  0.193   12.984  1.00 28.04  ? 34  ILE A C   1 
ATOM   254 O  O   . ILE A 1 35 ? -4.519  -0.845  12.391  1.00 30.43  ? 34  ILE A O   1 
ATOM   255 C  CB  . ILE A 1 35 ? -5.063  -0.382  15.454  1.00 28.02  ? 34  ILE A CB  1 
ATOM   256 C  CG1 . ILE A 1 35 ? -6.095  -0.502  16.588  1.00 27.75  ? 34  ILE A CG1 1 
ATOM   257 C  CG2 . ILE A 1 35 ? -3.884  0.514   15.839  1.00 25.78  ? 34  ILE A CG2 1 
ATOM   258 C  CD1 . ILE A 1 35 ? -5.601  -1.237  17.825  1.00 34.11  ? 34  ILE A CD1 1 
ATOM   259 N  N   . GLU A 1 36 ? -4.347  1.395   12.604  1.00 27.37  ? 35  GLU A N   1 
ATOM   260 C  CA  . GLU A 1 36 ? -3.576  1.557   11.361  1.00 26.42  ? 35  GLU A CA  1 
ATOM   261 C  C   . GLU A 1 36 ? -2.307  0.703   11.331  1.00 22.95  ? 35  GLU A C   1 
ATOM   262 O  O   . GLU A 1 36 ? -1.965  0.119   10.293  1.00 24.38  ? 35  GLU A O   1 
ATOM   263 C  CB  . GLU A 1 36 ? -3.217  3.031   11.165  1.00 21.21  ? 35  GLU A CB  1 
ATOM   264 C  CG  . GLU A 1 36 ? -4.468  3.867   10.843  1.00 25.81  ? 35  GLU A CG  1 
ATOM   265 C  CD  . GLU A 1 36 ? -4.241  5.362   10.989  1.00 31.47  ? 35  GLU A CD  1 
ATOM   266 O  OE1 . GLU A 1 36 ? -3.248  5.763   11.620  1.00 29.77  ? 35  GLU A OE1 1 
ATOM   267 O  OE2 . GLU A 1 36 ? -5.033  6.148   10.436  1.00 33.70  ? 35  GLU A OE2 1 
ATOM   268 N  N   . LYS A 1 37 ? -1.587  0.602   12.445  1.00 18.76  ? 36  LYS A N   1 
ATOM   269 C  CA  . LYS A 1 37 ? -0.380  -0.228  12.404  1.00 22.44  ? 36  LYS A CA  1 
ATOM   270 C  C   . LYS A 1 37 ? -0.718  -1.696  12.186  1.00 25.83  ? 36  LYS A C   1 
ATOM   271 O  O   . LYS A 1 37 ? 0.044   -2.412  11.526  1.00 22.36  ? 36  LYS A O   1 
ATOM   272 C  CB  . LYS A 1 37 ? 0.462   -0.064  13.675  1.00 29.48  ? 36  LYS A CB  1 
ATOM   273 C  CG  . LYS A 1 37 ? -0.126  -0.680  14.906  1.00 30.73  ? 36  LYS A CG  1 
ATOM   274 C  CD  . LYS A 1 37 ? 0.807   -0.503  16.090  1.00 44.09  ? 36  LYS A CD  1 
ATOM   275 C  CE  . LYS A 1 37 ? 0.128   -0.938  17.393  1.00 57.08  ? 36  LYS A CE  1 
ATOM   276 N  NZ  . LYS A 1 37 ? -0.179  -2.410  17.390  1.00 66.18  ? 36  LYS A NZ  1 
ATOM   277 N  N   . ASP A 1 38 ? -1.840  -2.176  12.743  1.00 28.75  ? 37  ASP A N   1 
ATOM   278 C  CA  . ASP A 1 38 ? -2.232  -3.563  12.485  1.00 27.98  ? 37  ASP A CA  1 
ATOM   279 C  C   . ASP A 1 38 ? -2.664  -3.767  11.027  1.00 30.10  ? 37  ASP A C   1 
ATOM   280 O  O   . ASP A 1 38 ? -2.386  -4.814  10.435  1.00 26.04  ? 37  ASP A O   1 
ATOM   281 C  CB  . ASP A 1 38 ? -3.384  -3.981  13.392  1.00 31.23  ? 37  ASP A CB  1 
ATOM   282 C  CG  . ASP A 1 38 ? -3.020  -4.005  14.886  1.00 38.97  ? 37  ASP A CG  1 
ATOM   283 O  OD1 . ASP A 1 38 ? -1.834  -4.202  15.221  1.00 38.57  ? 37  ASP A OD1 1 
ATOM   284 O  OD2 . ASP A 1 38 ? -3.962  -3.856  15.714  1.00 42.64  ? 37  ASP A OD2 1 
ATOM   285 N  N   . ILE A 1 39 ? -3.410  -2.815  10.452  1.00 24.47  ? 38  ILE A N   1 
ATOM   286 C  CA  . ILE A 1 39 ? -3.714  -2.891  9.016   1.00 23.60  ? 38  ILE A CA  1 
ATOM   287 C  C   . ILE A 1 39 ? -2.426  -2.978  8.204   1.00 28.02  ? 38  ILE A C   1 
ATOM   288 O  O   . ILE A 1 39 ? -2.270  -3.854  7.342   1.00 24.34  ? 38  ILE A O   1 
ATOM   289 C  CB  . ILE A 1 39 ? -4.576  -1.701  8.565   1.00 26.37  ? 38  ILE A CB  1 
ATOM   290 C  CG1 . ILE A 1 39 ? -5.954  -1.803  9.181   1.00 25.74  ? 38  ILE A CG1 1 
ATOM   291 C  CG2 . ILE A 1 39 ? -4.736  -1.683  6.992   1.00 21.48  ? 38  ILE A CG2 1 
ATOM   292 C  CD1 . ILE A 1 39 ? -6.538  -0.477  9.429   1.00 22.38  ? 38  ILE A CD1 1 
ATOM   293 N  N   . ALA A 1 40 ? -1.482  -2.059  8.466   1.00 25.81  ? 39  ALA A N   1 
ATOM   294 C  CA  . ALA A 1 40 ? -0.219  -2.028  7.715   1.00 21.76  ? 39  ALA A CA  1 
ATOM   295 C  C   . ALA A 1 40 ? 0.545   -3.344  7.859   1.00 23.69  ? 39  ALA A C   1 
ATOM   296 O  O   . ALA A 1 40 ? 1.089   -3.864  6.873   1.00 27.15  ? 39  ALA A O   1 
ATOM   297 C  CB  . ALA A 1 40 ? 0.646   -0.843  8.199   1.00 20.18  ? 39  ALA A CB  1 
ATOM   298 N  N   . ALA A 1 41 ? 0.595   -3.904  9.072   1.00 24.23  ? 40  ALA A N   1 
ATOM   299 C  CA  . ALA A 1 41 ? 1.290   -5.167  9.277   1.00 26.24  ? 40  ALA A CA  1 
ATOM   300 C  C   . ALA A 1 41 ? 0.658   -6.290  8.457   1.00 36.27  ? 40  ALA A C   1 
ATOM   301 O  O   . ALA A 1 41 ? 1.366   -7.110  7.872   1.00 34.54  ? 40  ALA A O   1 
ATOM   302 C  CB  . ALA A 1 41 ? 1.287   -5.539  10.759  1.00 26.95  ? 40  ALA A CB  1 
ATOM   303 N  N   . HIS A 1 42 ? -0.672  -6.356  8.413   1.00 28.23  ? 41  HIS A N   1 
ATOM   304 C  CA  . HIS A 1 42 ? -1.323  -7.436  7.675   1.00 30.19  ? 41  HIS A CA  1 
ATOM   305 C  C   . HIS A 1 42 ? -0.967  -7.371  6.201   1.00 35.39  ? 41  HIS A C   1 
ATOM   306 O  O   . HIS A 1 42 ? -0.613  -8.383  5.577   1.00 32.30  ? 41  HIS A O   1 
ATOM   307 C  CB  . HIS A 1 42 ? -2.831  -7.350  7.856   1.00 30.21  ? 41  HIS A CB  1 
ATOM   308 C  CG  . HIS A 1 42 ? -3.581  -8.352  7.050   1.00 45.37  ? 41  HIS A CG  1 
ATOM   309 N  ND1 . HIS A 1 42 ? -3.918  -9.593  7.543   1.00 48.55  ? 41  HIS A ND1 1 
ATOM   310 C  CD2 . HIS A 1 42 ? -4.020  -8.320  5.768   1.00 45.89  ? 41  HIS A CD2 1 
ATOM   311 C  CE1 . HIS A 1 42 ? -4.547  -10.275 6.604   1.00 53.01  ? 41  HIS A CE1 1 
ATOM   312 N  NE2 . HIS A 1 42 ? -4.621  -9.525  5.515   1.00 51.08  ? 41  HIS A NE2 1 
ATOM   313 N  N   . ILE A 1 43 ? -1.033  -6.171  5.630   1.00 33.61  ? 42  ILE A N   1 
ATOM   314 C  CA  . ILE A 1 43 ? -0.752  -5.994  4.212   1.00 30.96  ? 42  ILE A CA  1 
ATOM   315 C  C   . ILE A 1 43 ? 0.709   -6.311  3.909   1.00 33.38  ? 42  ILE A C   1 
ATOM   316 O  O   . ILE A 1 43 ? 1.030   -6.993  2.923   1.00 35.66  ? 42  ILE A O   1 
ATOM   317 C  CB  . ILE A 1 43 ? -1.105  -4.562  3.783   1.00 28.92  ? 42  ILE A CB  1 
ATOM   318 C  CG1 . ILE A 1 43 ? -2.597  -4.305  3.964   1.00 29.22  ? 42  ILE A CG1 1 
ATOM   319 C  CG2 . ILE A 1 43 ? -0.701  -4.371  2.354   1.00 26.78  ? 42  ILE A CG2 1 
ATOM   320 C  CD1 . ILE A 1 43 ? -2.964  -2.831  3.751   1.00 25.40  ? 42  ILE A CD1 1 
ATOM   321 N  N   . LYS A 1 44 ? 1.613   -5.785  4.729   1.00 29.90  ? 43  LYS A N   1 
ATOM   322 C  CA  . LYS A 1 44 ? 3.038   -6.003  4.518   1.00 30.39  ? 43  LYS A CA  1 
ATOM   323 C  C   . LYS A 1 44 ? 3.355   -7.484  4.555   1.00 31.58  ? 43  LYS A C   1 
ATOM   324 O  O   . LYS A 1 44 ? 4.060   -8.012  3.686   1.00 39.70  ? 43  LYS A O   1 
ATOM   325 C  CB  . LYS A 1 44 ? 3.837   -5.244  5.579   1.00 32.58  ? 43  LYS A CB  1 
ATOM   326 C  CG  . LYS A 1 44 ? 5.385   -5.369  5.510   1.00 34.59  ? 43  LYS A CG  1 
ATOM   327 C  CD  . LYS A 1 44 ? 5.901   -6.578  6.305   1.00 30.03  ? 43  LYS A CD  1 
ATOM   328 C  CE  . LYS A 1 44 ? 7.375   -6.419  6.623   1.00 37.16  ? 43  LYS A CE  1 
ATOM   329 N  NZ  . LYS A 1 44 ? 8.168   -6.450  5.377   1.00 31.18  ? 43  LYS A NZ  1 
ATOM   330 N  N   . LYS A 1 45 ? 2.832   -8.177  5.542   1.00 32.27  ? 44  LYS A N   1 
ATOM   331 C  CA  . LYS A 1 45 ? 3.153   -9.593  5.673   1.00 34.89  ? 44  LYS A CA  1 
ATOM   332 C  C   . LYS A 1 45 ? 2.554   -10.408 4.530   1.00 36.84  ? 44  LYS A C   1 
ATOM   333 O  O   . LYS A 1 45 ? 3.200   -11.335 4.030   1.00 39.07  ? 44  LYS A O   1 
ATOM   334 C  CB  . LYS A 1 45 ? 2.677   -10.104 7.033   1.00 35.32  ? 44  LYS A CB  1 
ATOM   335 C  CG  . LYS A 1 45 ? 3.326   -9.400  8.237   1.00 33.84  ? 44  LYS A CG  1 
ATOM   336 C  CD  . LYS A 1 45 ? 2.634   -9.827  9.540   1.00 41.07  ? 44  LYS A CD  1 
ATOM   337 C  CE  . LYS A 1 45 ? 3.431   -9.460  10.785  1.00 42.89  ? 44  LYS A CE  1 
ATOM   338 N  NZ  . LYS A 1 45 ? 2.616   -9.842  11.985  1.00 51.96  ? 44  LYS A NZ  1 
ATOM   339 N  N   . GLU A 1 46 ? 1.331   -10.076 4.082   1.00 38.39  ? 45  GLU A N   1 
ATOM   340 C  CA  . GLU A 1 46 ? 0.760   -10.796 2.934   1.00 39.35  ? 45  GLU A CA  1 
ATOM   341 C  C   . GLU A 1 46 ? 1.601   -10.586 1.676   1.00 39.45  ? 45  GLU A C   1 
ATOM   342 O  O   . GLU A 1 46 ? 1.829   -11.533 0.920   1.00 41.31  ? 45  GLU A O   1 
ATOM   343 C  CB  . GLU A 1 46 ? -0.674  -10.346 2.658   1.00 47.39  ? 45  GLU A CB  1 
ATOM   344 C  CG  . GLU A 1 46 ? -1.666  -10.849 3.643   1.00 60.91  ? 45  GLU A CG  1 
ATOM   345 C  CD  . GLU A 1 46 ? -1.746  -12.361 3.624   1.00 71.57  ? 45  GLU A CD  1 
ATOM   346 O  OE1 . GLU A 1 46 ? -1.501  -12.949 2.545   1.00 77.01  ? 45  GLU A OE1 1 
ATOM   347 O  OE2 . GLU A 1 46 ? -2.052  -12.955 4.681   1.00 73.75  ? 45  GLU A OE2 1 
ATOM   348 N  N   . PHE A 1 47 ? 2.081   -9.351  1.438   1.00 36.65  ? 46  PHE A N   1 
ATOM   349 C  CA  . PHE A 1 47 ? 2.892   -9.097  0.242   1.00 38.24  ? 46  PHE A CA  1 
ATOM   350 C  C   . PHE A 1 47 ? 4.282   -9.729  0.324   1.00 40.35  ? 46  PHE A C   1 
ATOM   351 O  O   . PHE A 1 47 ? 4.788   -10.232 -0.691  1.00 41.13  ? 46  PHE A O   1 
ATOM   352 C  CB  . PHE A 1 47 ? 2.983   -7.610  -0.054  1.00 34.88  ? 46  PHE A CB  1 
ATOM   353 C  CG  . PHE A 1 47 ? 1.961   -7.174  -1.020  1.00 34.68  ? 46  PHE A CG  1 
ATOM   354 C  CD1 . PHE A 1 47 ? 0.622   -7.368  -0.745  1.00 43.43  ? 46  PHE A CD1 1 
ATOM   355 C  CD2 . PHE A 1 47 ? 2.316   -6.656  -2.241  1.00 41.13  ? 46  PHE A CD2 1 
ATOM   356 C  CE1 . PHE A 1 47 ? -0.360  -7.002  -1.651  1.00 43.20  ? 46  PHE A CE1 1 
ATOM   357 C  CE2 . PHE A 1 47 ? 1.345   -6.283  -3.156  1.00 43.28  ? 46  PHE A CE2 1 
ATOM   358 C  CZ  . PHE A 1 47 ? 0.002   -6.454  -2.859  1.00 43.87  ? 46  PHE A CZ  1 
ATOM   359 N  N   . ASP A 1 48 ? 4.901   -9.762  1.513   1.00 38.24  ? 47  ASP A N   1 
ATOM   360 C  CA  . ASP A 1 48 ? 6.134   -10.539 1.662   1.00 44.52  ? 47  ASP A CA  1 
ATOM   361 C  C   . ASP A 1 48 ? 5.919   -11.998 1.241   1.00 49.55  ? 47  ASP A C   1 
ATOM   362 O  O   . ASP A 1 48 ? 6.771   -12.589 0.572   1.00 49.52  ? 47  ASP A O   1 
ATOM   363 C  CB  . ASP A 1 48 ? 6.649   -10.454 3.109   1.00 46.62  ? 47  ASP A CB  1 
ATOM   364 C  CG  . ASP A 1 48 ? 7.532   -9.217  3.361   1.00 48.56  ? 47  ASP A CG  1 
ATOM   365 O  OD1 . ASP A 1 48 ? 7.686   -8.368  2.445   1.00 48.16  ? 47  ASP A OD1 1 
ATOM   366 O  OD2 . ASP A 1 48 ? 8.077   -9.086  4.480   1.00 49.68  ? 47  ASP A OD2 1 
ATOM   367 N  N   . LYS A 1 49 ? 4.766   -12.579 1.597   1.00 43.75  ? 48  LYS A N   1 
ATOM   368 C  CA  . LYS A 1 49 ? 4.447   -13.949 1.194   1.00 48.22  ? 48  LYS A CA  1 
ATOM   369 C  C   . LYS A 1 49 ? 4.121   -14.028 -0.293  1.00 49.63  ? 48  LYS A C   1 
ATOM   370 O  O   . LYS A 1 49 ? 4.810   -14.716 -1.050  1.00 54.53  ? 48  LYS A O   1 
ATOM   371 C  CB  . LYS A 1 49 ? 3.266   -14.484 2.012   1.00 50.63  ? 48  LYS A CB  1 
ATOM   372 C  CG  . LYS A 1 49 ? 3.610   -14.964 3.423   1.00 60.76  ? 48  LYS A CG  1 
ATOM   373 C  CD  . LYS A 1 49 ? 2.466   -15.785 4.088   1.00 73.69  ? 48  LYS A CD  1 
ATOM   374 C  CE  . LYS A 1 49 ? 1.173   -14.964 4.365   1.00 79.89  ? 48  LYS A CE  1 
ATOM   375 N  NZ  . LYS A 1 49 ? 1.270   -13.810 5.359   1.00 81.79  ? 48  LYS A NZ  1 
ATOM   376 N  N   . LYS A 1 50 ? 3.078   -13.303 -0.730  1.00 46.86  ? 49  LYS A N   1 
ATOM   377 C  CA  . LYS A 1 50 ? 2.564   -13.419 -2.094  1.00 54.13  ? 49  LYS A CA  1 
ATOM   378 C  C   . LYS A 1 50 ? 3.592   -12.980 -3.137  1.00 58.09  ? 49  LYS A C   1 
ATOM   379 O  O   . LYS A 1 50 ? 3.644   -13.574 -4.221  1.00 56.93  ? 49  LYS A O   1 
ATOM   380 C  CB  . LYS A 1 50 ? 1.252   -12.623 -2.264  1.00 52.50  ? 49  LYS A CB  1 
ATOM   381 C  CG  . LYS A 1 50 ? -0.008  -13.289 -1.663  1.00 57.62  ? 49  LYS A CG  1 
ATOM   382 C  CD  . LYS A 1 50 ? -1.331  -12.523 -1.924  1.00 61.10  ? 49  LYS A CD  1 
ATOM   383 C  CE  . LYS A 1 50 ? -1.324  -11.101 -1.343  1.00 61.44  ? 49  LYS A CE  1 
ATOM   384 N  NZ  . LYS A 1 50 ? -2.680  -10.537 -1.010  1.00 62.83  ? 49  LYS A NZ  1 
ATOM   385 N  N   . TYR A 1 51 ? 4.447   -11.987 -2.829  1.00 54.11  ? 50  TYR A N   1 
ATOM   386 C  CA  . TYR A 1 51 ? 5.357   -11.436 -3.834  1.00 47.49  ? 50  TYR A CA  1 
ATOM   387 C  C   . TYR A 1 51 ? 6.814   -11.327 -3.381  1.00 50.10  ? 50  TYR A C   1 
ATOM   388 O  O   . TYR A 1 51 ? 7.583   -10.591 -4.005  1.00 54.75  ? 50  TYR A O   1 
ATOM   389 C  CB  . TYR A 1 51 ? 4.866   -10.065 -4.290  1.00 45.08  ? 50  TYR A CB  1 
ATOM   390 C  CG  . TYR A 1 51 ? 3.483   -10.097 -4.889  1.00 50.50  ? 50  TYR A CG  1 
ATOM   391 C  CD1 . TYR A 1 51 ? 3.258   -10.655 -6.145  1.00 52.79  ? 50  TYR A CD1 1 
ATOM   392 C  CD2 . TYR A 1 51 ? 2.395   -9.570  -4.198  1.00 51.21  ? 50  TYR A CD2 1 
ATOM   393 C  CE1 . TYR A 1 51 ? 1.991   -10.686 -6.701  1.00 55.35  ? 50  TYR A CE1 1 
ATOM   394 C  CE2 . TYR A 1 51 ? 1.125   -9.592  -4.743  1.00 54.34  ? 50  TYR A CE2 1 
ATOM   395 C  CZ  . TYR A 1 51 ? 0.929   -10.149 -5.999  1.00 56.56  ? 50  TYR A CZ  1 
ATOM   396 O  OH  . TYR A 1 51 ? -0.331  -10.172 -6.544  1.00 57.84  ? 50  TYR A OH  1 
ATOM   397 N  N   . ASN A 1 52 ? 7.219   -12.040 -2.316  1.00 49.58  ? 51  ASN A N   1 
ATOM   398 C  CA  . ASN A 1 52 ? 8.610   -12.115 -1.845  1.00 54.39  ? 51  ASN A CA  1 
ATOM   399 C  C   . ASN A 1 52 ? 9.001   -10.815 -1.143  1.00 51.31  ? 51  ASN A C   1 
ATOM   400 O  O   . ASN A 1 52 ? 8.533   -9.739  -1.543  1.00 50.43  ? 51  ASN A O   1 
ATOM   401 C  CB  . ASN A 1 52 ? 9.582   -12.427 -2.996  1.00 63.94  ? 51  ASN A CB  1 
ATOM   402 C  CG  . ASN A 1 52 ? 9.289   -13.795 -3.702  1.00 76.41  ? 51  ASN A CG  1 
ATOM   403 O  OD1 . ASN A 1 52 ? 9.637   -13.977 -4.872  1.00 78.12  ? 51  ASN A OD1 1 
ATOM   404 N  ND2 . ASN A 1 52 ? 8.651   -14.743 -2.986  1.00 75.38  ? 51  ASN A ND2 1 
ATOM   405 N  N   . PRO A 1 53 ? 9.832   -10.860 -0.072  1.00 50.32  ? 52  PRO A N   1 
ATOM   406 C  CA  . PRO A 1 53 ? 10.346  -9.686  0.663   1.00 48.14  ? 52  PRO A CA  1 
ATOM   407 C  C   . PRO A 1 53 ? 11.130  -8.717  -0.229  1.00 48.47  ? 52  PRO A C   1 
ATOM   408 O  O   . PRO A 1 53 ? 11.489  -9.132  -1.316  1.00 51.88  ? 52  PRO A O   1 
ATOM   409 C  CB  . PRO A 1 53 ? 11.260  -10.306 1.733   1.00 46.54  ? 52  PRO A CB  1 
ATOM   410 C  CG  . PRO A 1 53 ? 11.381  -11.741 1.394   1.00 47.26  ? 52  PRO A CG  1 
ATOM   411 C  CD  . PRO A 1 53 ? 10.160  -12.113 0.623   1.00 49.87  ? 52  PRO A CD  1 
ATOM   412 N  N   . THR A 1 54 ? 11.379  -7.465  0.161   1.00 45.37  ? 53  THR A N   1 
ATOM   413 C  CA  . THR A 1 54 ? 10.966  -6.865  1.415   1.00 44.61  ? 53  THR A CA  1 
ATOM   414 C  C   . THR A 1 54 ? 10.034  -5.683  1.182   1.00 39.90  ? 53  THR A C   1 
ATOM   415 O  O   . THR A 1 54 ? 10.421  -4.719  0.526   1.00 34.83  ? 53  THR A O   1 
ATOM   416 C  CB  . THR A 1 54 ? 12.167  -6.387  2.204   1.00 44.31  ? 53  THR A CB  1 
ATOM   417 O  OG1 . THR A 1 54 ? 12.904  -7.527  2.640   1.00 52.80  ? 53  THR A OG1 1 
ATOM   418 C  CG2 . THR A 1 54 ? 11.710  -5.615  3.403   1.00 38.67  ? 53  THR A CG2 1 
ATOM   419 N  N   . TRP A 1 55 ? 8.808   -5.784  1.704   1.00 39.25  ? 54  TRP A N   1 
ATOM   420 C  CA  . TRP A 1 55 ? 7.796   -4.754  1.524   1.00 36.43  ? 54  TRP A CA  1 
ATOM   421 C  C   . TRP A 1 55 ? 7.669   -3.906  2.773   1.00 33.51  ? 54  TRP A C   1 
ATOM   422 O  O   . TRP A 1 55 ? 8.018   -4.322  3.877   1.00 28.47  ? 54  TRP A O   1 
ATOM   423 C  CB  . TRP A 1 55 ? 6.429   -5.354  1.186   1.00 33.50  ? 54  TRP A CB  1 
ATOM   424 C  CG  . TRP A 1 55 ? 6.403   -6.022  -0.148  1.00 38.20  ? 54  TRP A CG  1 
ATOM   425 C  CD1 . TRP A 1 55 ? 6.815   -7.283  -0.430  1.00 36.30  ? 54  TRP A CD1 1 
ATOM   426 C  CD2 . TRP A 1 55 ? 5.959   -5.455  -1.391  1.00 36.33  ? 54  TRP A CD2 1 
ATOM   427 N  NE1 . TRP A 1 55 ? 6.635   -7.556  -1.768  1.00 39.68  ? 54  TRP A NE1 1 
ATOM   428 C  CE2 . TRP A 1 55 ? 6.114   -6.450  -2.382  1.00 40.14  ? 54  TRP A CE2 1 
ATOM   429 C  CE3 . TRP A 1 55 ? 5.426   -4.217  -1.758  1.00 37.13  ? 54  TRP A CE3 1 
ATOM   430 C  CZ2 . TRP A 1 55 ? 5.765   -6.245  -3.712  1.00 41.15  ? 54  TRP A CZ2 1 
ATOM   431 C  CZ3 . TRP A 1 55 ? 5.067   -4.015  -3.087  1.00 37.84  ? 54  TRP A CZ3 1 
ATOM   432 C  CH2 . TRP A 1 55 ? 5.242   -5.025  -4.046  1.00 40.74  ? 54  TRP A CH2 1 
ATOM   433 N  N   . HIS A 1 56 ? 7.132   -2.709  2.577   1.00 30.18  ? 55  HIS A N   1 
ATOM   434 C  CA  . HIS A 1 56 ? 6.879   -1.779  3.661   1.00 27.21  ? 55  HIS A CA  1 
ATOM   435 C  C   . HIS A 1 56 ? 5.517   -1.155  3.421   1.00 26.54  ? 55  HIS A C   1 
ATOM   436 O  O   . HIS A 1 56 ? 5.132   -0.911  2.268   1.00 26.18  ? 55  HIS A O   1 
ATOM   437 C  CB  . HIS A 1 56 ? 7.959   -0.691  3.717   1.00 29.75  ? 55  HIS A CB  1 
ATOM   438 C  CG  . HIS A 1 56 ? 9.348   -1.229  3.692   1.00 33.53  ? 55  HIS A CG  1 
ATOM   439 N  ND1 . HIS A 1 56 ? 10.032  -1.453  2.516   1.00 32.98  ? 55  HIS A ND1 1 
ATOM   440 C  CD2 . HIS A 1 56 ? 10.165  -1.636  4.693   1.00 25.26  ? 55  HIS A CD2 1 
ATOM   441 C  CE1 . HIS A 1 56 ? 11.219  -1.954  2.794   1.00 33.76  ? 55  HIS A CE1 1 
ATOM   442 N  NE2 . HIS A 1 56 ? 11.322  -2.080  4.108   1.00 35.10  ? 55  HIS A NE2 1 
ATOM   443 N  N   . CYS A 1 57 ? 4.786   -0.906  4.504   1.00 23.75  ? 56  CYS A N   1 
ATOM   444 C  CA  . CYS A 1 57 ? 3.432   -0.406  4.367   1.00 20.56  ? 56  CYS A CA  1 
ATOM   445 C  C   . CYS A 1 57 ? 3.156   0.673   5.403   1.00 20.48  ? 56  CYS A C   1 
ATOM   446 O  O   . CYS A 1 57 ? 3.414   0.485   6.599   1.00 21.53  ? 56  CYS A O   1 
ATOM   447 C  CB  . CYS A 1 57 ? 2.428   -1.556  4.511   1.00 25.45  ? 56  CYS A CB  1 
ATOM   448 S  SG  . CYS A 1 57 ? 0.740   -1.071  4.096   1.00 24.97  ? 56  CYS A SG  1 
ATOM   449 N  N   . ILE A 1 58 ? 2.588   1.787   4.942   1.00 19.26  ? 57  ILE A N   1 
ATOM   450 C  CA  . ILE A 1 58 ? 2.156   2.881   5.801   1.00 19.30  ? 57  ILE A CA  1 
ATOM   451 C  C   . ILE A 1 58 ? 0.670   3.063   5.554   1.00 20.58  ? 57  ILE A C   1 
ATOM   452 O  O   . ILE A 1 58 ? 0.234   3.091   4.398   1.00 19.13  ? 57  ILE A O   1 
ATOM   453 C  CB  . ILE A 1 58 ? 2.884   4.195   5.468   1.00 15.64  ? 57  ILE A CB  1 
ATOM   454 C  CG1 . ILE A 1 58 ? 4.401   3.984   5.261   1.00 17.49  ? 57  ILE A CG1 1 
ATOM   455 C  CG2 . ILE A 1 58 ? 2.500   5.256   6.463   1.00 13.83  ? 57  ILE A CG2 1 
ATOM   456 C  CD1 . ILE A 1 58 ? 5.025   3.319   6.370   1.00 25.58  ? 57  ILE A CD1 1 
ATOM   457 N  N   . VAL A 1 59 ? -0.093  3.238   6.615   1.00 15.23  ? 58  VAL A N   1 
ATOM   458 C  CA  . VAL A 1 59 ? -1.547  3.333   6.529   1.00 14.55  ? 58  VAL A CA  1 
ATOM   459 C  C   . VAL A 1 59 ? -1.934  4.519   7.383   1.00 20.23  ? 58  VAL A C   1 
ATOM   460 O  O   . VAL A 1 59 ? -1.556  4.571   8.566   1.00 19.37  ? 58  VAL A O   1 
ATOM   461 C  CB  . VAL A 1 59 ? -2.239  2.061   7.030   1.00 24.04  ? 58  VAL A CB  1 
ATOM   462 C  CG1 . VAL A 1 59 ? -3.753  2.253   7.079   1.00 17.47  ? 58  VAL A CG1 1 
ATOM   463 C  CG2 . VAL A 1 59 ? -1.902  0.918   6.107   1.00 20.80  ? 58  VAL A CG2 1 
ATOM   464 N  N   . GLY A 1 60 ? -2.647  5.488   6.804   1.00 18.24  ? 59  GLY A N   1 
ATOM   465 C  CA  . GLY A 1 60 ? -3.000  6.650   7.610   1.00 22.44  ? 59  GLY A CA  1 
ATOM   466 C  C   . GLY A 1 60 ? -3.905  7.646   6.919   1.00 21.63  ? 59  GLY A C   1 
ATOM   467 O  O   . GLY A 1 60 ? -4.122  7.602   5.706   1.00 28.48  ? 59  GLY A O   1 
ATOM   468 N  N   . ARG A 1 61 ? -4.370  8.601   7.716   1.00 19.92  ? 60  ARG A N   1 
ATOM   469 C  CA  . ARG A 1 61 ? -5.188  9.696   7.233   1.00 29.96  ? 60  ARG A CA  1 
ATOM   470 C  C   . ARG A 1 61 ? -4.399  10.972  6.978   1.00 30.66  ? 60  ARG A C   1 
ATOM   471 O  O   . ARG A 1 61 ? -4.914  11.872  6.322   1.00 28.32  ? 60  ARG A O   1 
ATOM   472 C  CB  . ARG A 1 61 ? -6.304  9.976   8.239   1.00 30.65  ? 60  ARG A CB  1 
ATOM   473 C  CG  . ARG A 1 61 ? -7.507  9.064   8.079   1.00 36.86  ? 60  ARG A CG  1 
ATOM   474 C  CD  . ARG A 1 61 ? -8.316  8.956   9.357   1.00 46.51  ? 60  ARG A CD  1 
ATOM   475 N  NE  . ARG A 1 61 ? -9.118  7.741   9.291   1.00 61.72  ? 60  ARG A NE  1 
ATOM   476 C  CZ  . ARG A 1 61 ? -10.367 7.705   8.841   1.00 77.82  ? 60  ARG A CZ  1 
ATOM   477 N  NH1 . ARG A 1 61 ? -10.949 8.837   8.459   1.00 87.06  ? 60  ARG A NH1 1 
ATOM   478 N  NH2 . ARG A 1 61 ? -11.042 6.557   8.791   1.00 81.66  ? 60  ARG A NH2 1 
ATOM   479 N  N   . ASN A 1 62 ? -3.182  11.100  7.485   1.00 19.69  ? 61  ASN A N   1 
ATOM   480 C  CA  . ASN A 1 62 ? -2.429  12.320  7.217   1.00 19.63  ? 61  ASN A CA  1 
ATOM   481 C  C   . ASN A 1 62 ? -0.955  11.998  7.290   1.00 21.76  ? 61  ASN A C   1 
ATOM   482 O  O   . ASN A 1 62 ? -0.431  11.840  8.398   1.00 18.85  ? 61  ASN A O   1 
ATOM   483 C  CB  . ASN A 1 62 ? -2.757  13.424  8.229   1.00 20.10  ? 61  ASN A CB  1 
ATOM   484 C  CG  . ASN A 1 62 ? -1.888  14.672  8.016   1.00 25.22  ? 61  ASN A CG  1 
ATOM   485 O  OD1 . ASN A 1 62 ? -0.880  14.844  8.663   1.00 29.42  ? 61  ASN A OD1 1 
ATOM   486 N  ND2 . ASN A 1 62 ? -2.269  15.505  7.067   1.00 31.06  ? 61  ASN A ND2 1 
ATOM   487 N  N   . PHE A 1 63 ? -0.293  11.922  6.137   1.00 19.18  ? 62  PHE A N   1 
ATOM   488 C  CA  . PHE A 1 63 ? 1.157   11.782  6.090   1.00 20.81  ? 62  PHE A CA  1 
ATOM   489 C  C   . PHE A 1 63 ? 1.622   12.112  4.689   1.00 20.63  ? 62  PHE A C   1 
ATOM   490 O  O   . PHE A 1 63 ? 0.856   12.053  3.752   1.00 20.11  ? 62  PHE A O   1 
ATOM   491 C  CB  . PHE A 1 63 ? 1.619   10.388  6.475   1.00 16.62  ? 62  PHE A CB  1 
ATOM   492 C  CG  . PHE A 1 63 ? 1.184   9.283   5.518   1.00 20.54  ? 62  PHE A CG  1 
ATOM   493 C  CD1 . PHE A 1 63 ? -0.089  8.694   5.637   1.00 15.43  ? 62  PHE A CD1 1 
ATOM   494 C  CD2 . PHE A 1 63 ? 2.044   8.802   4.536   1.00 20.91  ? 62  PHE A CD2 1 
ATOM   495 C  CE1 . PHE A 1 63 ? -0.499  7.650   4.784   1.00 16.48  ? 62  PHE A CE1 1 
ATOM   496 C  CE2 . PHE A 1 63 ? 1.650   7.734   3.652   1.00 14.62  ? 62  PHE A CE2 1 
ATOM   497 C  CZ  . PHE A 1 63 ? 0.389   7.155   3.778   1.00 17.57  ? 62  PHE A CZ  1 
ATOM   498 N  N   . GLY A 1 64 ? 2.878   12.504  4.576   1.00 15.78  ? 63  GLY A N   1 
ATOM   499 C  CA  . GLY A 1 64 ? 3.580   12.624  3.327   1.00 15.88  ? 63  GLY A CA  1 
ATOM   500 C  C   . GLY A 1 64 ? 4.795   11.728  3.425   1.00 18.38  ? 63  GLY A C   1 
ATOM   501 O  O   . GLY A 1 64 ? 5.196   11.367  4.530   1.00 17.12  ? 63  GLY A O   1 
ATOM   502 N  N   . SER A 1 65 ? 5.392   11.345  2.307   1.00 17.24  ? 64  SER A N   1 
ATOM   503 C  CA  . SER A 1 65 ? 6.446   10.349  2.349   1.00 16.70  ? 64  SER A CA  1 
ATOM   504 C  C   . SER A 1 65 ? 7.415   10.620  1.212   1.00 23.20  ? 64  SER A C   1 
ATOM   505 O  O   . SER A 1 65 ? 7.062   11.217  0.203   1.00 22.85  ? 64  SER A O   1 
ATOM   506 C  CB  . SER A 1 65 ? 5.853   8.940   2.193   1.00 16.71  ? 64  SER A CB  1 
ATOM   507 O  OG  . SER A 1 65 ? 5.416   8.764   0.871   1.00 37.56  ? 64  SER A OG  1 
ATOM   508 N  N   . TYR A 1 66 ? 8.635   10.150  1.370   1.00 19.79  ? 65  TYR A N   1 
ATOM   509 C  CA  . TYR A 1 66 ? 9.585   10.080  0.268   1.00 21.65  ? 65  TYR A CA  1 
ATOM   510 C  C   . TYR A 1 66 ? 10.423  8.826   0.458   1.00 27.82  ? 65  TYR A C   1 
ATOM   511 O  O   . TYR A 1 66 ? 11.117  8.673   1.466   1.00 26.31  ? 65  TYR A O   1 
ATOM   512 C  CB  . TYR A 1 66 ? 10.458  11.336  0.221   1.00 22.08  ? 65  TYR A CB  1 
ATOM   513 C  CG  . TYR A 1 66 ? 11.266  11.489  -1.041  1.00 26.34  ? 65  TYR A CG  1 
ATOM   514 C  CD1 . TYR A 1 66 ? 10.695  12.004  -2.198  1.00 31.23  ? 65  TYR A CD1 1 
ATOM   515 C  CD2 . TYR A 1 66 ? 12.607  11.143  -1.064  1.00 27.63  ? 65  TYR A CD2 1 
ATOM   516 C  CE1 . TYR A 1 66 ? 11.440  12.168  -3.348  1.00 34.81  ? 65  TYR A CE1 1 
ATOM   517 C  CE2 . TYR A 1 66 ? 13.359  11.308  -2.198  1.00 34.47  ? 65  TYR A CE2 1 
ATOM   518 C  CZ  . TYR A 1 66 ? 12.769  11.819  -3.347  1.00 40.08  ? 65  TYR A CZ  1 
ATOM   519 O  OH  . TYR A 1 66 ? 13.522  11.986  -4.489  1.00 47.80  ? 65  TYR A OH  1 
ATOM   520 N  N   . VAL A 1 67 ? 10.316  7.892   -0.475  1.00 29.64  ? 66  VAL A N   1 
ATOM   521 C  CA  . VAL A 1 67 ? 10.871  6.559   -0.283  1.00 25.47  ? 66  VAL A CA  1 
ATOM   522 C  C   . VAL A 1 67 ? 11.534  6.158   -1.585  1.00 31.83  ? 66  VAL A C   1 
ATOM   523 O  O   . VAL A 1 67 ? 11.296  6.754   -2.634  1.00 34.75  ? 66  VAL A O   1 
ATOM   524 C  CB  . VAL A 1 67 ? 9.795   5.524   0.098   1.00 24.43  ? 66  VAL A CB  1 
ATOM   525 C  CG1 . VAL A 1 67 ? 9.034   5.965   1.325   1.00 20.11  ? 66  VAL A CG1 1 
ATOM   526 C  CG2 . VAL A 1 67 ? 8.835   5.314   -1.087  1.00 26.10  ? 66  VAL A CG2 1 
ATOM   527 N  N   . THR A 1 68 ? 12.367  5.132   -1.504  1.00 35.73  ? 67  THR A N   1 
ATOM   528 C  CA  . THR A 1 68 ? 13.004  4.520   -2.655  1.00 40.31  ? 67  THR A CA  1 
ATOM   529 C  C   . THR A 1 68 ? 12.484  3.095   -2.775  1.00 40.84  ? 67  THR A C   1 
ATOM   530 O  O   . THR A 1 68 ? 12.489  2.350   -1.792  1.00 39.06  ? 67  THR A O   1 
ATOM   531 C  CB  . THR A 1 68 ? 14.519  4.553   -2.487  1.00 42.88  ? 67  THR A CB  1 
ATOM   532 O  OG1 . THR A 1 68 ? 14.937  5.915   -2.297  1.00 42.31  ? 67  THR A OG1 1 
ATOM   533 C  CG2 . THR A 1 68 ? 15.212  3.956   -3.692  1.00 46.73  ? 67  THR A CG2 1 
ATOM   534 N  N   . HIS A 1 69 ? 11.986  2.738   -3.951  1.00 35.14  ? 68  HIS A N   1 
ATOM   535 C  CA  . HIS A 1 69 ? 11.351  1.447   -4.198  1.00 38.14  ? 68  HIS A CA  1 
ATOM   536 C  C   . HIS A 1 69 ? 11.870  0.829   -5.490  1.00 42.59  ? 68  HIS A C   1 
ATOM   537 O  O   . HIS A 1 69 ? 12.222  1.551   -6.431  1.00 42.39  ? 68  HIS A O   1 
ATOM   538 C  CB  . HIS A 1 69 ? 9.850   1.604   -4.337  1.00 34.08  ? 68  HIS A CB  1 
ATOM   539 C  CG  . HIS A 1 69 ? 9.457   2.490   -5.480  1.00 36.41  ? 68  HIS A CG  1 
ATOM   540 N  ND1 . HIS A 1 69 ? 9.320   2.021   -6.769  1.00 44.44  ? 68  HIS A ND1 1 
ATOM   541 C  CD2 . HIS A 1 69 ? 9.196   3.817   -5.530  1.00 33.88  ? 68  HIS A CD2 1 
ATOM   542 C  CE1 . HIS A 1 69 ? 8.969   3.021   -7.562  1.00 48.61  ? 68  HIS A CE1 1 
ATOM   543 N  NE2 . HIS A 1 69 ? 8.888   4.122   -6.835  1.00 46.25  ? 68  HIS A NE2 1 
ATOM   544 N  N   . GLU A 1 70 ? 11.900  -0.513  -5.549  1.00 44.89  ? 69  GLU A N   1 
ATOM   545 C  CA  . GLU A 1 70 ? 12.167  -1.171  -6.824  1.00 52.01  ? 69  GLU A CA  1 
ATOM   546 C  C   . GLU A 1 70 ? 11.115  -0.767  -7.842  1.00 53.31  ? 69  GLU A C   1 
ATOM   547 O  O   . GLU A 1 70 ? 9.932   -0.652  -7.520  1.00 48.44  ? 69  GLU A O   1 
ATOM   548 C  CB  . GLU A 1 70 ? 12.135  -2.685  -6.696  1.00 55.88  ? 69  GLU A CB  1 
ATOM   549 C  CG  . GLU A 1 70 ? 13.054  -3.293  -5.701  1.00 63.49  ? 69  GLU A CG  1 
ATOM   550 C  CD  . GLU A 1 70 ? 12.795  -4.785  -5.589  1.00 75.75  ? 69  GLU A CD  1 
ATOM   551 O  OE1 . GLU A 1 70 ? 12.285  -5.377  -6.578  1.00 79.22  ? 69  GLU A OE1 1 
ATOM   552 O  OE2 . GLU A 1 70 ? 13.073  -5.354  -4.506  1.00 81.57  ? 69  GLU A OE2 1 
ATOM   553 N  N   . THR A 1 71 ? 11.545  -0.561  -9.079  1.00 57.18  ? 70  THR A N   1 
ATOM   554 C  CA  . THR A 1 71 ? 10.590  -0.349  -10.155 1.00 57.70  ? 70  THR A CA  1 
ATOM   555 C  C   . THR A 1 71 ? 9.572   -1.486  -10.178 1.00 56.18  ? 70  THR A C   1 
ATOM   556 O  O   . THR A 1 71 ? 9.878   -2.632  -9.830  1.00 56.21  ? 70  THR A O   1 
ATOM   557 C  CB  . THR A 1 71 ? 11.316  -0.240  -11.508 1.00 62.97  ? 70  THR A CB  1 
ATOM   558 O  OG1 . THR A 1 71 ? 12.110  -1.416  -11.732 1.00 67.30  ? 70  THR A OG1 1 
ATOM   559 C  CG2 . THR A 1 71 ? 12.220  0.993   -11.537 1.00 61.15  ? 70  THR A CG2 1 
ATOM   560 N  N   . LYS A 1 72 ? 8.343   -1.151  -10.571 1.00 50.33  ? 71  LYS A N   1 
ATOM   561 C  CA  . LYS A 1 72 ? 7.196   -2.049  -10.648 1.00 52.28  ? 71  LYS A CA  1 
ATOM   562 C  C   . LYS A 1 72 ? 6.725   -2.547  -9.283  1.00 53.97  ? 71  LYS A C   1 
ATOM   563 O  O   . LYS A 1 72 ? 5.911   -3.476  -9.227  1.00 59.60  ? 71  LYS A O   1 
ATOM   564 C  CB  . LYS A 1 72 ? 7.455   -3.247  -11.565 1.00 57.55  ? 71  LYS A CB  1 
ATOM   565 C  CG  . LYS A 1 72 ? 7.450   -2.896  -13.035 1.00 65.45  ? 71  LYS A CG  1 
ATOM   566 C  CD  . LYS A 1 72 ? 6.103   -2.333  -13.485 1.00 69.77  ? 71  LYS A CD  1 
ATOM   567 C  CE  . LYS A 1 72 ? 6.087   -2.129  -15.011 1.00 78.21  ? 71  LYS A CE  1 
ATOM   568 N  NZ  . LYS A 1 72 ? 4.850   -1.458  -15.498 1.00 79.21  ? 71  LYS A NZ  1 
ATOM   569 N  N   . HIS A 1 73 ? 7.155   -1.931  -8.180  1.00 44.25  ? 72  HIS A N   1 
ATOM   570 C  CA  . HIS A 1 73 ? 6.739   -2.387  -6.850  1.00 42.36  ? 72  HIS A CA  1 
ATOM   571 C  C   . HIS A 1 73 ? 6.453   -1.189  -5.939  1.00 42.65  ? 72  HIS A C   1 
ATOM   572 O  O   . HIS A 1 73 ? 7.035   -1.027  -4.878  1.00 42.79  ? 72  HIS A O   1 
ATOM   573 C  CB  . HIS A 1 73 ? 7.791   -3.296  -6.221  1.00 43.28  ? 72  HIS A CB  1 
ATOM   574 C  CG  . HIS A 1 73 ? 8.053   -4.558  -6.990  1.00 46.44  ? 72  HIS A CG  1 
ATOM   575 N  ND1 . HIS A 1 73 ? 8.882   -4.601  -8.094  1.00 53.01  ? 72  HIS A ND1 1 
ATOM   576 C  CD2 . HIS A 1 73 ? 7.616   -5.826  -6.801  1.00 50.26  ? 72  HIS A CD2 1 
ATOM   577 C  CE1 . HIS A 1 73 ? 8.930   -5.840  -8.556  1.00 56.25  ? 72  HIS A CE1 1 
ATOM   578 N  NE2 . HIS A 1 73 ? 8.174   -6.604  -7.787  1.00 55.34  ? 72  HIS A NE2 1 
ATOM   579 N  N   . PHE A 1 74 ? 5.510   -0.351  -6.348  1.00 37.27  ? 73  PHE A N   1 
ATOM   580 C  CA  . PHE A 1 74 ? 5.115   0.799   -5.561  1.00 34.23  ? 73  PHE A CA  1 
ATOM   581 C  C   . PHE A 1 74 ? 3.648   1.092   -5.837  1.00 34.19  ? 73  PHE A C   1 
ATOM   582 O  O   . PHE A 1 74 ? 3.253   1.171   -6.999  1.00 41.74  ? 73  PHE A O   1 
ATOM   583 C  CB  . PHE A 1 74 ? 5.988   2.005   -5.917  1.00 34.27  ? 73  PHE A CB  1 
ATOM   584 C  CG  . PHE A 1 74 ? 5.486   3.293   -5.357  1.00 33.05  ? 73  PHE A CG  1 
ATOM   585 C  CD1 . PHE A 1 74 ? 4.511   4.026   -6.014  1.00 32.55  ? 73  PHE A CD1 1 
ATOM   586 C  CD2 . PHE A 1 74 ? 5.967   3.775   -4.145  1.00 31.03  ? 73  PHE A CD2 1 
ATOM   587 C  CE1 . PHE A 1 74 ? 4.034   5.219   -5.474  1.00 34.64  ? 73  PHE A CE1 1 
ATOM   588 C  CE2 . PHE A 1 74 ? 5.507   4.970   -3.618  1.00 31.70  ? 73  PHE A CE2 1 
ATOM   589 C  CZ  . PHE A 1 74 ? 4.537   5.686   -4.266  1.00 30.98  ? 73  PHE A CZ  1 
ATOM   590 N  N   . ILE A 1 75 ? 2.847   1.293   -4.790  1.00 33.60  ? 74  ILE A N   1 
ATOM   591 C  CA  . ILE A 1 75 ? 1.480   1.751   -4.988  1.00 31.65  ? 74  ILE A CA  1 
ATOM   592 C  C   . ILE A 1 75 ? 1.094   2.639   -3.820  1.00 34.06  ? 74  ILE A C   1 
ATOM   593 O  O   . ILE A 1 75 ? 1.532   2.446   -2.682  1.00 26.53  ? 74  ILE A O   1 
ATOM   594 C  CB  . ILE A 1 75 ? 0.462   0.594   -5.162  1.00 33.12  ? 74  ILE A CB  1 
ATOM   595 C  CG1 . ILE A 1 75 ? -0.870  1.129   -5.657  1.00 33.97  ? 74  ILE A CG1 1 
ATOM   596 C  CG2 . ILE A 1 75 ? 0.203   -0.118  -3.831  1.00 31.09  ? 74  ILE A CG2 1 
ATOM   597 C  CD1 . ILE A 1 75 ? -1.893  0.071   -5.873  1.00 35.74  ? 74  ILE A CD1 1 
ATOM   598 N  N   . TYR A 1 76 ? 0.258   3.618   -4.123  1.00 31.85  ? 75  TYR A N   1 
ATOM   599 C  CA  . TYR A 1 76 ? -0.212  4.608   -3.170  1.00 30.36  ? 75  TYR A CA  1 
ATOM   600 C  C   . TYR A 1 76 ? -1.668  4.865   -3.523  1.00 30.29  ? 75  TYR A C   1 
ATOM   601 O  O   . TYR A 1 76 ? -1.969  5.381   -4.607  1.00 32.25  ? 75  TYR A O   1 
ATOM   602 C  CB  . TYR A 1 76 ? 0.600   5.892   -3.268  1.00 27.80  ? 75  TYR A CB  1 
ATOM   603 C  CG  . TYR A 1 76 ? 0.054   6.960   -2.368  1.00 26.59  ? 75  TYR A CG  1 
ATOM   604 C  CD1 . TYR A 1 76 ? -0.005  6.764   -1.013  1.00 25.09  ? 75  TYR A CD1 1 
ATOM   605 C  CD2 . TYR A 1 76 ? -0.411  8.159   -2.881  1.00 29.51  ? 75  TYR A CD2 1 
ATOM   606 C  CE1 . TYR A 1 76 ? -0.527  7.739   -0.166  1.00 24.39  ? 75  TYR A CE1 1 
ATOM   607 C  CE2 . TYR A 1 76 ? -0.931  9.140   -2.055  1.00 34.71  ? 75  TYR A CE2 1 
ATOM   608 C  CZ  . TYR A 1 76 ? -0.974  8.919   -0.698  1.00 32.31  ? 75  TYR A CZ  1 
ATOM   609 O  OH  . TYR A 1 76 ? -1.480  9.866   0.133   1.00 36.27  ? 75  TYR A OH  1 
ATOM   610 N  N   . PHE A 1 77 ? -2.572  4.473   -2.646  1.00 30.12  ? 76  PHE A N   1 
ATOM   611 C  CA  . PHE A 1 77 ? -3.987  4.528   -2.973  1.00 27.67  ? 76  PHE A CA  1 
ATOM   612 C  C   . PHE A 1 77 ? -4.775  4.824   -1.714  1.00 33.13  ? 76  PHE A C   1 
ATOM   613 O  O   . PHE A 1 77 ? -4.275  4.699   -0.588  1.00 28.43  ? 76  PHE A O   1 
ATOM   614 C  CB  . PHE A 1 77 ? -4.473  3.230   -3.630  1.00 30.34  ? 76  PHE A CB  1 
ATOM   615 C  CG  . PHE A 1 77 ? -4.296  1.995   -2.771  1.00 35.77  ? 76  PHE A CG  1 
ATOM   616 C  CD1 . PHE A 1 77 ? -3.043  1.397   -2.635  1.00 36.89  ? 76  PHE A CD1 1 
ATOM   617 C  CD2 . PHE A 1 77 ? -5.391  1.411   -2.141  1.00 33.23  ? 76  PHE A CD2 1 
ATOM   618 C  CE1 . PHE A 1 77 ? -2.875  0.264   -1.883  1.00 28.08  ? 76  PHE A CE1 1 
ATOM   619 C  CE2 . PHE A 1 77 ? -5.243  0.259   -1.373  1.00 31.70  ? 76  PHE A CE2 1 
ATOM   620 C  CZ  . PHE A 1 77 ? -3.974  -0.322  -1.249  1.00 28.12  ? 76  PHE A CZ  1 
ATOM   621 N  N   . TYR A 1 78 ? -6.000  5.263   -1.928  1.00 31.80  ? 77  TYR A N   1 
ATOM   622 C  CA  . TYR A 1 78 ? -6.947  5.544   -0.868  1.00 34.91  ? 77  TYR A CA  1 
ATOM   623 C  C   . TYR A 1 78 ? -7.979  4.440   -0.823  1.00 39.41  ? 77  TYR A C   1 
ATOM   624 O  O   . TYR A 1 78 ? -8.482  4.020   -1.866  1.00 42.43  ? 77  TYR A O   1 
ATOM   625 C  CB  . TYR A 1 78 ? -7.633  6.870   -1.127  1.00 38.47  ? 77  TYR A CB  1 
ATOM   626 C  CG  . TYR A 1 78 ? -6.851  7.995   -0.572  1.00 43.26  ? 77  TYR A CG  1 
ATOM   627 C  CD1 . TYR A 1 78 ? -5.792  8.559   -1.278  1.00 45.72  ? 77  TYR A CD1 1 
ATOM   628 C  CD2 . TYR A 1 78 ? -7.149  8.479   0.693   1.00 46.84  ? 77  TYR A CD2 1 
ATOM   629 C  CE1 . TYR A 1 78 ? -5.073  9.604   -0.738  1.00 46.80  ? 77  TYR A CE1 1 
ATOM   630 C  CE2 . TYR A 1 78 ? -6.448  9.509   1.239   1.00 47.72  ? 77  TYR A CE2 1 
ATOM   631 C  CZ  . TYR A 1 78 ? -5.419  10.059  0.525   1.00 53.69  ? 77  TYR A CZ  1 
ATOM   632 O  OH  . TYR A 1 78 ? -4.766  11.085  1.115   1.00 70.13  ? 77  TYR A OH  1 
ATOM   633 N  N   . LEU A 1 79 ? -8.275  3.950   0.377   1.00 32.67  ? 78  LEU A N   1 
ATOM   634 C  CA  . LEU A 1 79 ? -9.365  2.994   0.584   1.00 34.59  ? 78  LEU A CA  1 
ATOM   635 C  C   . LEU A 1 79 ? -10.364 3.731   1.459   1.00 43.06  ? 78  LEU A C   1 
ATOM   636 O  O   . LEU A 1 79 ? -10.195 3.814   2.676   1.00 48.91  ? 78  LEU A O   1 
ATOM   637 C  CB  . LEU A 1 79 ? -8.859  1.724   1.219   1.00 38.67  ? 78  LEU A CB  1 
ATOM   638 C  CG  . LEU A 1 79 ? -9.551  0.480   0.785   1.00 46.09  ? 78  LEU A CG  1 
ATOM   639 C  CD1 . LEU A 1 79 ? -9.739  0.519   -0.693  1.00 50.72  ? 78  LEU A CD1 1 
ATOM   640 C  CD2 . LEU A 1 79 ? -8.676  -0.659  1.155   1.00 46.79  ? 78  LEU A CD2 1 
ATOM   641 N  N   . GLY A 1 80 ? -11.362 4.323   0.838   1.00 49.13  ? 79  GLY A N   1 
ATOM   642 C  CA  . GLY A 1 80 ? -12.182 5.260   1.568   1.00 51.55  ? 79  GLY A CA  1 
ATOM   643 C  C   . GLY A 1 80 ? -11.374 6.497   1.876   1.00 49.82  ? 79  GLY A C   1 
ATOM   644 O  O   . GLY A 1 80 ? -10.791 7.134   0.992   1.00 49.01  ? 79  GLY A O   1 
ATOM   645 N  N   . GLN A 1 81 ? -11.320 6.830   3.156   1.00 50.94  ? 80  GLN A N   1 
ATOM   646 C  CA  . GLN A 1 81 ? -10.677 8.037   3.650   1.00 54.93  ? 80  GLN A CA  1 
ATOM   647 C  C   . GLN A 1 81 ? -9.268  7.747   4.178   1.00 50.21  ? 80  GLN A C   1 
ATOM   648 O  O   . GLN A 1 81 ? -8.600  8.639   4.715   1.00 50.57  ? 80  GLN A O   1 
ATOM   649 C  CB  . GLN A 1 81 ? -11.572 8.632   4.733   1.00 63.05  ? 80  GLN A CB  1 
ATOM   650 C  CG  . GLN A 1 81 ? -11.741 7.665   5.922   1.00 70.61  ? 80  GLN A CG  1 
ATOM   651 C  CD  . GLN A 1 81 ? -12.854 6.604   5.838   1.00 70.74  ? 80  GLN A CD  1 
ATOM   652 O  OE1 . GLN A 1 81 ? -12.882 5.755   4.940   1.00 70.96  ? 80  GLN A OE1 1 
ATOM   653 N  NE2 . GLN A 1 81 ? -13.737 6.616   6.835   1.00 71.73  ? 80  GLN A NE2 1 
ATOM   654 N  N   . VAL A 1 82 ? -8.808  6.513   3.997   1.00 45.27  ? 81  VAL A N   1 
ATOM   655 C  CA  . VAL A 1 82 ? -7.564  5.985   4.527   1.00 36.53  ? 81  VAL A CA  1 
ATOM   656 C  C   . VAL A 1 82 ? -6.590  5.804   3.381   1.00 31.40  ? 81  VAL A C   1 
ATOM   657 O  O   . VAL A 1 82 ? -6.893  5.100   2.413   1.00 28.81  ? 81  VAL A O   1 
ATOM   658 C  CB  . VAL A 1 82 ? -7.816  4.635   5.207   1.00 34.72  ? 81  VAL A CB  1 
ATOM   659 C  CG1 . VAL A 1 82 ? -6.533  4.005   5.583   1.00 33.16  ? 81  VAL A CG1 1 
ATOM   660 C  CG2 . VAL A 1 82 ? -8.664  4.858   6.411   1.00 43.71  ? 81  VAL A CG2 1 
ATOM   661 N  N   . ALA A 1 83 ? -5.403  6.369   3.520   1.00 25.48  ? 82  ALA A N   1 
ATOM   662 C  CA  . ALA A 1 83 ? -4.368  6.245   2.509   1.00 22.23  ? 82  ALA A CA  1 
ATOM   663 C  C   . ALA A 1 83 ? -3.409  5.117   2.861   1.00 25.60  ? 82  ALA A C   1 
ATOM   664 O  O   . ALA A 1 83 ? -3.050  4.925   4.030   1.00 21.98  ? 82  ALA A O   1 
ATOM   665 C  CB  . ALA A 1 83 ? -3.591  7.559   2.357   1.00 21.58  ? 82  ALA A CB  1 
ATOM   666 N  N   . ILE A 1 84 ? -2.990  4.377   1.843   1.00 19.48  ? 83  ILE A N   1 
ATOM   667 C  CA  . ILE A 1 84 ? -2.136  3.220   2.006   1.00 27.28  ? 83  ILE A CA  1 
ATOM   668 C  C   . ILE A 1 84 ? -0.977  3.349   1.055   1.00 22.41  ? 83  ILE A C   1 
ATOM   669 O  O   . ILE A 1 84 ? -1.181  3.501   -0.159  1.00 25.77  ? 83  ILE A O   1 
ATOM   670 C  CB  . ILE A 1 84 ? -2.897  1.927   1.751   1.00 28.99  ? 83  ILE A CB  1 
ATOM   671 C  CG1 . ILE A 1 84 ? -3.998  1.846   2.801   1.00 20.32  ? 83  ILE A CG1 1 
ATOM   672 C  CG2 . ILE A 1 84 ? -1.955  0.775   1.856   1.00 23.33  ? 83  ILE A CG2 1 
ATOM   673 C  CD1 . ILE A 1 84 ? -4.920  0.831   2.567   1.00 26.21  ? 83  ILE A CD1 1 
ATOM   674 N  N   . LEU A 1 85 ? 0.231   3.314   1.601   1.00 20.38  ? 84  LEU A N   1 
ATOM   675 C  CA  . LEU A 1 85 ? 1.471   3.308   0.834   1.00 20.07  ? 84  LEU A CA  1 
ATOM   676 C  C   . LEU A 1 85 ? 2.105   1.945   1.022   1.00 22.46  ? 84  LEU A C   1 
ATOM   677 O  O   . LEU A 1 85 ? 2.276   1.506   2.161   1.00 25.86  ? 84  LEU A O   1 
ATOM   678 C  CB  . LEU A 1 85 ? 2.441   4.392   1.310   1.00 18.72  ? 84  LEU A CB  1 
ATOM   679 C  CG  . LEU A 1 85 ? 3.864   4.248   0.786   1.00 19.66  ? 84  LEU A CG  1 
ATOM   680 C  CD1 . LEU A 1 85 ? 3.916   4.477   -0.741  1.00 21.96  ? 84  LEU A CD1 1 
ATOM   681 C  CD2 . LEU A 1 85 ? 4.752   5.224   1.473   1.00 24.96  ? 84  LEU A CD2 1 
ATOM   682 N  N   . LEU A 1 86 ? 2.417   1.276   -0.082  1.00 22.92  ? 85  LEU A N   1 
ATOM   683 C  CA  . LEU A 1 86 ? 2.920   -0.081  -0.062  1.00 24.13  ? 85  LEU A CA  1 
ATOM   684 C  C   . LEU A 1 86 ? 4.006   -0.175  -1.110  1.00 26.53  ? 85  LEU A C   1 
ATOM   685 O  O   . LEU A 1 86 ? 3.750   0.094   -2.280  1.00 30.45  ? 85  LEU A O   1 
ATOM   686 C  CB  . LEU A 1 86 ? 1.807   -1.077  -0.386  1.00 28.56  ? 85  LEU A CB  1 
ATOM   687 C  CG  . LEU A 1 86 ? 2.196   -2.532  -0.636  1.00 35.81  ? 85  LEU A CG  1 
ATOM   688 C  CD1 . LEU A 1 86 ? 2.804   -3.144  0.633   1.00 26.43  ? 85  LEU A CD1 1 
ATOM   689 C  CD2 . LEU A 1 86 ? 0.949   -3.295  -1.052  1.00 29.41  ? 85  LEU A CD2 1 
ATOM   690 N  N   . PHE A 1 87 ? 5.199   -0.578  -0.709  1.00 26.58  ? 86  PHE A N   1 
ATOM   691 C  CA  . PHE A 1 87 ? 6.285   -0.591  -1.666  1.00 30.34  ? 86  PHE A CA  1 
ATOM   692 C  C   . PHE A 1 87 ? 7.360   -1.575  -1.228  1.00 33.29  ? 86  PHE A C   1 
ATOM   693 O  O   . PHE A 1 87 ? 7.437   -1.984  -0.066  1.00 30.16  ? 86  PHE A O   1 
ATOM   694 C  CB  . PHE A 1 87 ? 6.873   0.814   -1.848  1.00 29.78  ? 86  PHE A CB  1 
ATOM   695 C  CG  . PHE A 1 87 ? 7.608   1.323   -0.642  1.00 27.84  ? 86  PHE A CG  1 
ATOM   696 C  CD1 . PHE A 1 87 ? 6.916   1.808   0.450   1.00 25.12  ? 86  PHE A CD1 1 
ATOM   697 C  CD2 . PHE A 1 87 ? 8.993   1.312   -0.612  1.00 30.07  ? 86  PHE A CD2 1 
ATOM   698 C  CE1 . PHE A 1 87 ? 7.591   2.280   1.550   1.00 21.03  ? 86  PHE A CE1 1 
ATOM   699 C  CE2 . PHE A 1 87 ? 9.684   1.766   0.486   1.00 25.09  ? 86  PHE A CE2 1 
ATOM   700 C  CZ  . PHE A 1 87 ? 9.000   2.253   1.561   1.00 23.45  ? 86  PHE A CZ  1 
ATOM   701 N  N   . LYS A 1 88 ? 8.190   -1.950  -2.189  1.00 33.51  ? 87  LYS A N   1 
ATOM   702 C  CA  . LYS A 1 88 ? 9.244   -2.925  -1.978  1.00 35.52  ? 87  LYS A CA  1 
ATOM   703 C  C   . LYS A 1 88 ? 10.576  -2.190  -1.991  1.00 40.36  ? 87  LYS A C   1 
ATOM   704 O  O   . LYS A 1 88 ? 10.868  -1.457  -2.935  1.00 37.06  ? 87  LYS A O   1 
ATOM   705 C  CB  . LYS A 1 88 ? 9.190   -3.977  -3.082  1.00 40.38  ? 87  LYS A CB  1 
ATOM   706 C  CG  . LYS A 1 88 ? 9.938   -5.262  -2.844  1.00 45.62  ? 87  LYS A CG  1 
ATOM   707 C  CD  . LYS A 1 88 ? 9.638   -6.209  -4.011  1.00 54.77  ? 87  LYS A CD  1 
ATOM   708 C  CE  . LYS A 1 88 ? 10.283  -7.551  -3.823  1.00 61.92  ? 87  LYS A CE  1 
ATOM   709 N  NZ  . LYS A 1 88 ? 11.669  -7.314  -3.398  1.00 65.68  ? 87  LYS A NZ  1 
ATOM   710 N  N   . SER A 1 89 ? 11.372  -2.359  -0.943  1.00 46.16  ? 88  SER A N   1 
ATOM   711 C  CA  . SER A 1 89 ? 12.754  -1.892  -0.996  1.00 53.31  ? 88  SER A CA  1 
ATOM   712 C  C   . SER A 1 89 ? 13.601  -2.776  -0.101  1.00 64.69  ? 88  SER A C   1 
ATOM   713 O  O   . SER A 1 89 ? 13.441  -2.741  1.125   1.00 60.47  ? 88  SER A O   1 
ATOM   714 C  CB  . SER A 1 89 ? 12.889  -0.452  -0.561  1.00 49.44  ? 88  SER A CB  1 
ATOM   715 O  OG  . SER A 1 89 ? 14.236  -0.015  -0.720  1.00 52.92  ? 88  SER A OG  1 
ATOM   716 N  N   . GLY A 1 90 ? 14.510  -3.533  -0.714  1.00 72.16  ? 89  GLY A N   1 
ATOM   717 C  CA  . GLY A 1 90 ? 15.277  -4.541  0.000   1.00 76.32  ? 89  GLY A CA  1 
ATOM   718 C  C   . GLY A 1 90 ? 14.805  -5.968  -0.276  1.00 79.65  ? 89  GLY A C   1 
ATOM   719 O  O   . GLY A 1 90 ? 13.760  -6.198  -0.912  1.00 76.45  ? 89  GLY A O   1 
ATOM   720 O  OXT . GLY A 1 90 ? 15.466  -6.939  0.127   1.00 86.54  ? 89  GLY A OXT 1 
ATOM   721 N  N   . PRO B 2 34 ? 17.335  -2.106  -9.609  1.00 85.70  ? 606 PRO B N   1 
ATOM   722 C  CA  . PRO B 2 34 ? 16.705  -0.998  -10.336 1.00 85.40  ? 606 PRO B CA  1 
ATOM   723 C  C   . PRO B 2 34 ? 15.623  -0.332  -9.480  1.00 81.35  ? 606 PRO B C   1 
ATOM   724 O  O   . PRO B 2 34 ? 14.583  -0.943  -9.251  1.00 69.15  ? 606 PRO B O   1 
ATOM   725 C  CB  . PRO B 2 34 ? 16.112  -1.685  -11.571 1.00 81.28  ? 606 PRO B CB  1 
ATOM   726 C  CG  . PRO B 2 34 ? 15.822  -3.095  -11.113 1.00 85.93  ? 606 PRO B CG  1 
ATOM   727 C  CD  . PRO B 2 34 ? 16.734  -3.411  -9.946  1.00 86.13  ? 606 PRO B CD  1 
ATOM   728 N  N   . THR B 2 35 ? 15.870  0.900   -9.026  1.00 81.57  ? 607 THR B N   1 
ATOM   729 C  CA  . THR B 2 35 ? 15.038  1.575   -8.033  1.00 73.86  ? 607 THR B CA  1 
ATOM   730 C  C   . THR B 2 35 ? 14.654  2.982   -8.498  1.00 71.25  ? 607 THR B C   1 
ATOM   731 O  O   . THR B 2 35 ? 15.305  3.571   -9.362  1.00 75.37  ? 607 THR B O   1 
ATOM   732 C  CB  . THR B 2 35 ? 15.759  1.666   -6.673  1.00 68.21  ? 607 THR B CB  1 
ATOM   733 O  OG1 . THR B 2 35 ? 16.851  2.599   -6.757  1.00 67.72  ? 607 THR B OG1 1 
ATOM   734 C  CG2 . THR B 2 35 ? 16.288  0.300   -6.243  1.00 68.87  ? 607 THR B CG2 1 
ATOM   735 N  N   . LYS B 2 36 ? 13.592  3.526   -7.890  1.00 62.52  ? 608 LYS B N   1 
ATOM   736 C  CA  . LYS B 2 36 ? 13.076  4.862   -8.182  1.00 61.72  ? 608 LYS B CA  1 
ATOM   737 C  C   . LYS B 2 36 ? 12.641  5.533   -6.879  1.00 56.90  ? 608 LYS B C   1 
ATOM   738 O  O   . LYS B 2 36 ? 12.283  4.856   -5.913  1.00 51.42  ? 608 LYS B O   1 
ATOM   739 C  CB  . LYS B 2 36 ? 11.905  4.776   -9.193  1.00 71.75  ? 608 LYS B CB  1 
ATOM   740 C  CG  . LYS B 2 36 ? 11.209  6.103   -9.508  1.00 82.87  ? 608 LYS B CG  1 
ATOM   741 C  CD  . LYS B 2 36 ? 10.320  6.023   -10.755 1.00 93.75  ? 608 LYS B CD  1 
ATOM   742 C  CE  . LYS B 2 36 ? 8.951   5.424   -10.455 1.00 92.96  ? 608 LYS B CE  1 
ATOM   743 N  NZ  . LYS B 2 36 ? 8.124   6.288   -9.559  1.00 88.97  ? 608 LYS B NZ  1 
ATOM   744 N  N   . ASP B 2 37 ? 12.685  6.870   -6.844  1.00 55.19  ? 609 ASP B N   1 
ATOM   745 C  CA  . ASP B 2 37 ? 12.216  7.654   -5.699  1.00 55.49  ? 609 ASP B CA  1 
ATOM   746 C  C   . ASP B 2 37 ? 10.786  8.150   -5.944  1.00 52.34  ? 609 ASP B C   1 
ATOM   747 O  O   . ASP B 2 37 ? 10.450  8.558   -7.061  1.00 54.65  ? 609 ASP B O   1 
ATOM   748 C  CB  . ASP B 2 37 ? 13.134  8.864   -5.429  1.00 61.05  ? 609 ASP B CB  1 
ATOM   749 C  CG  . ASP B 2 37 ? 14.582  8.470   -5.047  1.00 68.56  ? 609 ASP B CG  1 
ATOM   750 O  OD1 . ASP B 2 37 ? 14.822  7.277   -4.728  1.00 70.01  ? 609 ASP B OD1 1 
ATOM   751 O  OD2 . ASP B 2 37 ? 15.475  9.369   -5.054  1.00 74.23  ? 609 ASP B OD2 1 
ATOM   752 N  N   . SER B 2 38 ? 9.942   8.133   -4.896  1.00 47.36  ? 610 SER B N   1 
ATOM   753 C  CA  . SER B 2 38 ? 8.558   8.592   -5.030  1.00 47.96  ? 610 SER B CA  1 
ATOM   754 C  C   . SER B 2 38 ? 8.096   9.381   -3.811  1.00 44.90  ? 610 SER B C   1 
ATOM   755 O  O   . SER B 2 38 ? 8.380   8.992   -2.672  1.00 37.51  ? 610 SER B O   1 
ATOM   756 C  CB  . SER B 2 38 ? 7.610   7.405   -5.254  1.00 48.92  ? 610 SER B CB  1 
ATOM   757 O  OG  . SER B 2 38 ? 7.817   6.858   -6.555  1.00 54.80  ? 610 SER B OG  1 
ATOM   758 N  N   . TYR B 2 39 ? 7.381   10.491  -4.072  1.00 43.53  ? 611 TYR B N   1 
ATOM   759 C  CA  . TYR B 2 39 ? 6.590   11.254  -3.103  1.00 38.88  ? 611 TYR B CA  1 
ATOM   760 C  C   . TYR B 2 39 ? 5.179   10.678  -2.948  1.00 42.37  ? 611 TYR B C   1 
ATOM   761 O  O   . TYR B 2 39 ? 4.563   10.226  -3.919  1.00 43.52  ? 611 TYR B O   1 
ATOM   762 C  CB  . TYR B 2 39 ? 6.405   12.705  -3.553  1.00 50.42  ? 611 TYR B CB  1 
ATOM   763 C  CG  . TYR B 2 39 ? 7.608   13.605  -3.609  1.00 62.73  ? 611 TYR B CG  1 
ATOM   764 C  CD1 . TYR B 2 39 ? 7.917   14.441  -2.535  1.00 67.69  ? 611 TYR B CD1 1 
ATOM   765 C  CD2 . TYR B 2 39 ? 8.390   13.698  -4.763  1.00 70.53  ? 611 TYR B CD2 1 
ATOM   766 C  CE1 . TYR B 2 39 ? 9.011   15.319  -2.587  1.00 71.20  ? 611 TYR B CE1 1 
ATOM   767 C  CE2 . TYR B 2 39 ? 9.491   14.575  -4.828  1.00 75.42  ? 611 TYR B CE2 1 
ATOM   768 C  CZ  . TYR B 2 39 ? 9.798   15.383  -3.728  1.00 74.79  ? 611 TYR B CZ  1 
ATOM   769 O  OH  . TYR B 2 39 ? 10.879  16.260  -3.756  1.00 78.56  ? 611 TYR B OH  1 
ATOM   770 N  N   . THR B 2 40 ? 4.632   10.765  -1.736  1.00 36.92  ? 612 THR B N   1 
ATOM   771 C  CA  . THR B 2 40 ? 3.183   10.713  -1.541  1.00 35.28  ? 612 THR B CA  1 
ATOM   772 C  C   . THR B 2 40 ? 2.746   11.816  -0.576  1.00 33.77  ? 612 THR B C   1 
ATOM   773 O  O   . THR B 2 40 ? 3.520   12.283  0.257   1.00 34.66  ? 612 THR B O   1 
ATOM   774 C  CB  . THR B 2 40 ? 2.702   9.364   -0.989  1.00 36.54  ? 612 THR B CB  1 
ATOM   775 O  OG1 . THR B 2 40 ? 2.953   9.316   0.432   1.00 30.61  ? 612 THR B OG1 1 
ATOM   776 C  CG2 . THR B 2 40 ? 3.387   8.206   -1.702  1.00 33.14  ? 612 THR B CG2 1 
ATOM   777 N  N   . LEU B 2 41 ? 1.472   12.189  -0.660  1.00 36.01  ? 613 LEU B N   1 
ATOM   778 C  CA  . LEU B 2 41 ? 0.886   13.203  0.207   1.00 42.46  ? 613 LEU B CA  1 
ATOM   779 C  C   . LEU B 2 41 ? -0.615  12.937  0.322   1.00 49.57  ? 613 LEU B C   1 
ATOM   780 O  O   . LEU B 2 41 ? -1.265  12.627  -0.680  1.00 56.15  ? 613 LEU B O   1 
ATOM   781 C  CB  . LEU B 2 41 ? 1.133   14.615  -0.347  1.00 46.57  ? 613 LEU B CB  1 
ATOM   782 C  CG  . LEU B 2 41 ? 0.976   15.803  0.618   1.00 54.96  ? 613 LEU B CG  1 
ATOM   783 C  CD1 . LEU B 2 41 ? 2.123   15.891  1.686   1.00 45.55  ? 613 LEU B CD1 1 
ATOM   784 C  CD2 . LEU B 2 41 ? 0.866   17.103  -0.186  1.00 41.58  ? 613 LEU B CD2 1 
ATOM   785 N  N   . THR B 2 42 ? -1.159  13.050  1.544   1.00 45.11  ? 614 THR B N   1 
ATOM   786 C  CA  . THR B 2 42 ? -2.593  12.888  1.803   1.00 44.26  ? 614 THR B CA  1 
ATOM   787 C  C   . THR B 2 42 ? -3.340  14.204  1.582   1.00 51.79  ? 614 THR B C   1 
ATOM   788 O  O   . THR B 2 42 ? -2.781  15.294  1.754   1.00 48.28  ? 614 THR B O   1 
ATOM   789 C  CB  . THR B 2 42 ? -2.850  12.413  3.242   1.00 35.48  ? 614 THR B CB  1 
ATOM   790 O  OG1 . THR B 2 42 ? -2.109  13.255  4.129   1.00 36.01  ? 614 THR B OG1 1 
ATOM   791 C  CG2 . THR B 2 42 ? -2.430  10.916  3.470   1.00 30.27  ? 614 THR B CG2 1 
ATOM   792 N  N   . GLU B 2 43 ? -4.623  14.092  1.229   1.00 65.08  ? 615 GLU B N   1 
ATOM   793 C  CA  . GLU B 2 43 ? -5.473  15.268  1.021   1.00 73.91  ? 615 GLU B CA  1 
ATOM   794 C  C   . GLU B 2 43 ? -5.778  15.952  2.361   1.00 71.79  ? 615 GLU B C   1 
ATOM   795 O  O   . GLU B 2 43 ? -6.336  17.061  2.412   1.00 77.01  ? 615 GLU B O   1 
ATOM   796 C  CB  . GLU B 2 43 ? -6.782  14.879  0.310   1.00 87.20  ? 615 GLU B CB  1 
ATOM   797 C  CG  . GLU B 2 43 ? -6.823  13.457  -0.256  1.00 95.07  ? 615 GLU B CG  1 
ATOM   798 C  CD  . GLU B 2 43 ? -6.447  13.375  -1.735  1.00 103.72 ? 615 GLU B CD  1 
ATOM   799 O  OE1 . GLU B 2 43 ? -7.370  13.352  -2.581  1.00 109.87 ? 615 GLU B OE1 1 
ATOM   800 O  OE2 . GLU B 2 43 ? -5.234  13.323  -2.049  1.00 104.28 ? 615 GLU B OE2 1 
HETATM 801 CL CL  . CL  C 3 .  ? -5.642  4.138   14.180  1.00 71.43  ? 101 CL  A CL  1 
HETATM 802 O  O   . HOH D 4 .  ? 6.002   8.332   -8.201  1.00 61.63  ? 201 HOH A O   1 
HETATM 803 O  O   . HOH D 4 .  ? 4.009   -5.130  -10.574 1.00 40.93  ? 202 HOH A O   1 
HETATM 804 O  O   . HOH D 4 .  ? -10.950 -9.010  13.547  1.00 33.63  ? 203 HOH A O   1 
HETATM 805 O  O   . HOH D 4 .  ? 0.627   10.338  1.671   1.00 34.40  ? 204 HOH A O   1 
HETATM 806 O  O   . HOH D 4 .  ? 7.048   -10.413 6.576   1.00 45.32  ? 205 HOH A O   1 
HETATM 807 O  O   . HOH D 4 .  ? -11.209 6.863   -1.675  1.00 49.56  ? 206 HOH A O   1 
HETATM 808 O  O   . HOH D 4 .  ? -11.559 -0.959  10.031  1.00 43.51  ? 207 HOH A O   1 
HETATM 809 O  O   . HOH D 4 .  ? 5.295   -12.306 5.671   1.00 49.66  ? 208 HOH A O   1 
HETATM 810 O  O   . HOH D 4 .  ? -2.799  -3.387  18.324  1.00 48.14  ? 209 HOH A O   1 
HETATM 811 O  O   . HOH D 4 .  ? -2.541  -10.739 10.018  1.00 40.60  ? 210 HOH A O   1 
HETATM 812 O  O   . HOH D 4 .  ? 4.536   -9.255  14.120  1.00 52.07  ? 211 HOH A O   1 
HETATM 813 O  O   . HOH D 4 .  ? 5.971   -14.400 -5.976  1.00 55.33  ? 212 HOH A O   1 
HETATM 814 O  O   . HOH E 4 .  ? 11.564  18.291  -1.905  1.00 54.35  ? 701 HOH B O   1 
HETATM 815 O  O   . HOH E 4 .  ? 6.477   10.333  -6.976  1.00 50.94  ? 702 HOH B O   1 
HETATM 816 O  O   . HOH E 4 .  ? 0.538   11.709  -3.557  1.00 50.51  ? 703 HOH B O   1 
# 
loop_
_atom_site_anisotrop.id 
_atom_site_anisotrop.type_symbol 
_atom_site_anisotrop.pdbx_label_atom_id 
_atom_site_anisotrop.pdbx_label_alt_id 
_atom_site_anisotrop.pdbx_label_comp_id 
_atom_site_anisotrop.pdbx_label_asym_id 
_atom_site_anisotrop.pdbx_label_seq_id 
_atom_site_anisotrop.pdbx_PDB_ins_code 
_atom_site_anisotrop.U[1][1] 
_atom_site_anisotrop.U[2][2] 
_atom_site_anisotrop.U[3][3] 
_atom_site_anisotrop.U[1][2] 
_atom_site_anisotrop.U[1][3] 
_atom_site_anisotrop.U[2][3] 
_atom_site_anisotrop.pdbx_auth_seq_id 
_atom_site_anisotrop.pdbx_auth_comp_id 
_atom_site_anisotrop.pdbx_auth_asym_id 
_atom_site_anisotrop.pdbx_auth_atom_id 
15  N N   . ARG A 5  ? 1.0310 1.6343 0.9384 -0.1434 -0.1121 0.1526  4   ARG A N   
16  C CA  . ARG A 5  ? 0.8046 1.3725 0.6981 -0.1303 -0.1173 0.1433  4   ARG A CA  
17  C C   . ARG A 5  ? 0.7108 1.2343 0.5839 -0.1402 -0.1236 0.1435  4   ARG A C   
18  O O   . ARG A 5  ? 0.6865 1.1979 0.5545 -0.1578 -0.1190 0.1504  4   ARG A O   
19  C CB  . ARG A 5  ? 0.7427 1.3079 0.6390 -0.1278 -0.1076 0.1428  4   ARG A CB  
20  C CG  . ARG A 5  ? 0.7749 1.3814 0.6884 -0.1171 -0.1011 0.1419  4   ARG A CG  
21  C CD  . ARG A 5  ? 0.8230 1.4248 0.7387 -0.1159 -0.0924 0.1419  4   ARG A CD  
22  N NE  . ARG A 5  ? 0.8620 1.5042 0.7931 -0.1090 -0.0848 0.1429  4   ARG A NE  
23  C CZ  . ARG A 5  ? 0.8641 1.5395 0.8085 -0.1205 -0.0766 0.1522  4   ARG A CZ  
24  N NH1 . ARG A 5  ? 0.8425 1.5547 0.7988 -0.1135 -0.0696 0.1528  4   ARG A NH1 
25  N NH2 . ARG A 5  ? 0.8897 1.5605 0.8336 -0.1396 -0.0760 0.1610  4   ARG A NH2 
26  N N   . LYS A 6  ? 0.6876 1.1852 0.5469 -0.1284 -0.1349 0.1357  5   LYS A N   
27  C CA  . LYS A 6  ? 0.6193 1.0751 0.4571 -0.1367 -0.1413 0.1356  5   LYS A CA  
28  C C   . LYS A 6  ? 0.5993 1.0270 0.4261 -0.1428 -0.1335 0.1364  5   LYS A C   
29  O O   . LYS A 6  ? 0.6740 1.0982 0.5010 -0.1324 -0.1325 0.1318  5   LYS A O   
30  C CB  . LYS A 6  ? 0.5311 0.9685 0.3564 -0.1218 -0.1573 0.1275  5   LYS A CB  
31  C CG  . LYS A 6  ? 0.6111 1.0083 0.4133 -0.1303 -0.1652 0.1279  5   LYS A CG  
32  C CD  . LYS A 6  ? 0.6776 1.0467 0.4624 -0.1145 -0.1810 0.1194  5   LYS A CD  
33  C CE  . LYS A 6  ? 0.7282 1.1225 0.5245 -0.0937 -0.1921 0.1126  5   LYS A CE  
34  N NZ  . LYS A 6  ? 0.7796 1.1421 0.5557 -0.0775 -0.2100 0.1041  5   LYS A NZ  
35  N N   . ALA A 7  ? 0.5218 0.9302 0.3385 -0.1597 -0.1284 0.1419  6   ALA A N   
36  C CA  . ALA A 7  ? 0.5088 0.8918 0.3144 -0.1656 -0.1212 0.1427  6   ALA A CA  
37  C C   . ALA A 7  ? 0.5397 0.8853 0.3224 -0.1646 -0.1292 0.1389  6   ALA A C   
38  O O   . ALA A 7  ? 0.5495 0.8795 0.3197 -0.1686 -0.1372 0.1388  6   ALA A O   
39  C CB  . ALA A 7  ? 0.5073 0.8857 0.3103 -0.1819 -0.1124 0.1492  6   ALA A CB  
40  N N   . VAL A 8  ? 0.5315 0.8628 0.3080 -0.1602 -0.1276 0.1363  7   VAL A N   
41  C CA  . VAL A 8  ? 0.5545 0.8513 0.3089 -0.1600 -0.1354 0.1335  7   VAL A CA  
42  C C   . VAL A 8  ? 0.5890 0.8734 0.3377 -0.1680 -0.1259 0.1362  7   VAL A C   
43  O O   . VAL A 8  ? 0.5385 0.8354 0.2976 -0.1623 -0.1224 0.1352  7   VAL A O   
44  C CB  . VAL A 8  ? 0.6705 0.9639 0.4220 -0.1430 -0.1490 0.1265  7   VAL A CB  
45  C CG1 . VAL A 8  ? 0.5904 0.8465 0.3176 -0.1445 -0.1572 0.1247  7   VAL A CG1 
46  C CG2 . VAL A 8  ? 0.6565 0.9658 0.4146 -0.1330 -0.1592 0.1232  7   VAL A CG2 
47  N N   . ILE A 9  ? 0.5966 0.8580 0.3291 -0.1808 -0.1214 0.1393  8   ILE A N   
48  C CA  . ILE A 9  ? 0.6063 0.8599 0.3345 -0.1882 -0.1113 0.1419  8   ILE A CA  
49  C C   . ILE A 9  ? 0.6101 0.8410 0.3226 -0.1887 -0.1185 0.1407  8   ILE A C   
50  O O   . ILE A 9  ? 0.7314 0.9373 0.4251 -0.1909 -0.1274 0.1395  8   ILE A O   
51  C CB  . ILE A 9  ? 0.6315 0.8722 0.3485 -0.2001 -0.1017 0.1451  8   ILE A CB  
52  C CG1 . ILE A 9  ? 0.6491 0.9106 0.3807 -0.2000 -0.0957 0.1470  8   ILE A CG1 
53  C CG2 . ILE A 9  ? 0.5742 0.8096 0.2870 -0.2053 -0.0912 0.1473  8   ILE A CG2 
54  C CD1 . ILE A 9  ? 0.6777 0.9237 0.3963 -0.2087 -0.0866 0.1491  8   ILE A CD1 
55  N N   . LYS A 10 ? 0.5831 0.8224 0.3026 -0.1871 -0.1156 0.1412  9   LYS A N   
56  C CA  . LYS A 10 ? 0.6021 0.8217 0.3077 -0.1892 -0.1232 0.1409  9   LYS A CA  
57  C C   . LYS A 10 ? 0.6447 0.8533 0.3399 -0.2045 -0.1141 0.1461  9   LYS A C   
58  O O   . LYS A 10 ? 0.7013 0.8844 0.3768 -0.2124 -0.1200 0.1473  9   LYS A O   
59  C CB  . LYS A 10 ? 0.6626 0.8972 0.3807 -0.1790 -0.1274 0.1383  9   LYS A CB  
60  C CG  . LYS A 10 ? 0.7389 0.9851 0.4659 -0.1611 -0.1368 0.1316  9   LYS A CG  
61  C CD  . LYS A 10 ? 0.8525 1.0733 0.5608 -0.1540 -0.1526 0.1269  9   LYS A CD  
62  C CE  . LYS A 10 ? 0.9179 1.1486 0.6322 -0.1328 -0.1646 0.1186  9   LYS A CE  
63  N NZ  . LYS A 10 ? 0.9712 1.1768 0.6661 -0.1230 -0.1820 0.1131  9   LYS A NZ  
64  N N   . ASN A 11 ? 0.6582 0.8861 0.3659 -0.2083 -0.1000 0.1492  10  ASN A N   
65  C CA  . ASN A 11 ? 0.7021 0.9235 0.4008 -0.2204 -0.0905 0.1534  10  ASN A CA  
66  C C   . ASN A 11 ? 0.7044 0.9420 0.4136 -0.2189 -0.0756 0.1545  10  ASN A C   
67  O O   . ASN A 11 ? 0.6737 0.9359 0.4032 -0.2113 -0.0719 0.1545  10  ASN A O   
68  C CB  . ASN A 11 ? 0.7356 0.9648 0.4388 -0.2250 -0.0921 0.1565  10  ASN A CB  
69  C CG  . ASN A 11 ? 0.8717 1.0953 0.5645 -0.2389 -0.0836 0.1614  10  ASN A CG  
70  O OD1 . ASN A 11 ? 1.0565 1.2936 0.7564 -0.2449 -0.0818 0.1653  10  ASN A OD1 
71  N ND2 . ASN A 11 ? 0.8469 1.0519 0.5228 -0.2442 -0.0780 0.1612  10  ASN A ND2 
72  N N   . ALA A 12 ? 0.7072 0.9286 0.4007 -0.2249 -0.0676 0.1552  11  ALA A N   
73  C CA  . ALA A 12 ? 0.6666 0.8953 0.3641 -0.2211 -0.0542 0.1553  11  ALA A CA  
74  C C   . ALA A 12 ? 0.6912 0.9107 0.3752 -0.2266 -0.0418 0.1573  11  ALA A C   
75  O O   . ALA A 12 ? 0.7087 0.9062 0.3724 -0.2349 -0.0441 0.1574  11  ALA A O   
76  C CB  . ALA A 12 ? 0.6378 0.8530 0.3266 -0.2194 -0.0572 0.1528  11  ALA A CB  
77  N N   . ASP A 13 ? 0.6866 0.9235 0.3815 -0.2213 -0.0286 0.1591  12  ASP A N   
78  C CA  . ASP A 13 ? 0.7137 0.9450 0.3967 -0.2221 -0.0132 0.1606  12  ASP A CA  
79  C C   . ASP A 13 ? 0.7298 0.9643 0.4154 -0.2115 -0.0026 0.1598  12  ASP A C   
80  O O   . ASP A 13 ? 0.6414 0.8986 0.3438 -0.2045 0.0059  0.1622  12  ASP A O   
81  C CB  . ASP A 13 ? 0.7473 1.0005 0.4424 -0.2259 -0.0078 0.1649  12  ASP A CB  
82  C CG  . ASP A 13 ? 0.8532 1.1089 0.5408 -0.2240 0.0106  0.1668  12  ASP A CG  
83  O OD1 . ASP A 13 ? 0.9153 1.1479 0.5807 -0.2225 0.0181  0.1647  12  ASP A OD1 
84  O OD2 . ASP A 13 ? 0.8696 1.1516 0.5733 -0.2237 0.0176  0.1708  12  ASP A OD2 
85  N N   . MET A 14 ? 0.7050 0.9168 0.3742 -0.2109 -0.0050 0.1569  13  MET A N   
86  C CA  . MET A 14 ? 0.7262 0.9331 0.3911 -0.2030 0.0028  0.1566  13  MET A CA  
87  C C   . MET A 14 ? 0.7480 0.9240 0.3877 -0.2075 -0.0021 0.1538  13  MET A C   
88  O O   . MET A 14 ? 0.7424 0.9064 0.3749 -0.2152 -0.0138 0.1520  13  MET A O   
89  C CB  . MET A 14 ? 0.7067 0.9378 0.3973 -0.1969 -0.0019 0.1579  13  MET A CB  
90  C CG  . MET A 14 ? 0.6657 0.8995 0.3648 -0.2001 -0.0174 0.1564  13  MET A CG  
91  S SD  . MET A 14 ? 0.5840 0.8475 0.3115 -0.1932 -0.0211 0.1583  13  MET A SD  
92  C CE  . MET A 14 ? 0.5423 0.8327 0.2896 -0.1855 -0.0112 0.1616  13  MET A CE  
93  N N   . SER A 15 ? 0.7489 0.9103 0.3731 -0.2027 0.0065  0.1537  14  SER A N   
94  C CA  . SER A 15 ? 0.7716 0.9015 0.3686 -0.2080 0.0021  0.1513  14  SER A CA  
95  C C   . SER A 15 ? 0.7816 0.9144 0.3891 -0.2149 -0.0159 0.1506  14  SER A C   
96  O O   . SER A 15 ? 0.7495 0.9082 0.3836 -0.2127 -0.0222 0.1520  14  SER A O   
97  C CB  . SER A 15 ? 0.7573 0.8714 0.3358 -0.2018 0.0123  0.1521  14  SER A CB  
98  O OG  . SER A 15 ? 0.7489 0.8795 0.3461 -0.1976 0.0098  0.1548  14  SER A OG  
99  N N   . GLU A 16 ? 0.9626 0.6595 0.3394 -0.2354 0.0740  -0.0385 15  GLU A N   
100 C CA  . GLU A 16 ? 1.0236 0.7614 0.4090 -0.2419 0.0607  -0.0391 15  GLU A CA  
101 C C   . GLU A 16 ? 1.0332 0.7592 0.4212 -0.2657 0.0631  -0.0495 15  GLU A C   
102 O O   . GLU A 16 ? 0.9962 0.7483 0.4009 -0.2698 0.0541  -0.0481 15  GLU A O   
103 C CB  . GLU A 16 ? 1.1596 0.9379 0.5279 -0.2406 0.0520  -0.0413 15  GLU A CB  
104 C CG  . GLU A 16 ? 1.2903 1.1165 0.6724 -0.2298 0.0380  -0.0327 15  GLU A CG  
105 C CD  . GLU A 16 ? 1.4619 1.3361 0.8283 -0.2304 0.0281  -0.0370 15  GLU A CD  
106 O OE1 . GLU A 16 ? 1.5676 1.4415 0.9114 -0.2344 0.0319  -0.0448 15  GLU A OE1 
107 O OE2 . GLU A 16 ? 1.4905 1.4047 0.8675 -0.2258 0.0165  -0.0329 15  GLU A OE2 
108 N N   . GLU A 17 ? 1.0863 0.7710 0.4575 -0.2807 0.0774  -0.0589 16  GLU A N   
109 C CA  . GLU A 17 ? 1.1018 0.7645 0.4723 -0.3018 0.0857  -0.0662 16  GLU A CA  
110 C C   . GLU A 17 ? 0.9967 0.6562 0.3921 -0.2919 0.0840  -0.0574 16  GLU A C   
111 O O   . GLU A 17 ? 0.9813 0.6587 0.3877 -0.3024 0.0788  -0.0585 16  GLU A O   
112 C CB  . GLU A 17 ? 1.2597 0.8683 0.6060 -0.3136 0.1062  -0.0744 16  GLU A CB  
113 C CG  . GLU A 17 ? 1.4862 1.0962 0.8074 -0.3245 0.1101  -0.0854 16  GLU A CG  
114 C CD  . GLU A 17 ? 1.7261 1.2983 1.0242 -0.3523 0.1302  -0.0998 16  GLU A CD  
115 O OE1 . GLU A 17 ? 1.7829 1.3676 1.0819 -0.3739 0.1316  -0.1078 16  GLU A OE1 
116 O OE2 . GLU A 17 ? 1.8522 1.3810 1.1310 -0.3525 0.1468  -0.1029 16  GLU A OE2 
117 N N   . MET A 18 ? 0.9613 0.6017 0.3667 -0.2714 0.0889  -0.0499 17  MET A N   
118 C CA  . MET A 18 ? 0.9445 0.5853 0.3737 -0.2607 0.0890  -0.0441 17  MET A CA  
119 C C   . MET A 18 ? 0.8649 0.5515 0.3193 -0.2520 0.0731  -0.0369 17  MET A C   
120 O O   . MET A 18 ? 0.8713 0.5706 0.3439 -0.2524 0.0698  -0.0350 17  MET A O   
121 C CB  . MET A 18 ? 1.0174 0.6356 0.4531 -0.2406 0.0989  -0.0400 17  MET A CB  
122 C CG  . MET A 18 ? 1.1575 0.7282 0.5722 -0.2453 0.1167  -0.0461 17  MET A CG  
123 S SD  . MET A 18 ? 1.2302 0.7836 0.6557 -0.2187 0.1285  -0.0410 17  MET A SD  
124 C CE  . MET A 18 ? 0.9401 0.5408 0.4053 -0.2007 0.1171  -0.0324 17  MET A CE  
125 N N   . GLN A 19 ? 0.8269 0.5387 0.2808 -0.2431 0.0644  -0.0325 18  GLN A N   
126 C CA  . GLN A 19 ? 0.8932 0.6453 0.3669 -0.2345 0.0514  -0.0254 18  GLN A CA  
127 C C   . GLN A 19 ? 0.8921 0.6704 0.3699 -0.2508 0.0420  -0.0295 18  GLN A C   
128 O O   . GLN A 19 ? 0.9450 0.7483 0.4445 -0.2469 0.0339  -0.0251 18  GLN A O   
129 C CB  . GLN A 19 ? 0.8250 0.5964 0.2907 -0.2205 0.0467  -0.0187 18  GLN A CB  
130 C CG  . GLN A 19 ? 0.8386 0.5869 0.3013 -0.2051 0.0570  -0.0135 18  GLN A CG  
131 C CD  . GLN A 19 ? 0.8977 0.6641 0.3479 -0.1917 0.0548  -0.0051 18  GLN A CD  
132 O OE1 . GLN A 19 ? 0.8735 0.6727 0.3278 -0.1849 0.0461  0.0019  18  GLN A OE1 
133 N NE2 . GLN A 19 ? 0.9692 0.7162 0.4027 -0.1863 0.0633  -0.0044 18  GLN A NE2 
134 N N   . GLN A 20 ? 0.8391 0.6138 0.2970 -0.2701 0.0437  -0.0389 19  GLN A N   
135 C CA  . GLN A 20 ? 0.8894 0.6870 0.3519 -0.2889 0.0380  -0.0445 19  GLN A CA  
136 C C   . GLN A 20 ? 0.8728 0.6444 0.3414 -0.3000 0.0473  -0.0462 19  GLN A C   
137 O O   . GLN A 20 ? 0.8377 0.6326 0.3209 -0.3078 0.0413  -0.0457 19  GLN A O   
138 C CB  . GLN A 20 ? 1.1020 0.9061 0.5417 -0.3092 0.0400  -0.0568 19  GLN A CB  
139 C CG  . GLN A 20 ? 1.2845 1.1428 0.7266 -0.3021 0.0245  -0.0560 19  GLN A CG  
140 C CD  . GLN A 20 ? 1.3710 1.2653 0.8401 -0.2875 0.0113  -0.0453 19  GLN A CD  
141 O OE1 . GLN A 20 ? 1.3898 1.2923 0.8668 -0.2636 0.0067  -0.0337 19  GLN A OE1 
142 N NE2 . GLN A 20 ? 1.4250 1.3389 0.9075 -0.3025 0.0076  -0.0491 19  GLN A NE2 
143 N N   . ASP A 21 ? 0.8042 0.5287 0.2601 -0.2998 0.0627  -0.0482 20  ASP A N   
144 C CA  . ASP A 21 ? 0.8030 0.5024 0.2613 -0.3050 0.0729  -0.0491 20  ASP A CA  
145 C C   . ASP A 21 ? 0.8424 0.5678 0.3323 -0.2851 0.0640  -0.0399 20  ASP A C   
146 O O   . ASP A 21 ? 0.7863 0.5251 0.2884 -0.2903 0.0615  -0.0391 20  ASP A O   
147 C CB  . ASP A 21 ? 0.9936 0.6382 0.4306 -0.3030 0.0923  -0.0531 20  ASP A CB  
148 C CG  . ASP A 21 ? 1.1892 0.7988 0.6146 -0.3134 0.1079  -0.0584 20  ASP A CG  
149 O OD1 . ASP A 21 ? 1.2774 0.8942 0.6983 -0.3357 0.1083  -0.0630 20  ASP A OD1 
150 O OD2 . ASP A 21 ? 1.2783 0.8562 0.6998 -0.2966 0.1209  -0.0578 20  ASP A OD2 
151 N N   . SER A 22 ? 0.7670 0.5017 0.2702 -0.2633 0.0602  -0.0336 21  SER A N   
152 C CA  . SER A 22 ? 0.6841 0.4472 0.2172 -0.2463 0.0535  -0.0266 21  SER A CA  
153 C C   . SER A 22 ? 0.6637 0.4672 0.2133 -0.2522 0.0393  -0.0240 21  SER A C   
154 O O   . SER A 22 ? 0.6771 0.4978 0.2458 -0.2506 0.0368  -0.0220 21  SER A O   
155 C CB  . SER A 22 ? 0.6700 0.4382 0.2099 -0.2281 0.0529  -0.0218 21  SER A CB  
156 O OG  . SER A 22 ? 0.7745 0.5097 0.3019 -0.2215 0.0656  -0.0236 21  SER A OG  
157 N N   . VAL A 23 ? 0.6727 0.4968 0.2167 -0.2560 0.0299  -0.0237 22  VAL A N   
158 C CA  . VAL A 23 ? 0.6531 0.5202 0.2147 -0.2571 0.0163  -0.0205 22  VAL A CA  
159 C C   . VAL A 23 ? 0.7741 0.6456 0.3374 -0.2765 0.0168  -0.0248 22  VAL A C   
160 O O   . VAL A 23 ? 0.6875 0.5853 0.2734 -0.2745 0.0104  -0.0211 22  VAL A O   
161 C CB  . VAL A 23 ? 0.7888 0.6792 0.3400 -0.2545 0.0076  -0.0198 22  VAL A CB  
162 C CG1 . VAL A 23 ? 0.7894 0.7238 0.3555 -0.2579 -0.0051 -0.0186 22  VAL A CG1 
163 C CG2 . VAL A 23 ? 0.6594 0.5501 0.2115 -0.2326 0.0075  -0.0121 22  VAL A CG2 
164 N N   . GLU A 24 ? 0.7838 0.6279 0.3219 -0.2966 0.0266  -0.0330 23  GLU A N   
165 C CA  . GLU A 24 ? 0.8072 0.6492 0.3410 -0.3187 0.0315  -0.0379 23  GLU A CA  
166 C C   . GLU A 24 ? 0.7611 0.5866 0.3038 -0.3138 0.0382  -0.0349 23  GLU A C   
167 O O   . GLU A 24 ? 0.7631 0.6116 0.3209 -0.3191 0.0339  -0.0327 23  GLU A O   
168 C CB  . GLU A 24 ? 0.9394 0.7486 0.4400 -0.3429 0.0457  -0.0491 23  GLU A CB  
169 C CG  . GLU A 24 ? 1.1298 0.9218 0.6178 -0.3688 0.0588  -0.0554 23  GLU A CG  
170 C CD  . GLU A 24 ? 1.3276 1.0758 0.7790 -0.3928 0.0798  -0.0677 23  GLU A CD  
171 O OE1 . GLU A 24 ? 1.4235 1.1460 0.8606 -0.3856 0.0849  -0.0698 23  GLU A OE1 
172 O OE2 . GLU A 24 ? 1.3592 1.0990 0.7955 -0.4185 0.0935  -0.0754 23  GLU A OE2 
173 N N   . CYS A 25 ? 0.7531 0.5457 0.2896 -0.3000 0.0482  -0.0346 24  CYS A N   
174 C CA  . CYS A 25 ? 0.8116 0.5961 0.3570 -0.2882 0.0552  -0.0321 24  CYS A CA  
175 C C   . CYS A 25 ? 0.7589 0.5920 0.3410 -0.2714 0.0419  -0.0237 24  CYS A C   
176 O O   . CYS A 25 ? 0.7748 0.6238 0.3697 -0.2692 0.0418  -0.0210 24  CYS A O   
177 C CB  . CYS A 25 ? 0.8711 0.6203 0.4059 -0.2708 0.0696  -0.0320 24  CYS A CB  
178 S SG  . CYS A 25 ? 0.8983 0.6350 0.4378 -0.2521 0.0862  -0.0269 24  CYS A SG  
179 N N   . ALA A 26 ? 0.6913 0.5475 0.2892 -0.2589 0.0321  -0.0198 25  ALA A N   
180 C CA  . ALA A 26 ? 0.6199 0.5190 0.2500 -0.2461 0.0215  -0.0141 25  ALA A CA  
181 C C   . ALA A 26 ? 0.5977 0.5288 0.2398 -0.2577 0.0107  -0.0126 25  ALA A C   
182 O O   . ALA A 26 ? 0.5248 0.4856 0.1910 -0.2523 0.0059  -0.0091 25  ALA A O   
183 C CB  . ALA A 26 ? 0.5876 0.4962 0.2248 -0.2327 0.0171  -0.0117 25  ALA A CB  
184 N N   . THR A 27 ? 0.5790 0.5090 0.2060 -0.2730 0.0075  -0.0153 26  THR A N   
185 C CA  . THR A 27 ? 0.5748 0.5366 0.2122 -0.2842 -0.0004 -0.0146 26  THR A CA  
186 C C   . THR A 27 ? 0.6236 0.5790 0.2602 -0.2974 0.0063  -0.0155 26  THR A C   
187 O O   . THR A 27 ? 0.6443 0.6331 0.3046 -0.2939 -0.0003 -0.0108 26  THR A O   
188 C CB  . THR A 27 ? 0.6537 0.6165 0.2718 -0.2994 -0.0017 -0.0200 26  THR A CB  
189 O OG1 . THR A 27 ? 0.7023 0.6794 0.3222 -0.2835 -0.0099 -0.0177 26  THR A OG1 
190 C CG2 . THR A 27 ? 0.6812 0.6778 0.3090 -0.3120 -0.0071 -0.0206 26  THR A CG2 
191 N N   . GLN A 28 ? 0.6438 0.5544 0.2517 -0.3108 0.0207  -0.0220 27  GLN A N   
192 C CA  . GLN A 28 ? 0.6899 0.5892 0.2915 -0.3208 0.0285  -0.0240 27  GLN A CA  
193 C C   . GLN A 28 ? 0.6637 0.5876 0.2924 -0.2954 0.0251  -0.0160 27  GLN A C   
194 O O   . GLN A 28 ? 0.6560 0.6034 0.2976 -0.2969 0.0224  -0.0127 27  GLN A O   
195 C CB  . GLN A 28 ? 0.8692 0.7080 0.4319 -0.3311 0.0485  -0.0336 27  GLN A CB  
196 C CG  . GLN A 28 ? 1.0505 0.8687 0.5864 -0.3637 0.0555  -0.0432 27  GLN A CG  
197 C CD  . GLN A 28 ? 1.2183 0.9712 0.7153 -0.3712 0.0772  -0.0557 27  GLN A CD  
198 O OE1 . GLN A 28 ? 1.2704 0.9971 0.7600 -0.3525 0.0912  -0.0546 27  GLN A OE1 
199 N NE2 . GLN A 28 ? 1.2694 1.0070 0.7481 -0.3837 0.0848  -0.0606 27  GLN A NE2 
200 N N   . ALA A 29 ? 0.5647 0.4876 0.2031 -0.2721 0.0265  -0.0127 28  ALA A N   
201 C CA  . ALA A 29 ? 0.5257 0.4791 0.1920 -0.2486 0.0261  -0.0056 28  ALA A CA  
202 C C   . ALA A 29 ? 0.4841 0.4901 0.1841 -0.2467 0.0100  -0.0023 28  ALA A C   
203 O O   . ALA A 29 ? 0.5131 0.5500 0.2339 -0.2383 0.0086  0.0022  28  ALA A O   
204 C CB  . ALA A 29 ? 0.5149 0.4605 0.1851 -0.2289 0.0317  -0.0049 28  ALA A CB  
205 N N   . LEU A 30 ? 0.5272 0.5458 0.2350 -0.2499 0.0002  -0.0027 29  LEU A N   
206 C CA  . LEU A 30 ? 0.5682 0.6322 0.3077 -0.2426 -0.0109 0.0017  29  LEU A CA  
207 C C   . LEU A 30 ? 0.6056 0.6876 0.3497 -0.2560 -0.0140 0.0042  29  LEU A C   
208 O O   . LEU A 30 ? 0.5989 0.7181 0.3709 -0.2470 -0.0195 0.0087  29  LEU A O   
209 C CB  . LEU A 30 ? 0.5241 0.5934 0.2654 -0.2368 -0.0179 0.0020  29  LEU A CB  
210 C CG  . LEU A 30 ? 0.5882 0.6512 0.3314 -0.2226 -0.0164 0.0009  29  LEU A CG  
211 C CD1 . LEU A 30 ? 0.6668 0.7363 0.4063 -0.2182 -0.0239 0.0025  29  LEU A CD1 
212 C CD2 . LEU A 30 ? 0.5251 0.6166 0.2960 -0.2104 -0.0161 0.0012  29  LEU A CD2 
213 N N   . GLU A 31 ? 0.6058 0.6616 0.3218 -0.2784 -0.0089 0.0005  30  GLU A N   
214 C CA  . GLU A 31 ? 0.5948 0.6657 0.3112 -0.2954 -0.0089 0.0018  30  GLU A CA  
215 C C   . GLU A 31 ? 0.6360 0.7116 0.3577 -0.2936 -0.0055 0.0036  30  GLU A C   
216 O O   . GLU A 31 ? 0.6311 0.7401 0.3718 -0.2954 -0.0096 0.0086  30  GLU A O   
217 C CB  . GLU A 31 ? 0.6884 0.7282 0.3694 -0.3239 -0.0005 -0.0056 30  GLU A CB  
218 C CG  . GLU A 31 ? 0.8665 0.9204 0.5467 -0.3227 -0.0072 -0.0074 30  GLU A CG  
219 C CD  . GLU A 31 ? 1.0632 1.0887 0.7077 -0.3493 0.0031  -0.0172 30  GLU A CD  
220 O OE1 . GLU A 31 ? 1.1687 1.1562 0.7852 -0.3716 0.0187  -0.0229 30  GLU A OE1 
221 O OE2 . GLU A 31 ? 1.1213 1.1622 0.7644 -0.3478 -0.0032 -0.0207 30  GLU A OE2 
222 N N   . LYS A 32 ? 0.6278 0.6731 0.3331 -0.2826 0.0042  0.0018  31  LYS A N   
223 C CA  . LYS A 32 ? 0.5438 0.5923 0.2515 -0.2688 0.0142  0.0090  31  LYS A CA  
224 C C   . LYS A 32 ? 0.5140 0.6131 0.2610 -0.2430 0.0074  0.0163  31  LYS A C   
225 O O   . LYS A 32 ? 0.4495 0.5788 0.2135 -0.2349 0.0079  0.0239  31  LYS A O   
226 C CB  . LYS A 32 ? 0.5798 0.5748 0.2602 -0.2589 0.0379  0.0114  31  LYS A CB  
227 C CG  . LYS A 32 ? 0.5966 0.5985 0.2904 -0.2334 0.0556  0.0270  31  LYS A CG  
228 C CD  . LYS A 32 ? 0.7030 0.6498 0.3735 -0.2252 0.0838  0.0332  31  LYS A CD  
229 C CE  . LYS A 32 ? 0.7699 0.7361 0.4609 -0.1926 0.1019  0.0543  31  LYS A CE  
230 N NZ  . LYS A 32 ? 0.8502 0.7709 0.5261 -0.1834 0.1324  0.0672  31  LYS A NZ  
231 N N   . TYR A 33 ? 0.5113 0.4361 0.3373 -0.2135 0.0642  0.0438  32  TYR A N   
232 C CA  . TYR A 33 ? 0.4589 0.4102 0.2872 -0.1969 0.0632  0.0509  32  TYR A CA  
233 C C   . TYR A 33 ? 0.5307 0.5217 0.3627 -0.1923 0.0527  0.0372  32  TYR A C   
234 O O   . TYR A 33 ? 0.4599 0.4512 0.2886 -0.1983 0.0461  0.0199  32  TYR A O   
235 C CB  . TYR A 33 ? 0.5235 0.4508 0.3459 -0.1842 0.0666  0.0508  32  TYR A CB  
236 C CG  . TYR A 33 ? 0.5697 0.4556 0.3910 -0.1850 0.0754  0.0638  32  TYR A CG  
237 C CD1 . TYR A 33 ? 0.5931 0.4796 0.4186 -0.1788 0.0789  0.0863  32  TYR A CD1 
238 C CD2 . TYR A 33 ? 0.6027 0.4479 0.4181 -0.1905 0.0796  0.0530  32  TYR A CD2 
239 C CE1 . TYR A 33 ? 0.6761 0.5228 0.5047 -0.1793 0.0847  0.0991  32  TYR A CE1 
240 C CE2 . TYR A 33 ? 0.6878 0.4926 0.5063 -0.1901 0.0862  0.0630  32  TYR A CE2 
241 C CZ  . TYR A 33 ? 0.7258 0.5315 0.5533 -0.1848 0.0877  0.0866  32  TYR A CZ  
242 O OH  . TYR A 33 ? 0.7449 0.5093 0.5797 -0.1840 0.0917  0.0965  32  TYR A OH  
243 N N   . ASN A 34 ? 0.4316 0.4549 0.2694 -0.1802 0.0504  0.0449  33  ASN A N   
244 C CA  . ASN A 34 ? 0.4145 0.4761 0.2612 -0.1738 0.0387  0.0324  33  ASN A CA  
245 C C   . ASN A 34 ? 0.4018 0.4711 0.2516 -0.1555 0.0334  0.0302  33  ASN A C   
246 O O   . ASN A 34 ? 0.5228 0.6184 0.3857 -0.1515 0.0222  0.0179  33  ASN A O   
247 C CB  . ASN A 34 ? 0.4294 0.5277 0.2833 -0.1724 0.0381  0.0391  33  ASN A CB  
248 C CG  . ASN A 34 ? 0.5441 0.6437 0.4006 -0.1896 0.0413  0.0408  33  ASN A CG  
249 O OD1 . ASN A 34 ? 0.6262 0.7172 0.4822 -0.2015 0.0360  0.0280  33  ASN A OD1 
250 N ND2 . ASN A 34 ? 0.5647 0.6733 0.4224 -0.1905 0.0504  0.0576  33  ASN A ND2 
251 N N   . ILE A 35 ? 0.3735 0.4233 0.2149 -0.1441 0.0400  0.0434  34  ILE A N   
252 C CA  . ILE A 35 ? 0.3572 0.4156 0.2010 -0.1250 0.0337  0.0435  34  ILE A CA  
253 C C   . ILE A 35 ? 0.3964 0.4290 0.2400 -0.1254 0.0349  0.0361  34  ILE A C   
254 O O   . ILE A 35 ? 0.4419 0.4377 0.2767 -0.1339 0.0454  0.0390  34  ILE A O   
255 C CB  . ILE A 35 ? 0.3941 0.4444 0.2260 -0.1123 0.0383  0.0628  34  ILE A CB  
256 C CG1 . ILE A 35 ? 0.3835 0.4582 0.2126 -0.1131 0.0400  0.0701  34  ILE A CG1 
257 C CG2 . ILE A 35 ? 0.3629 0.4211 0.1956 -0.0919 0.0283  0.0631  34  ILE A CG2 
258 C CD1 . ILE A 35 ? 0.4733 0.5364 0.2864 -0.1041 0.0457  0.0910  34  ILE A CD1 
259 N N   . GLU A 36 ? 0.3774 0.4292 0.2334 -0.1159 0.0245  0.0263  35  GLU A N   
260 C CA  . GLU A 36 ? 0.3715 0.4039 0.2283 -0.1170 0.0264  0.0185  35  GLU A CA  
261 C C   . GLU A 36 ? 0.3444 0.3380 0.1896 -0.1112 0.0389  0.0303  35  GLU A C   
262 O O   . GLU A 36 ? 0.3750 0.3367 0.2146 -0.1180 0.0491  0.0249  35  GLU A O   
263 C CB  . GLU A 36 ? 0.2880 0.3518 0.1659 -0.1054 0.0122  0.0110  35  GLU A CB  
264 C CG  . GLU A 36 ? 0.3283 0.4230 0.2293 -0.1145 0.0039  0.0002  35  GLU A CG  
265 C CD  . GLU A 36 ? 0.3806 0.5028 0.3124 -0.0955 -0.0035 -0.0008 35  GLU A CD  
266 O OE1 . GLU A 36 ? 0.3580 0.4810 0.2921 -0.0765 -0.0104 0.0029  35  GLU A OE1 
267 O OE2 . GLU A 36 ? 0.4006 0.5323 0.3479 -0.0945 -0.0002 -0.0038 35  GLU A OE2 
268 N N   . LYS A 37 ? 0.2929 0.2854 0.1345 -0.0983 0.0378  0.0462  36  LYS A N   
269 C CA  . LYS A 37 ? 0.3545 0.3046 0.1937 -0.0915 0.0476  0.0578  36  LYS A CA  
270 C C   . LYS A 37 ? 0.4138 0.3252 0.2424 -0.1063 0.0622  0.0621  36  LYS A C   
271 O O   . LYS A 37 ? 0.3832 0.2537 0.2127 -0.1058 0.0732  0.0616  36  LYS A O   
272 C CB  . LYS A 37 ? 0.4393 0.3946 0.2861 -0.0695 0.0370  0.0730  36  LYS A CB  
273 C CG  . LYS A 37 ? 0.4598 0.4191 0.2887 -0.0742 0.0377  0.0883  36  LYS A CG  
274 C CD  . LYS A 37 ? 0.6271 0.5878 0.4602 -0.0513 0.0253  0.1026  36  LYS A CD  
275 C CE  . LYS A 37 ? 0.7950 0.7686 0.6052 -0.0552 0.0249  0.1183  36  LYS A CE  
276 N NZ  . LYS A 37 ? 0.9237 0.8628 0.7278 -0.0703 0.0408  0.1300  36  LYS A NZ  
277 N N   . ASP A 38 ? 0.4477 0.3721 0.2726 -0.1161 0.0613  0.0651  37  ASP A N   
278 C CA  . ASP A 38 ? 0.4502 0.3413 0.2715 -0.1296 0.0711  0.0685  37  ASP A CA  
279 C C   . ASP A 38 ? 0.4836 0.3582 0.3017 -0.1429 0.0753  0.0489  37  ASP A C   
280 O O   . ASP A 38 ? 0.4471 0.2811 0.2614 -0.1487 0.0842  0.0471  37  ASP A O   
281 C CB  . ASP A 38 ? 0.4851 0.3962 0.3053 -0.1375 0.0696  0.0783  37  ASP A CB  
282 C CG  . ASP A 38 ? 0.5802 0.5034 0.3972 -0.1249 0.0673  0.0990  37  ASP A CG  
283 O OD1 . ASP A 38 ? 0.5829 0.4837 0.3989 -0.1134 0.0674  0.1102  37  ASP A OD1 
284 O OD2 . ASP A 38 ? 0.6174 0.5705 0.4324 -0.1264 0.0653  0.1037  37  ASP A OD2 
285 N N   . ILE A 39 ? 0.4022 0.3066 0.2210 -0.1479 0.0674  0.0337  38  ILE A N   
286 C CA  . ILE A 39 ? 0.3995 0.2874 0.2099 -0.1591 0.0698  0.0151  38  ILE A CA  
287 C C   . ILE A 39 ? 0.4669 0.3240 0.2736 -0.1509 0.0797  0.0103  38  ILE A C   
288 O O   . ILE A 39 ? 0.4370 0.2557 0.2322 -0.1578 0.0899  0.0024  38  ILE A O   
289 C CB  . ILE A 39 ? 0.4207 0.3463 0.2350 -0.1635 0.0569  0.0015  38  ILE A CB  
290 C CG1 . ILE A 39 ? 0.4039 0.3525 0.2215 -0.1736 0.0505  0.0041  38  ILE A CG1 
291 C CG2 . ILE A 39 ? 0.3696 0.2772 0.1695 -0.1738 0.0588  -0.0170 38  ILE A CG2 
292 C CD1 . ILE A 39 ? 0.3424 0.3349 0.1729 -0.1705 0.0366  -0.0022 38  ILE A CD1 
293 N N   . ALA A 40 ? 0.4300 0.3032 0.2474 -0.1350 0.0772  0.0150  39  ALA A N   
294 C CA  . ALA A 40 ? 0.3867 0.2343 0.2057 -0.1248 0.0883  0.0124  39  ALA A CA  
295 C C   . ALA A 40 ? 0.4279 0.2264 0.2458 -0.1207 0.1020  0.0198  39  ALA A C   
296 O O   . ALA A 40 ? 0.4850 0.2493 0.2973 -0.1200 0.1153  0.0098  39  ALA A O   
297 C CB  . ALA A 40 ? 0.3505 0.2272 0.1888 -0.1058 0.0797  0.0201  39  ALA A CB  
298 N N   . ALA A 41 ? 0.4341 0.2285 0.2580 -0.1169 0.0986  0.0369  40  ALA A N   
299 C CA  . ALA A 41 ? 0.4723 0.2230 0.3018 -0.1115 0.1072  0.0448  40  ALA A CA  
300 C C   . ALA A 41 ? 0.6133 0.3336 0.4313 -0.1270 0.1141  0.0326  40  ALA A C   
301 O O   . ALA A 41 ? 0.6034 0.2849 0.4242 -0.1216 0.1243  0.0265  40  ALA A O   
302 C CB  . ALA A 41 ? 0.4769 0.2339 0.3131 -0.1072 0.0993  0.0671  40  ALA A CB  
303 N N   . HIS A 42 ? 0.5090 0.2469 0.3166 -0.1447 0.1076  0.0282  41  HIS A N   
304 C CA  . HIS A 42 ? 0.5470 0.2550 0.3451 -0.1595 0.1112  0.0178  41  HIS A CA  
305 C C   . HIS A 42 ? 0.6258 0.3102 0.4088 -0.1599 0.1206  -0.0045 41  HIS A C   
306 O O   . HIS A 42 ? 0.6015 0.2451 0.3808 -0.1594 0.1288  -0.0130 41  HIS A O   
307 C CB  . HIS A 42 ? 0.5395 0.2750 0.3333 -0.1766 0.1014  0.0178  41  HIS A CB  
308 C CG  . HIS A 42 ? 0.7434 0.4512 0.5293 -0.1919 0.1020  0.0074  41  HIS A CG  
309 N ND1 . HIS A 42 ? 0.7871 0.4736 0.5842 -0.1990 0.1006  0.0194  41  HIS A ND1 
310 C CD2 . HIS A 42 ? 0.7591 0.4562 0.5282 -0.2007 0.1025  -0.0129 41  HIS A CD2 
311 C CE1 . HIS A 42 ? 0.8536 0.5171 0.6434 -0.2112 0.0991  0.0059  41  HIS A CE1 
312 N NE2 . HIS A 42 ? 0.8336 0.5030 0.6044 -0.2120 0.1003  -0.0140 41  HIS A NE2 
313 N N   . ILE A 43 ? 0.5969 0.3082 0.3719 -0.1596 0.1191  -0.0142 42  ILE A N   
314 C CA  . ILE A 43 ? 0.5751 0.2688 0.3322 -0.1612 0.1285  -0.0341 42  ILE A CA  
315 C C   . ILE A 43 ? 0.6144 0.2755 0.3785 -0.1432 0.1447  -0.0353 42  ILE A C   
316 O O   . ILE A 43 ? 0.6591 0.2858 0.4101 -0.1418 0.1561  -0.0507 42  ILE A O   
317 C CB  . ILE A 43 ? 0.5371 0.2720 0.2895 -0.1645 0.1210  -0.0400 42  ILE A CB  
318 C CG1 . ILE A 43 ? 0.5318 0.2980 0.2805 -0.1795 0.1049  -0.0414 42  ILE A CG1 
319 C CG2 . ILE A 43 ? 0.5227 0.2394 0.2555 -0.1657 0.1320  -0.0576 42  ILE A CG2 
320 C CD1 . ILE A 43 ? 0.4669 0.2787 0.2195 -0.1792 0.0925  -0.0455 42  ILE A CD1 
321 N N   . LYS A 44 ? 0.5583 0.2331 0.3449 -0.1265 0.1447  -0.0195 43  LYS A N   
322 C CA  . LYS A 44 ? 0.5660 0.2194 0.3692 -0.1043 0.1575  -0.0185 43  LYS A CA  
323 C C   . LYS A 44 ? 0.5945 0.2040 0.4014 -0.1014 0.1646  -0.0202 43  LYS A C   
324 O O   . LYS A 44 ? 0.7071 0.2888 0.5124 -0.0918 0.1788  -0.0332 43  LYS A O   
325 C CB  . LYS A 44 ? 0.5739 0.2568 0.4070 -0.0854 0.1491  0.0015  43  LYS A CB  
326 C CG  . LYS A 44 ? 0.5955 0.2626 0.4560 -0.0601 0.1595  0.0066  43  LYS A CG  
327 C CD  . LYS A 44 ? 0.5425 0.1791 0.4193 -0.0525 0.1596  0.0174  43  LYS A CD  
328 C CE  . LYS A 44 ? 0.6188 0.2605 0.5327 -0.0264 0.1602  0.0278  43  LYS A CE  
329 N NZ  . LYS A 44 ? 0.5457 0.1751 0.4639 -0.0157 0.1796  0.0136  43  LYS A NZ  
330 N N   . LYS A 45 ? 0.6010 0.2099 0.4152 -0.1081 0.1535  -0.0069 44  LYS A N   
331 C CA  . LYS A 45 ? 0.6425 0.2157 0.4676 -0.1048 0.1558  -0.0056 44  LYS A CA  
332 C C   . LYS A 45 ? 0.6837 0.2283 0.4878 -0.1172 0.1608  -0.0270 44  LYS A C   
333 O O   . LYS A 45 ? 0.7205 0.2329 0.5310 -0.1081 0.1686  -0.0360 44  LYS A O   
334 C CB  . LYS A 45 ? 0.6409 0.2220 0.4791 -0.1110 0.1417  0.0166  44  LYS A CB  
335 C CG  . LYS A 45 ? 0.6072 0.2145 0.4639 -0.0969 0.1342  0.0380  44  LYS A CG  
336 C CD  . LYS A 45 ? 0.6935 0.3125 0.5543 -0.1065 0.1214  0.0596  44  LYS A CD  
337 C CE  . LYS A 45 ? 0.7059 0.3402 0.5837 -0.0908 0.1128  0.0812  44  LYS A CE  
338 N NZ  . LYS A 45 ? 0.8171 0.4652 0.6921 -0.1022 0.1027  0.1021  44  LYS A NZ  
339 N N   . GLU A 46 ? 0.7064 0.2648 0.4874 -0.1367 0.1545  -0.0360 45  GLU A N   
340 C CA  . GLU A 46 ? 0.7337 0.2669 0.4943 -0.1471 0.1560  -0.0566 45  GLU A CA  
341 C C   . GLU A 46 ? 0.7446 0.2638 0.4907 -0.1346 0.1716  -0.0765 45  GLU A C   
342 O O   . GLU A 46 ? 0.7804 0.2683 0.5210 -0.1309 0.1768  -0.0909 45  GLU A O   
343 C CB  . GLU A 46 ? 0.8336 0.3911 0.5760 -0.1681 0.1441  -0.0610 45  GLU A CB  
344 C CG  . GLU A 46 ? 0.9968 0.5641 0.7532 -0.1815 0.1303  -0.0448 45  GLU A CG  
345 C CD  . GLU A 46 ? 1.1414 0.6693 0.9088 -0.1848 0.1274  -0.0451 45  GLU A CD  
346 O OE1 . GLU A 46 ? 1.2244 0.7215 0.9802 -0.1821 0.1320  -0.0648 45  GLU A OE1 
347 O OE2 . GLU A 46 ? 1.1614 0.6908 0.9500 -0.1896 0.1196  -0.0253 45  GLU A OE2 
348 N N   . PHE A 47 ? 0.7024 0.2461 0.4442 -0.1272 0.1787  -0.0768 46  PHE A N   
349 C CA  . PHE A 47 ? 0.7289 0.2656 0.4587 -0.1144 0.1947  -0.0927 46  PHE A CA  
350 C C   . PHE A 47 ? 0.7548 0.2695 0.5087 -0.0910 0.2091  -0.0908 46  PHE A C   
351 O O   . PHE A 47 ? 0.7736 0.2706 0.5184 -0.0820 0.2209  -0.1065 46  PHE A O   
352 C CB  . PHE A 47 ? 0.6771 0.2485 0.3999 -0.1136 0.1964  -0.0918 46  PHE A CB  
353 C CG  . PHE A 47 ? 0.6777 0.2675 0.3726 -0.1302 0.1878  -0.1030 46  PHE A CG  
354 C CD1 . PHE A 47 ? 0.7883 0.3865 0.4755 -0.1506 0.1708  -0.1012 46  PHE A CD1 
355 C CD2 . PHE A 47 ? 0.7598 0.3617 0.4414 -0.1243 0.1946  -0.1119 46  PHE A CD2 
356 C CE1 . PHE A 47 ? 0.7850 0.4024 0.4542 -0.1640 0.1602  -0.1081 46  PHE A CE1 
357 C CE2 . PHE A 47 ? 0.7869 0.4077 0.4497 -0.1387 0.1821  -0.1177 46  PHE A CE2 
358 C CZ  . PHE A 47 ? 0.7938 0.4216 0.4515 -0.1582 0.1648  -0.1158 46  PHE A CZ  
359 N N   . ASP A 48 ? 0.7159 0.2346 0.5026 -0.0802 0.2059  -0.0709 47  ASP A N   
360 C CA  . ASP A 48 ? 0.7919 0.2921 0.6073 -0.0593 0.2146  -0.0673 47  ASP A CA  
361 C C   . ASP A 48 ? 0.8696 0.3332 0.6800 -0.0634 0.2137  -0.0806 47  ASP A C   
362 O O   . ASP A 48 ? 0.8728 0.3185 0.6902 -0.0488 0.2258  -0.0920 47  ASP A O   
363 C CB  . ASP A 48 ? 0.8020 0.3162 0.6533 -0.0501 0.2037  -0.0415 47  ASP A CB  
364 C CG  . ASP A 48 ? 0.8092 0.3547 0.6810 -0.0337 0.2072  -0.0297 47  ASP A CG  
365 O OD1 . ASP A 48 ? 0.8048 0.3613 0.6638 -0.0308 0.2192  -0.0400 47  ASP A OD1 
366 O OD2 . ASP A 48 ? 0.8083 0.3692 0.7101 -0.0235 0.1958  -0.0096 47  ASP A OD2 
367 N N   . LYS A 49 ? 0.8028 0.2565 0.6032 -0.0830 0.1987  -0.0792 48  LYS A N   
368 C CA  . LYS A 49 ? 0.8719 0.2898 0.6702 -0.0882 0.1939  -0.0917 48  LYS A CA  
369 C C   . LYS A 49 ? 0.9047 0.3113 0.6697 -0.0916 0.2006  -0.1187 48  LYS A C   
370 O O   . LYS A 49 ? 0.9743 0.3577 0.7398 -0.0785 0.2098  -0.1345 48  LYS A O   
371 C CB  . LYS A 49 ? 0.9022 0.3174 0.7043 -0.1088 0.1746  -0.0793 48  LYS A CB  
372 C CG  . LYS A 49 ? 1.0190 0.4343 0.8554 -0.1051 0.1648  -0.0533 48  LYS A CG  
373 C CD  . LYS A 49 ? 1.1833 0.5904 1.0264 -0.1254 0.1469  -0.0412 48  LYS A CD  
374 C CE  . LYS A 49 ? 1.2567 0.6968 1.0818 -0.1451 0.1394  -0.0341 48  LYS A CE  
375 N NZ  . LYS A 49 ? 1.2660 0.7467 1.0948 -0.1420 0.1388  -0.0144 48  LYS A NZ  
376 N N   . LYS A 50 ? 0.8727 0.2985 0.6091 -0.1086 0.1945  -0.1237 49  LYS A N   
377 C CA  . LYS A 50 ? 0.9781 0.3964 0.6821 -0.1145 0.1945  -0.1464 49  LYS A CA  
378 C C   . LYS A 50 ? 1.0307 0.4536 0.7227 -0.0963 0.2134  -0.1592 49  LYS A C   
379 O O   . LYS A 50 ? 1.0286 0.4326 0.7021 -0.0921 0.2163  -0.1795 49  LYS A O   
380 C CB  . LYS A 50 ? 0.9555 0.4013 0.6379 -0.1356 0.1810  -0.1447 49  LYS A CB  
381 C CG  . LYS A 50 ? 1.0203 0.4592 0.7099 -0.1554 0.1610  -0.1379 49  LYS A CG  
382 C CD  . LYS A 50 ? 1.0595 0.5294 0.7325 -0.1746 0.1474  -0.1365 49  LYS A CD  
383 C CE  . LYS A 50 ? 1.0488 0.5620 0.7239 -0.1759 0.1494  -0.1220 49  LYS A CE  
384 N NZ  . LYS A 50 ? 1.0555 0.6015 0.7304 -0.1942 0.1329  -0.1131 49  LYS A NZ  
385 N N   . TYR A 51 ? 0.9677 0.4159 0.6724 -0.0842 0.2258  -0.1472 50  TYR A N   
386 C CA  . TYR A 51 ? 0.8826 0.3430 0.5789 -0.0684 0.2432  -0.1554 50  TYR A CA  
387 C C   . TYR A 51 ? 0.9028 0.3669 0.6339 -0.0449 0.2593  -0.1445 50  TYR A C   
388 O O   . TYR A 51 ? 0.9547 0.4394 0.6864 -0.0323 0.2733  -0.1442 50  TYR A O   
389 C CB  . TYR A 51 ? 0.8461 0.3439 0.5227 -0.0778 0.2398  -0.1517 50  TYR A CB  
390 C CG  . TYR A 51 ? 0.9240 0.4242 0.5706 -0.0992 0.2225  -0.1612 50  TYR A CG  
391 C CD1 . TYR A 51 ? 0.9670 0.4519 0.5871 -0.0991 0.2220  -0.1807 50  TYR A CD1 
392 C CD2 . TYR A 51 ? 0.9263 0.4458 0.5735 -0.1183 0.2057  -0.1502 50  TYR A CD2 
393 C CE1 . TYR A 51 ? 1.0061 0.4936 0.6034 -0.1171 0.2040  -0.1880 50  TYR A CE1 
394 C CE2 . TYR A 51 ? 0.9709 0.4961 0.5978 -0.1365 0.1889  -0.1564 50  TYR A CE2 
395 C CZ  . TYR A 51 ? 1.0125 0.5209 0.6156 -0.1357 0.1877  -0.1747 50  TYR A CZ  
396 O OH  . TYR A 51 ? 1.0324 0.5459 0.6193 -0.1522 0.1694  -0.1799 50  TYR A OH  
397 N N   . ASN A 52 ? 0.8905 0.3385 0.6547 -0.0387 0.2557  -0.1331 51  ASN A N   
398 C CA  . ASN A 52 ? 0.9370 0.3884 0.7413 -0.0162 0.2665  -0.1213 51  ASN A CA  
399 C C   . ASN A 52 ? 0.8794 0.3663 0.7039 -0.0108 0.2668  -0.1002 51  ASN A C   
400 O O   . ASN A 52 ? 0.8675 0.3777 0.6707 -0.0186 0.2673  -0.1011 51  ASN A O   
401 C CB  . ASN A 52 ? 1.0606 0.5058 0.8630 0.0015  0.2856  -0.1369 51  ASN A CB  
402 C CG  . ASN A 52 ? 1.2370 0.6441 1.0221 -0.0001 0.2836  -0.1607 51  ASN A CG  
403 O OD1 . ASN A 52 ? 1.2665 0.6689 1.0326 0.0087  0.2960  -0.1793 51  ASN A OD1 
404 N ND2 . ASN A 52 ? 1.2300 0.6111 1.0231 -0.0107 0.2666  -0.1593 51  ASN A ND2 
405 N N   . PRO A 53 ? 0.8503 0.3445 0.7172 0.0021  0.2625  -0.0803 52  PRO A N   
406 C CA  . PRO A 53 ? 0.8023 0.3311 0.6959 0.0107  0.2590  -0.0591 52  PRO A CA  
407 C C   . PRO A 53 ? 0.7970 0.3499 0.6948 0.0235  0.2757  -0.0605 52  PRO A C   
408 O O   . PRO A 53 ? 0.8480 0.3903 0.7329 0.0287  0.2913  -0.0758 52  PRO A O   
409 C CB  . PRO A 53 ? 0.7673 0.2956 0.7056 0.0239  0.2495  -0.0419 52  PRO A CB  
410 C CG  . PRO A 53 ? 0.7887 0.2811 0.7257 0.0247  0.2529  -0.0553 52  PRO A CG  
411 C CD  . PRO A 53 ? 0.8441 0.3143 0.7364 0.0065  0.2542  -0.0757 52  PRO A CD  
412 N N   . THR A 54 ? 0.7406 0.3267 0.6564 0.0287  0.2715  -0.0448 53  THR A N   
413 C CA  . THR A 54 ? 0.7208 0.3235 0.6507 0.0240  0.2509  -0.0273 53  THR A CA  
414 C C   . THR A 54 ? 0.6640 0.2839 0.5680 0.0115  0.2468  -0.0306 53  THR A C   
415 O O   . THR A 54 ? 0.5901 0.2347 0.4985 0.0191  0.2552  -0.0303 53  THR A O   
416 C CB  . THR A 54 ? 0.6904 0.3218 0.6715 0.0426  0.2425  -0.0053 53  THR A CB  
417 O OG1 . THR A 54 ? 0.7952 0.4113 0.7995 0.0505  0.2402  -0.0021 53  THR A OG1 
418 C CG2 . THR A 54 ? 0.6078 0.2628 0.5988 0.0385  0.2183  0.0111  53  THR A CG2 
419 N N   . TRP A 55 ? 0.6659 0.2804 0.5450 -0.0089 0.2314  -0.0323 54  TRP A N   
420 C CA  . TRP A 55 ? 0.6248 0.2767 0.4826 -0.0254 0.2172  -0.0338 54  TRP A CA  
421 C C   . TRP A 55 ? 0.5676 0.2553 0.4505 -0.0240 0.1945  -0.0130 54  TRP A C   
422 O O   . TRP A 55 ? 0.4999 0.1775 0.4045 -0.0167 0.1869  0.0012  54  TRP A O   
423 C CB  . TRP A 55 ? 0.6080 0.2410 0.4240 -0.0505 0.2125  -0.0499 54  TRP A CB  
424 C CG  . TRP A 55 ? 0.6889 0.2897 0.4728 -0.0534 0.2308  -0.0739 54  TRP A CG  
425 C CD1 . TRP A 55 ? 0.6761 0.2422 0.4609 -0.0471 0.2408  -0.0819 54  TRP A CD1 
426 C CD2 . TRP A 55 ? 0.6701 0.2874 0.4230 -0.0622 0.2338  -0.0880 54  TRP A CD2 
427 N NE1 . TRP A 55 ? 0.7304 0.2911 0.4861 -0.0512 0.2485  -0.1001 54  TRP A NE1 
428 C CE2 . TRP A 55 ? 0.7321 0.3244 0.4688 -0.0606 0.2432  -0.1020 54  TRP A CE2 
429 C CE3 . TRP A 55 ? 0.6691 0.3284 0.4134 -0.0715 0.2226  -0.0852 54  TRP A CE3 
430 C CZ2 . TRP A 55 ? 0.7505 0.3533 0.4599 -0.0672 0.2424  -0.1137 54  TRP A CZ2 
431 C CZ3 . TRP A 55 ? 0.6812 0.3523 0.4043 -0.0790 0.2190  -0.0941 54  TRP A CZ3 
432 C CH2 . TRP A 55 ? 0.7343 0.3759 0.4379 -0.0766 0.2299  -0.1085 54  TRP A CH2 
433 N N   . HIS A 56 ? 0.5133 0.2422 0.3911 -0.0313 0.1824  -0.0122 55  HIS A N   
434 C CA  . HIS A 56 ? 0.4568 0.2229 0.3542 -0.0304 0.1593  0.0030  55  HIS A CA  
435 C C   . HIS A 56 ? 0.4485 0.2404 0.3195 -0.0519 0.1465  -0.0056 55  HIS A C   
436 O O   . HIS A 56 ? 0.4503 0.2452 0.2992 -0.0618 0.1532  -0.0191 55  HIS A O   
437 C CB  . HIS A 56 ? 0.4656 0.2623 0.4023 -0.0102 0.1547  0.0159  55  HIS A CB  
438 C CG  . HIS A 56 ? 0.5112 0.2850 0.4777 0.0111  0.1700  0.0233  55  HIS A CG  
439 N ND1 . HIS A 56 ? 0.5086 0.2699 0.4747 0.0186  0.1937  0.0150  55  HIS A ND1 
440 C CD2 . HIS A 56 ? 0.4008 0.1608 0.3982 0.0265  0.1653  0.0379  55  HIS A CD2 
441 C CE1 . HIS A 56 ? 0.5135 0.2560 0.5130 0.0383  0.2039  0.0239  55  HIS A CE1 
442 N NE2 . HIS A 56 ? 0.5242 0.2656 0.5439 0.0427  0.1853  0.0380  55  HIS A NE2 
443 N N   . CYS A 57 ? 0.4063 0.2168 0.2790 -0.0588 0.1283  0.0021  56  CYS A N   
444 C CA  . CYS A 57 ? 0.3652 0.1994 0.2167 -0.0794 0.1165  -0.0059 56  CYS A CA  
445 C C   . CYS A 57 ? 0.3432 0.2207 0.2143 -0.0749 0.0944  0.0044  56  CYS A C   
446 O O   . CYS A 57 ? 0.3520 0.2300 0.2359 -0.0655 0.0872  0.0169  56  CYS A O   
447 C CB  . CYS A 57 ? 0.4457 0.2511 0.2701 -0.0989 0.1204  -0.0123 56  CYS A CB  
448 S SG  . CYS A 57 ? 0.4398 0.2692 0.2398 -0.1262 0.1084  -0.0240 56  CYS A SG  
449 N N   . ILE A 58 ? 0.3156 0.2286 0.1876 -0.0820 0.0826  -0.0014 57  ILE A N   
450 C CA  . ILE A 58 ? 0.2961 0.2519 0.1852 -0.0792 0.0603  0.0038  57  ILE A CA  
451 C C   . ILE A 58 ? 0.3137 0.2856 0.1824 -0.1019 0.0529  -0.0073 57  ILE A C   
452 O O   . ILE A 58 ? 0.2997 0.2668 0.1604 -0.1110 0.0535  -0.0193 57  ILE A O   
453 C CB  . ILE A 58 ? 0.2292 0.2161 0.1491 -0.0653 0.0487  0.0077  57  ILE A CB  
454 C CG1 . ILE A 58 ? 0.2511 0.2197 0.1939 -0.0448 0.0600  0.0175  57  ILE A CG1 
455 C CG2 . ILE A 58 ? 0.1862 0.2135 0.1259 -0.0597 0.0234  0.0113  57  ILE A CG2 
456 C CD1 . ILE A 58 ? 0.3563 0.3060 0.3098 -0.0312 0.0604  0.0283  57  ILE A CD1 
457 N N   . VAL A 59 ? 0.2378 0.2308 0.1102 -0.1039 0.0400  -0.0045 58  VAL A N   
458 C CA  . VAL A 59 ? 0.2243 0.2321 0.0962 -0.1183 0.0288  -0.0146 58  VAL A CA  
459 C C   . VAL A 59 ? 0.2723 0.3245 0.1717 -0.1110 0.0113  -0.0111 58  VAL A C   
460 O O   . VAL A 59 ? 0.2582 0.3197 0.1582 -0.0989 0.0075  -0.0026 58  VAL A O   
461 C CB  . VAL A 59 ? 0.3590 0.3428 0.2118 -0.1289 0.0373  -0.0133 58  VAL A CB  
462 C CG1 . VAL A 59 ? 0.2675 0.2719 0.1244 -0.1444 0.0261  -0.0211 58  VAL A CG1 
463 C CG2 . VAL A 59 ? 0.3401 0.2788 0.1711 -0.1363 0.0548  -0.0183 58  VAL A CG2 
464 N N   . GLY A 60 ? 0.2320 0.3061 0.1552 -0.1090 0.0083  -0.0113 59  GLY A N   
465 C CA  . GLY A 60 ? 0.2694 0.3681 0.2149 -0.0897 0.0016  -0.0065 59  GLY A CA  
466 C C   . GLY A 60 ? 0.2540 0.3620 0.2060 -0.0869 0.0039  -0.0069 59  GLY A C   
467 O O   . GLY A 60 ? 0.3466 0.4434 0.2920 -0.0916 0.0064  -0.0090 59  GLY A O   
468 N N   . ARG A 61 ? 0.2352 0.3229 0.1987 -0.0197 -0.0843 -0.0018 60  ARG A N   
469 C CA  . ARG A 61 ? 0.3601 0.4529 0.3255 -0.0115 -0.0986 -0.0041 60  ARG A CA  
470 C C   . ARG A 61 ? 0.3693 0.4558 0.3396 0.0026  -0.1025 -0.0027 60  ARG A C   
471 O O   . ARG A 61 ? 0.3377 0.4316 0.3070 0.0087  -0.1105 -0.0028 60  ARG A O   
472 C CB  . ARG A 61 ? 0.3599 0.4659 0.3389 -0.0091 -0.1049 -0.0064 60  ARG A CB  
473 C CG  . ARG A 61 ? 0.4308 0.5632 0.4065 -0.0207 -0.0999 -0.0095 60  ARG A CG  
474 C CD  . ARG A 61 ? 0.5404 0.6970 0.5299 -0.0188 -0.0955 -0.0126 60  ARG A CD  
475 N NE  . ARG A 61 ? 0.7269 0.9062 0.7122 -0.0329 -0.0865 -0.0154 60  ARG A NE  
476 C CZ  . ARG A 61 ? 0.9217 1.1256 0.9093 -0.0380 -0.0921 -0.0182 60  ARG A CZ  
477 N NH1 . ARG A 61 ? 1.0346 1.2439 1.0294 -0.0279 -0.1068 -0.0184 60  ARG A NH1 
478 N NH2 . ARG A 61 ? 0.9655 1.1882 0.9490 -0.0539 -0.0845 -0.0203 60  ARG A NH2 
479 N N   . ASN A 62 ? 0.2293 0.3126 0.2061 0.0054  -0.0937 0.0015  61  ASN A N   
480 C CA  . ASN A 62 ? 0.2266 0.3105 0.2089 0.0090  -0.0956 0.0118  61  ASN A CA  
481 C C   . ASN A 62 ? 0.2607 0.3206 0.2455 0.0030  -0.0886 0.0209  61  ASN A C   
482 O O   . ASN A 62 ? 0.2210 0.2784 0.2170 0.0051  -0.0841 0.0201  61  ASN A O   
483 C CB  . ASN A 62 ? 0.2227 0.3202 0.2209 0.0146  -0.0986 0.0144  61  ASN A CB  
484 C CG  . ASN A 62 ? 0.2949 0.3636 0.2999 0.0179  -0.1062 0.0218  61  ASN A CG  
485 O OD1 . ASN A 62 ? 0.3521 0.4004 0.3652 0.0179  -0.1043 0.0230  61  ASN A OD1 
486 N ND2 . ASN A 62 ? 0.3706 0.4376 0.3718 0.0199  -0.1159 0.0263  61  ASN A ND2 
487 N N   . PHE A 63 ? 0.2369 0.2816 0.2103 -0.0044 -0.0881 0.0302  62  PHE A N   
488 C CA  . PHE A 63 ? 0.2617 0.2886 0.2404 -0.0084 -0.0824 0.0404  62  PHE A CA  
489 C C   . PHE A 63 ? 0.2684 0.2840 0.2314 -0.0140 -0.0840 0.0521  62  PHE A C   
490 O O   . PHE A 63 ? 0.2675 0.2871 0.2094 -0.0184 -0.0876 0.0512  62  PHE A O   
491 C CB  . PHE A 63 ? 0.2104 0.2349 0.1861 -0.0144 -0.0730 0.0400  62  PHE A CB  
492 C CG  . PHE A 63 ? 0.2707 0.2933 0.2165 -0.0323 -0.0710 0.0425  62  PHE A CG  
493 C CD1 . PHE A 63 ? 0.2039 0.2401 0.1423 -0.0328 -0.0696 0.0281  62  PHE A CD1 
494 C CD2 . PHE A 63 ? 0.2905 0.2944 0.2097 -0.0483 -0.0650 0.0571  62  PHE A CD2 
495 C CE1 . PHE A 63 ? 0.2281 0.2608 0.1371 -0.0521 -0.0636 0.0260  62  PHE A CE1 
496 C CE2 . PHE A 63 ? 0.2282 0.2228 0.1046 -0.0668 -0.0527 0.0510  62  PHE A CE2 
497 C CZ  . PHE A 63 ? 0.2608 0.2712 0.1355 -0.0702 -0.0542 0.0342  62  PHE A CZ  
498 N N   . GLY A 64 ? 0.2080 0.2090 0.1824 -0.0171 -0.0832 0.0657  63  GLY A N   
499 C CA  . GLY A 64 ? 0.2191 0.2066 0.1775 -0.0270 -0.0818 0.0836  63  GLY A CA  
500 C C   . GLY A 64 ? 0.2528 0.2293 0.2163 -0.0322 -0.0661 0.0948  63  GLY A C   
501 O O   . GLY A 64 ? 0.2263 0.2078 0.2165 -0.0267 -0.0637 0.0896  63  GLY A O   
502 N N   . SER A 65 ? 0.2522 0.2124 0.1904 -0.0409 -0.0478 0.1067  64  SER A N   
503 C CA  . SER A 65 ? 0.2480 0.1946 0.1921 -0.0425 -0.0193 0.1097  64  SER A CA  
504 C C   . SER A 65 ? 0.3389 0.2699 0.2727 -0.0455 0.0024  0.1205  64  SER A C   
505 O O   . SER A 65 ? 0.3443 0.2729 0.2510 -0.0506 -0.0018 0.1268  64  SER A O   
506 C CB  . SER A 65 ? 0.2613 0.2010 0.1725 -0.0538 -0.0042 0.0995  64  SER A CB  
507 O OG  . SER A 65 ? 0.5438 0.4755 0.4077 -0.0654 0.0045  0.0962  64  SER A OG  
508 N N   . TYR A 66 ? 0.2926 0.2138 0.2456 -0.0438 0.0242  0.1210  65  TYR A N   
509 C CA  . TYR A 66 ? 0.3264 0.2334 0.2629 -0.0526 0.0480  0.1275  65  TYR A CA  
510 C C   . TYR A 66 ? 0.3963 0.3094 0.3512 -0.0540 0.0677  0.1221  65  TYR A C   
511 O O   . TYR A 66 ? 0.3595 0.2822 0.3579 -0.0414 0.0653  0.1200  65  TYR A O   
512 C CB  . TYR A 66 ? 0.3188 0.2339 0.2862 -0.0475 0.0389  0.1397  65  TYR A CB  
513 C CG  . TYR A 66 ? 0.3824 0.2881 0.3303 -0.0583 0.0598  0.1500  65  TYR A CG  
514 C CD1 . TYR A 66 ? 0.4649 0.3552 0.3666 -0.0657 0.0629  0.1568  65  TYR A CD1 
515 C CD2 . TYR A 66 ? 0.3841 0.3011 0.3648 -0.0569 0.0775  0.1543  65  TYR A CD2 
516 C CE1 . TYR A 66 ? 0.5197 0.4033 0.3997 -0.0786 0.0814  0.1665  65  TYR A CE1 
517 C CE2 . TYR A 66 ? 0.4750 0.3913 0.4433 -0.0658 0.0972  0.1649  65  TYR A CE2 
518 C CZ  . TYR A 66 ? 0.5682 0.4702 0.4845 -0.0799 0.0974  0.1713  65  TYR A CZ  
519 O OH  . TYR A 66 ? 0.6693 0.5751 0.5718 -0.0904 0.1171  0.1828  65  TYR A OH  
520 N N   . VAL A 67 ? 0.4282 0.3408 0.3574 -0.0604 0.0894  0.1188  66  VAL A N   
521 C CA  . VAL A 67 ? 0.3739 0.2790 0.3149 -0.0521 0.1141  0.1064  66  VAL A CA  
522 C C   . VAL A 67 ? 0.4648 0.3607 0.3839 -0.0542 0.1446  0.1049  66  VAL A C   
523 O O   . VAL A 67 ? 0.5115 0.4099 0.3991 -0.0633 0.1451  0.1117  66  VAL A O   
524 C CB  . VAL A 67 ? 0.3717 0.2665 0.2903 -0.0542 0.1141  0.0899  66  VAL A CB  
525 C CG1 . VAL A 67 ? 0.3071 0.2138 0.2432 -0.0531 0.0850  0.0925  66  VAL A CG1 
526 C CG2 . VAL A 67 ? 0.4166 0.2995 0.2757 -0.0661 0.1202  0.0797  66  VAL A CG2 
527 N N   . THR A 68 ? 0.5126 0.3968 0.4483 -0.0442 0.1705  0.0965  67  THR A N   
528 C CA  . THR A 68 ? 0.5828 0.4523 0.4965 -0.0440 0.2039  0.0905  67  THR A CA  
529 C C   . THR A 68 ? 0.6101 0.4489 0.4928 -0.0444 0.2215  0.0674  67  THR A C   
530 O O   . THR A 68 ? 0.5823 0.4123 0.4896 -0.0364 0.2214  0.0611  67  THR A O   
531 C CB  . THR A 68 ? 0.5961 0.4734 0.5596 -0.0307 0.2215  0.1008  67  THR A CB  
532 O OG1 . THR A 68 ? 0.5717 0.4735 0.5625 -0.0333 0.2016  0.1203  67  THR A OG1 
533 C CG2 . THR A 68 ? 0.6569 0.5199 0.5986 -0.0297 0.2580  0.0950  67  THR A CG2 
534 N N   . HIS A 69 ? 0.5622 0.3839 0.3892 -0.0552 0.2339  0.0545  68  HIS A N   
535 C CA  . HIS A 69 ? 0.6245 0.4120 0.4126 -0.0612 0.2469  0.0298  68  HIS A CA  
536 C C   . HIS A 69 ? 0.7002 0.4650 0.4529 -0.0633 0.2782  0.0180  68  HIS A C   
537 O O   . HIS A 69 ? 0.6978 0.4775 0.4351 -0.0662 0.2827  0.0275  68  HIS A O   
538 C CB  . HIS A 69 ? 0.5873 0.3753 0.3322 -0.0773 0.2215  0.0207  68  HIS A CB  
539 C CG  . HIS A 69 ? 0.6253 0.4264 0.3318 -0.0872 0.2122  0.0269  68  HIS A CG  
540 N ND1 . HIS A 69 ? 0.7499 0.5331 0.4054 -0.0964 0.2270  0.0133  68  HIS A ND1 
541 C CD2 . HIS A 69 ? 0.5818 0.4110 0.2945 -0.0886 0.1892  0.0465  68  HIS A CD2 
542 C CE1 . HIS A 69 ? 0.8048 0.6066 0.4357 -0.1027 0.2129  0.0250  68  HIS A CE1 
543 N NE2 . HIS A 69 ? 0.7547 0.5827 0.4200 -0.0979 0.1906  0.0457  68  HIS A NE2 
544 N N   . GLU A 70 ? 0.7465 0.4742 0.4849 -0.0627 0.2998  -0.0022 69  GLU A N   
545 C CA  . GLU A 70 ? 0.8593 0.5623 0.5547 -0.0673 0.3265  -0.0174 69  GLU A CA  
546 C C   . GLU A 70 ? 0.8944 0.6020 0.5293 -0.0859 0.3096  -0.0246 69  GLU A C   
547 O O   . GLU A 70 ? 0.8374 0.5483 0.4550 -0.0978 0.2823  -0.0292 69  GLU A O   
548 C CB  . GLU A 70 ? 0.9265 0.5850 0.6116 -0.0673 0.3473  -0.0391 69  GLU A CB  
549 C CG  . GLU A 70 ? 1.0077 0.6550 0.7495 -0.0489 0.3643  -0.0330 69  GLU A CG  
550 C CD  . GLU A 70 ? 1.1841 0.7845 0.9095 -0.0527 0.3812  -0.0530 69  GLU A CD  
551 O OE1 . GLU A 70 ? 1.2541 0.8306 0.9252 -0.0668 0.3885  -0.0728 69  GLU A OE1 
552 O OE2 . GLU A 70 ? 1.2479 0.8364 1.0148 -0.0426 0.3854  -0.0477 69  GLU A OE2 
553 N N   . THR A 71 ? 0.9530 0.6629 0.5568 -0.0881 0.3257  -0.0248 70  THR A N   
554 C CA  . THR A 71 ? 0.9799 0.6898 0.5226 -0.1048 0.3121  -0.0329 70  THR A CA  
555 C C   . THR A 71 ? 0.9830 0.6606 0.4909 -0.1183 0.3061  -0.0587 70  THR A C   
556 O O   . THR A 71 ? 0.9910 0.6369 0.5077 -0.1148 0.3258  -0.0735 70  THR A O   
557 C CB  . THR A 71 ? 1.0570 0.7681 0.5676 -0.1042 0.3373  -0.0326 70  THR A CB  
558 O OG1 . THR A 71 ? 1.1221 0.8024 0.6327 -0.0964 0.3726  -0.0499 70  THR A OG1 
559 C CG2 . THR A 71 ? 1.0104 0.7582 0.5549 -0.0954 0.3399  -0.0038 70  THR A CG2 
560 N N   . LYS A 72 ? 0.9179 0.6047 0.3898 -0.1342 0.2776  -0.0620 71  LYS A N   
561 C CA  . LYS A 72 ? 0.9600 0.6257 0.4007 -0.1511 0.2644  -0.0830 71  LYS A CA  
562 C C   . LYS A 72 ? 0.9715 0.6312 0.4476 -0.1521 0.2528  -0.0858 71  LYS A C   
563 O O   . LYS A 72 ? 1.0557 0.6954 0.5134 -0.1663 0.2468  -0.1026 71  LYS A O   
564 C CB  . LYS A 72 ? 1.0525 0.6807 0.4533 -0.1564 0.2913  -0.1062 71  LYS A CB  
565 C CG  . LYS A 72 ? 1.1682 0.8017 0.5169 -0.1623 0.2955  -0.1089 71  LYS A CG  
566 C CD  . LYS A 72 ? 1.2267 0.8802 0.5439 -0.1787 0.2592  -0.1070 71  LYS A CD  
567 C CE  . LYS A 72 ? 1.3532 1.0069 0.6117 -0.1850 0.2648  -0.1112 71  LYS A CE  
568 N NZ  . LYS A 72 ? 1.3674 1.0435 0.5987 -0.1981 0.2289  -0.1055 71  LYS A NZ  
569 N N   . HIS A 73 ? 0.8256 0.5044 0.3513 -0.1387 0.2475  -0.0687 72  HIS A N   
570 C CA  . HIS A 73 ? 0.7925 0.4672 0.3499 -0.1390 0.2375  -0.0703 72  HIS A CA  
571 C C   . HIS A 73 ? 0.7716 0.4855 0.3636 -0.1325 0.2104  -0.0504 72  HIS A C   
572 O O   . HIS A 73 ? 0.7560 0.4772 0.3925 -0.1188 0.2133  -0.0395 72  HIS A O   
573 C CB  . HIS A 73 ? 0.8034 0.4492 0.3919 -0.1253 0.2680  -0.0734 72  HIS A CB  
574 C CG  . HIS A 73 ? 0.8675 0.4715 0.4255 -0.1303 0.2954  -0.0934 72  HIS A CG  
575 N ND1 . HIS A 73 ? 0.9601 0.5555 0.4986 -0.1241 0.3198  -0.0971 72  HIS A ND1 
576 C CD2 . HIS A 73 ? 0.9317 0.5013 0.4767 -0.1406 0.3028  -0.1102 72  HIS A CD2 
577 C CE1 . HIS A 73 ? 1.0223 0.5790 0.5359 -0.1293 0.3405  -0.1169 72  HIS A CE1 
578 N NE2 . HIS A 73 ? 1.0151 0.5547 0.5330 -0.1394 0.3303  -0.1246 72  HIS A NE2 
579 N N   . PHE A 74 ? 0.7014 0.4409 0.2740 -0.1418 0.1824  -0.0454 73  PHE A N   
580 C CA  . PHE A 74 ? 0.6413 0.4162 0.2429 -0.1364 0.1552  -0.0277 73  PHE A CA  
581 C C   . PHE A 74 ? 0.6422 0.4351 0.2219 -0.1508 0.1239  -0.0319 73  PHE A C   
582 O O   . PHE A 74 ? 0.7504 0.5422 0.2935 -0.1597 0.1203  -0.0363 73  PHE A O   
583 C CB  . PHE A 74 ? 0.6309 0.4250 0.2463 -0.1239 0.1583  -0.0060 73  PHE A CB  
584 C CG  . PHE A 74 ? 0.5976 0.4236 0.2342 -0.1203 0.1285  0.0123  73  PHE A CG  
585 C CD1 . PHE A 74 ? 0.5951 0.4364 0.2054 -0.1283 0.1039  0.0153  73  PHE A CD1 
586 C CD2 . PHE A 74 ? 0.5511 0.3911 0.2366 -0.1078 0.1237  0.0267  73  PHE A CD2 
587 C CE1 . PHE A 74 ? 0.6058 0.4726 0.2377 -0.1231 0.0763  0.0314  73  PHE A CE1 
588 C CE2 . PHE A 74 ? 0.5453 0.4100 0.2491 -0.1043 0.0960  0.0425  73  PHE A CE2 
589 C CZ  . PHE A 74 ? 0.5412 0.4179 0.2179 -0.1115 0.0728  0.0441  73  PHE A CZ  
590 N N   . ILE A 75 ? 0.6195 0.4326 0.2246 -0.1519 0.1012  -0.0294 74  ILE A N   
591 C CA  . ILE A 75 ? 0.5880 0.4278 0.1867 -0.1609 0.0703  -0.0293 74  ILE A CA  
592 C C   . ILE A 75 ? 0.5951 0.4660 0.2330 -0.1513 0.0476  -0.0165 74  ILE A C   
593 O O   . ILE A 75 ? 0.4913 0.3606 0.1564 -0.1446 0.0532  -0.0142 74  ILE A O   
594 C CB  . ILE A 75 ? 0.6147 0.4462 0.1974 -0.1785 0.0669  -0.0470 74  ILE A CB  
595 C CG1 . ILE A 75 ? 0.6169 0.4790 0.1949 -0.1844 0.0384  -0.0447 74  ILE A CG1 
596 C CG2 . ILE A 75 ? 0.5794 0.4108 0.1911 -0.1806 0.0671  -0.0513 74  ILE A CG2 
597 C CD1 . ILE A 75 ? 0.6445 0.5035 0.2100 -0.2012 0.0343  -0.0591 74  ILE A CD1 
598 N N   . TYR A 76 ? 0.5570 0.4555 0.1978 -0.1493 0.0221  -0.0085 75  TYR A N   
599 C CA  . TYR A 76 ? 0.5157 0.4445 0.1935 -0.1377 -0.0011 0.0028  75  TYR A CA  
600 C C   . TYR A 76 ? 0.5052 0.4595 0.1861 -0.1397 -0.0240 -0.0002 75  TYR A C   
601 O O   . TYR A 76 ? 0.5367 0.4935 0.1954 -0.1410 -0.0317 0.0033  75  TYR A O   
602 C CB  . TYR A 76 ? 0.4800 0.4115 0.1649 -0.1251 -0.0046 0.0217  75  TYR A CB  
603 C CG  . TYR A 76 ? 0.4427 0.4020 0.1656 -0.1119 -0.0299 0.0310  75  TYR A CG  
604 C CD1 . TYR A 76 ? 0.4095 0.3791 0.1649 -0.1059 -0.0336 0.0288  75  TYR A CD1 
605 C CD2 . TYR A 76 ? 0.4739 0.4470 0.2002 -0.1039 -0.0489 0.0410  75  TYR A CD2 
606 C CE1 . TYR A 76 ? 0.3797 0.3737 0.1732 -0.0900 -0.0540 0.0338  75  TYR A CE1 
607 C CE2 . TYR A 76 ? 0.5199 0.5143 0.2848 -0.0878 -0.0686 0.0456  75  TYR A CE2 
608 C CZ  . TYR A 76 ? 0.4750 0.4792 0.2736 -0.0800 -0.0696 0.0406  75  TYR A CZ  
609 O OH  . TYR A 76 ? 0.5069 0.5287 0.3423 -0.0608 -0.0837 0.0405  75  TYR A OH  
610 N N   . PHE A 77 ? 0.4877 0.4610 0.1957 -0.1391 -0.0328 -0.0063 76  PHE A N   
611 C CA  . PHE A 77 ? 0.4476 0.4437 0.1599 -0.1400 -0.0497 -0.0104 76  PHE A CA  
612 C C   . PHE A 77 ? 0.4929 0.5168 0.2489 -0.1265 -0.0612 -0.0095 76  PHE A C   
613 O O   . PHE A 77 ? 0.4259 0.4498 0.2044 -0.1209 -0.0549 -0.0079 76  PHE A O   
614 C CB  . PHE A 77 ? 0.4951 0.4783 0.1794 -0.1604 -0.0415 -0.0240 76  PHE A CB  
615 C CG  . PHE A 77 ? 0.5656 0.5361 0.2574 -0.1706 -0.0263 -0.0327 76  PHE A CG  
616 C CD1 . PHE A 77 ? 0.5956 0.5326 0.2733 -0.1751 -0.0038 -0.0360 76  PHE A CD1 
617 C CD2 . PHE A 77 ? 0.5206 0.5104 0.2315 -0.1758 -0.0330 -0.0375 76  PHE A CD2 
618 C CE1 . PHE A 77 ? 0.4882 0.4085 0.1701 -0.1841 0.0104  -0.0438 76  PHE A CE1 
619 C CE2 . PHE A 77 ? 0.5046 0.4811 0.2189 -0.1870 -0.0189 -0.0439 76  PHE A CE2 
620 C CZ  . PHE A 77 ? 0.4766 0.4164 0.1756 -0.1914 0.0024  -0.0472 76  PHE A CZ  
621 N N   . TYR A 78 ? 0.4654 0.5116 0.2312 -0.1201 -0.0779 -0.0108 77  TYR A N   
622 C CA  . TYR A 78 ? 0.4847 0.5569 0.2849 -0.1111 -0.0876 -0.0113 77  TYR A CA  
623 C C   . TYR A 78 ? 0.5389 0.6221 0.3362 -0.1278 -0.0867 -0.0201 77  TYR A C   
624 O O   . TYR A 78 ? 0.5865 0.6671 0.3585 -0.1416 -0.0906 -0.0247 77  TYR A O   
625 C CB  . TYR A 78 ? 0.5204 0.6107 0.3306 -0.0978 -0.1069 -0.0055 77  TYR A CB  
626 C CG  . TYR A 78 ? 0.5766 0.6624 0.4047 -0.0791 -0.1090 0.0022  77  TYR A CG  
627 C CD1 . TYR A 78 ? 0.6195 0.6869 0.4306 -0.0761 -0.1063 0.0103  77  TYR A CD1 
628 C CD2 . TYR A 78 ? 0.6067 0.7057 0.4673 -0.0651 -0.1128 0.0012  77  TYR A CD2 
629 C CE1 . TYR A 78 ? 0.6281 0.6923 0.4579 -0.0606 -0.1087 0.0182  77  TYR A CE1 
630 C CE2 . TYR A 78 ? 0.6143 0.7077 0.4909 -0.0485 -0.1153 0.0063  77  TYR A CE2 
631 C CZ  . TYR A 78 ? 0.7000 0.7771 0.5628 -0.0470 -0.1135 0.0150  77  TYR A CZ  
632 O OH  . TYR A 78 ? 0.9030 0.9771 0.7846 -0.0325 -0.1161 0.0205  77  TYR A OH  
633 N N   . LEU A 79 ? 0.4418 0.5365 0.2629 -0.1275 -0.0813 -0.0220 78  LEU A N   
634 C CA  . LEU A 79 ? 0.4602 0.5705 0.2835 -0.1431 -0.0814 -0.0286 78  LEU A CA  
635 C C   . LEU A 79 ? 0.5459 0.6898 0.4003 -0.1310 -0.0925 -0.0258 78  LEU A C   
636 O O   . LEU A 79 ? 0.6102 0.7612 0.4868 -0.1218 -0.0867 -0.0238 78  LEU A O   
637 C CB  . LEU A 79 ? 0.5185 0.6120 0.3388 -0.1545 -0.0642 -0.0328 78  LEU A CB  
638 C CG  . LEU A 79 ? 0.6196 0.7094 0.4222 -0.1773 -0.0608 -0.0414 78  LEU A CG  
639 C CD1 . LEU A 79 ? 0.6916 0.7715 0.4639 -0.1867 -0.0678 -0.0459 78  LEU A CD1 
640 C CD2 . LEU A 79 ? 0.6428 0.7043 0.4308 -0.1924 -0.0414 -0.0446 78  LEU A CD2 
641 N N   . GLY A 80 ? 0.6161 0.7797 0.4711 -0.1297 -0.1089 -0.0260 79  GLY A N   
642 C CA  . GLY A 80 ? 0.6279 0.8191 0.5118 -0.1140 -0.1204 -0.0238 79  GLY A CA  
643 C C   . GLY A 80 ? 0.6069 0.7856 0.5003 -0.0919 -0.1237 -0.0182 79  GLY A C   
644 O O   . GLY A 80 ? 0.6074 0.7695 0.4852 -0.0867 -0.1295 -0.0144 79  GLY A O   
645 N N   . GLN A 81 ? 0.6106 0.7969 0.5281 -0.0797 -0.1198 -0.0176 80  GLN A N   
646 C CA  . GLN A 81 ? 0.6609 0.8356 0.5907 -0.0590 -0.1246 -0.0141 80  GLN A CA  
647 C C   . GLN A 81 ? 0.6099 0.7609 0.5370 -0.0570 -0.1100 -0.0117 80  GLN A C   
648 O O   . GLN A 81 ? 0.6147 0.7543 0.5523 -0.0415 -0.1126 -0.0094 80  GLN A O   
649 C CB  . GLN A 81 ? 0.7474 0.9447 0.7034 -0.0479 -0.1309 -0.0159 80  GLN A CB  
650 C CG  . GLN A 81 ? 0.8347 1.0477 0.8006 -0.0551 -0.1148 -0.0187 80  GLN A CG  
651 C CD  . GLN A 81 ? 0.8271 1.0681 0.7927 -0.0728 -0.1115 -0.0225 80  GLN A CD  
652 O OE1 . GLN A 81 ? 0.8379 1.0726 0.7856 -0.0897 -0.1097 -0.0236 80  GLN A OE1 
653 N NE2 . GLN A 81 ? 0.8230 1.0947 0.8076 -0.0701 -0.1096 -0.0251 80  GLN A NE2 
654 N N   . VAL A 82 ? 0.5551 0.6969 0.4680 -0.0730 -0.0961 -0.0128 81  VAL A N   
655 C CA  . VAL A 82 ? 0.4515 0.5736 0.3628 -0.0738 -0.0823 -0.0108 81  VAL A CA  
656 C C   . VAL A 82 ? 0.4028 0.5004 0.2898 -0.0806 -0.0780 -0.0086 81  VAL A C   
657 O O   . VAL A 82 ? 0.3790 0.4718 0.2439 -0.0960 -0.0759 -0.0121 81  VAL A O   
658 C CB  . VAL A 82 ? 0.4266 0.5541 0.3385 -0.0881 -0.0700 -0.0141 81  VAL A CB  
659 C CG1 . VAL A 82 ? 0.4162 0.5204 0.3233 -0.0901 -0.0578 -0.0122 81  VAL A CG1 
660 C CG2 . VAL A 82 ? 0.5245 0.6779 0.4583 -0.0811 -0.0719 -0.0151 81  VAL A CG2 
661 N N   . ALA A 83 ? 0.3323 0.4140 0.2218 -0.0703 -0.0756 -0.0035 82  ALA A N   
662 C CA  . ALA A 83 ? 0.3066 0.3657 0.1724 -0.0758 -0.0693 -0.0005 82  ALA A CA  
663 C C   . ALA A 83 ? 0.3587 0.4011 0.2130 -0.0916 -0.0530 -0.0003 82  ALA A C   
664 O O   . ALA A 83 ? 0.3057 0.3509 0.1787 -0.0865 -0.0496 0.0010  82  ALA A O   
665 C CB  . ALA A 83 ? 0.2982 0.3518 0.1700 -0.0612 -0.0761 0.0082  82  ALA A CB  
666 N N   . ILE A 84 ? 0.2997 0.3206 0.1198 -0.1105 -0.0421 -0.0031 83  ILE A N   
667 C CA  . ILE A 84 ? 0.4138 0.4075 0.2151 -0.1260 -0.0229 -0.0077 83  ILE A CA  
668 C C   . ILE A 84 ? 0.3725 0.3358 0.1433 -0.1297 -0.0101 -0.0052 83  ILE A C   
669 O O   . ILE A 84 ? 0.4249 0.3824 0.1719 -0.1347 -0.0105 -0.0070 83  ILE A O   
670 C CB  . ILE A 84 ? 0.4426 0.4298 0.2292 -0.1441 -0.0149 -0.0192 83  ILE A CB  
671 C CG1 . ILE A 84 ? 0.3121 0.3307 0.1293 -0.1388 -0.0247 -0.0188 83  ILE A CG1 
672 C CG2 . ILE A 84 ? 0.3911 0.3394 0.1561 -0.1575 0.0080  -0.0262 83  ILE A CG2 
673 C CD1 . ILE A 84 ? 0.3896 0.4099 0.1963 -0.1554 -0.0215 -0.0267 83  ILE A CD1 
674 N N   . LEU A 85 ? 0.3523 0.2970 0.1249 -0.1248 0.0032  0.0007  84  LEU A N   
675 C CA  . LEU A 85 ? 0.3645 0.2794 0.1187 -0.1223 0.0254  0.0057  84  LEU A CA  
676 C C   . LEU A 85 ? 0.4071 0.2896 0.1566 -0.1264 0.0538  -0.0039 84  LEU A C   
677 O O   . LEU A 85 ? 0.4420 0.3245 0.2161 -0.1223 0.0572  -0.0016 84  LEU A O   
678 C CB  . LEU A 85 ? 0.3366 0.2573 0.1174 -0.1062 0.0230  0.0261  84  LEU A CB  
679 C CG  . LEU A 85 ? 0.3545 0.2512 0.1415 -0.0985 0.0510  0.0339  84  LEU A CG  
680 C CD1 . LEU A 85 ? 0.3986 0.2864 0.1495 -0.1044 0.0579  0.0317  84  LEU A CD1 
681 C CD2 . LEU A 85 ? 0.4038 0.3106 0.2338 -0.0833 0.0454  0.0545  84  LEU A CD2 
682 N N   . LEU A 86 ? 0.4319 0.2865 0.1524 -0.1335 0.0732  -0.0143 85  LEU A N   
683 C CA  . LEU A 86 ? 0.4618 0.2801 0.1750 -0.1373 0.1001  -0.0266 85  LEU A CA  
684 C C   . LEU A 86 ? 0.5046 0.2988 0.2046 -0.1306 0.1252  -0.0268 85  LEU A C   
685 O O   . LEU A 86 ? 0.5650 0.3586 0.2336 -0.1382 0.1227  -0.0308 85  LEU A O   
686 C CB  . LEU A 86 ? 0.5306 0.3382 0.2165 -0.1594 0.0960  -0.0444 85  LEU A CB  
687 C CG  . LEU A 86 ? 0.6441 0.4051 0.3114 -0.1680 0.1243  -0.0593 85  LEU A CG  
688 C CD1 . LEU A 86 ? 0.5212 0.2663 0.2165 -0.1581 0.1388  -0.0565 85  LEU A CD1 
689 C CD2 . LEU A 86 ? 0.5706 0.3317 0.2154 -0.1910 0.1142  -0.0711 85  LEU A CD2 
690 N N   . PHE A 87 ? 0.5017 0.2792 0.2290 -0.1156 0.1487  -0.0219 86  PHE A N   
691 C CA  . PHE A 87 ? 0.5568 0.3180 0.2782 -0.1076 0.1731  -0.0206 86  PHE A CA  
692 C C   . PHE A 87 ? 0.5943 0.3280 0.3424 -0.0947 0.2023  -0.0230 86  PHE A C   
693 O O   . PHE A 87 ? 0.5434 0.2780 0.3245 -0.0873 0.1998  -0.0191 86  PHE A O   
694 C CB  . PHE A 87 ? 0.5320 0.3241 0.2753 -0.0962 0.1638  0.0008  86  PHE A CB  
695 C CG  . PHE A 87 ? 0.4808 0.2940 0.2831 -0.0792 0.1575  0.0192  86  PHE A CG  
696 C CD1 . PHE A 87 ? 0.4318 0.2676 0.2550 -0.0789 0.1309  0.0262  86  PHE A CD1 
697 C CD2 . PHE A 87 ? 0.4975 0.3093 0.3356 -0.0640 0.1764  0.0291  86  PHE A CD2 
698 C CE1 . PHE A 87 ? 0.3558 0.2110 0.2323 -0.0643 0.1214  0.0422  86  PHE A CE1 
699 C CE2 . PHE A 87 ? 0.4087 0.2420 0.3025 -0.0499 0.1657  0.0449  86  PHE A CE2 
700 C CZ  . PHE A 87 ? 0.3750 0.2292 0.2868 -0.0504 0.1371  0.0510  86  PHE A CZ  
701 N N   . LYS A 88 ? 0.6093 0.3199 0.3439 -0.0909 0.2294  -0.0283 87  LYS A N   
702 C CA  . LYS A 88 ? 0.6372 0.3173 0.3953 -0.0776 0.2610  -0.0313 87  LYS A CA  
703 C C   . LYS A 88 ? 0.6764 0.3787 0.4785 -0.0574 0.2705  -0.0122 87  LYS A C   
704 O O   . LYS A 88 ? 0.6349 0.3513 0.4221 -0.0591 0.2723  -0.0071 87  LYS A O   
705 C CB  . LYS A 88 ? 0.7282 0.3659 0.4402 -0.0890 0.2853  -0.0521 87  LYS A CB  
706 C CG  . LYS A 88 ? 0.8029 0.3995 0.5309 -0.0802 0.3172  -0.0588 87  LYS A CG  
707 C CD  . LYS A 88 ? 0.9478 0.5094 0.6239 -0.0953 0.3333  -0.0801 87  LYS A CD  
708 C CE  . LYS A 88 ? 1.0468 0.5691 0.7369 -0.0877 0.3633  -0.0863 87  LYS A CE  
709 N NZ  . LYS A 88 ? 1.0725 0.6043 0.8186 -0.0617 0.3817  -0.0685 87  LYS A NZ  
710 N N   . SER A 89 ? 0.7292 0.4379 0.5869 -0.0395 0.2746  -0.0003 88  SER A N   
711 C CA  . SER A 89 ? 0.7990 0.5241 0.7022 -0.0213 0.2875  0.0161  88  SER A CA  
712 C C   . SER A 89 ? 0.9316 0.6420 0.8842 -0.0028 0.3043  0.0206  88  SER A C   
713 O O   . SER A 89 ? 0.8603 0.5903 0.8469 0.0041  0.2846  0.0285  88  SER A O   
714 C CB  . SER A 89 ? 0.7239 0.4967 0.6579 -0.0183 0.2583  0.0365  88  SER A CB  
715 O OG  . SER A 89 ? 0.7493 0.5368 0.7247 -0.0044 0.2714  0.0515  88  SER A OG  
716 N N   . GLY A 90 ? 1.0345 0.7152 0.9922 0.0053  0.3389  0.0173  89  GLY A N   
717 C CA  . GLY A 90 ? 1.0804 0.7373 1.0819 0.0209  0.3587  0.0234  89  GLY A CA  
718 C C   . GLY A 90 ? 1.1519 0.7574 1.1170 0.0085  0.3811  0.0071  89  GLY A C   
719 O O   . GLY A 90 ? 1.1375 0.7250 1.0425 -0.0110 0.3773  -0.0132 89  GLY A O   
720 O OXT . GLY A 90 ? 1.2308 0.8302 1.2272 0.0152  0.3989  0.0156  89  GLY A OXT 
721 N N   . PRO B 34 ? 0.9665 0.9905 1.2992 -0.1084 0.5678  -0.3000 606 PRO B N   
722 C CA  . PRO B 34 ? 0.9998 1.0226 1.2223 -0.1422 0.5739  -0.2663 606 PRO B CA  
723 C C   . PRO B 34 ? 0.9644 0.9852 1.1412 -0.1321 0.5307  -0.2272 606 PRO B C   
724 O O   . PRO B 34 ? 0.8379 0.8392 0.9501 -0.1279 0.5075  -0.2270 606 PRO B O   
725 C CB  . PRO B 34 ? 0.9942 0.9928 1.1014 -0.1702 0.5932  -0.2788 606 PRO B CB  
726 C CG  . PRO B 34 ? 1.0513 1.0320 1.1818 -0.1513 0.5817  -0.3063 606 PRO B CG  
727 C CD  . PRO B 34 ? 1.0034 0.9930 1.2763 -0.1102 0.5712  -0.3205 606 PRO B CD  
728 N N   . THR B 35 ? 0.9501 0.9879 1.1615 -0.1319 0.5216  -0.1972 607 THR B N   
729 C CA  . THR B 35 ? 0.8622 0.8917 1.0526 -0.1166 0.4601  -0.1551 607 THR B CA  
730 C C   . THR B 35 ? 0.8566 0.8805 0.9701 -0.1393 0.4628  -0.1117 607 THR B C   
731 O O   . THR B 35 ? 0.9136 0.9369 1.0132 -0.1635 0.5118  -0.1126 607 THR B O   
732 C CB  . THR B 35 ? 0.7428 0.7856 1.0633 -0.0823 0.4197  -0.1563 607 THR B CB  
733 O OG1 . THR B 35 ? 0.6963 0.7733 1.1034 -0.0927 0.4490  -0.1594 607 THR B OG1 
734 C CG2 . THR B 35 ? 0.7282 0.7652 1.1234 -0.0514 0.4169  -0.1971 607 THR B CG2 
735 N N   . LYS B 36 ? 0.7682 0.7784 0.8290 -0.1288 0.4056  -0.0733 608 LYS B N   
736 C CA  . LYS B 36 ? 0.7879 0.7832 0.7740 -0.1401 0.3968  -0.0273 608 LYS B CA  
737 C C   . LYS B 36 ? 0.7139 0.7059 0.7422 -0.1190 0.3377  0.0026  608 LYS B C   
738 O O   . LYS B 36 ? 0.6317 0.6245 0.6976 -0.0994 0.2967  -0.0083 608 LYS B O   
739 C CB  . LYS B 36 ? 0.9679 0.9498 0.8085 -0.1514 0.3905  -0.0157 608 LYS B CB  
740 C CG  . LYS B 36 ? 1.1472 1.1052 0.8965 -0.1517 0.3700  0.0354  608 LYS B CG  
741 C CD  . LYS B 36 ? 1.3380 1.2853 0.9391 -0.1614 0.3691  0.0414  608 LYS B CD  
742 C CE  . LYS B 36 ? 1.3282 1.3037 0.9002 -0.1463 0.3090  0.0310  608 LYS B CE  
743 N NZ  . LYS B 36 ? 1.2710 1.2478 0.8615 -0.1225 0.2509  0.0661  608 LYS B NZ  
744 N N   . ASP B 37 ? 0.7013 0.6794 0.7164 -0.1253 0.3386  0.0394  609 ASP B N   
745 C CA  . ASP B 37 ? 0.6980 0.6681 0.7423 -0.1103 0.2890  0.0685  609 ASP B CA  
746 C C   . ASP B 37 ? 0.6994 0.6508 0.6384 -0.1041 0.2538  0.1023  609 ASP B C   
747 O O   . ASP B 37 ? 0.7668 0.7017 0.6079 -0.1129 0.2731  0.1205  609 ASP B O   
748 C CB  . ASP B 37 ? 0.7501 0.7146 0.8548 -0.1214 0.3134  0.0840  609 ASP B CB  
749 C CG  . ASP B 37 ? 0.7890 0.7896 1.0264 -0.1244 0.3399  0.0427  609 ASP B CG  
750 O OD1 . ASP B 37 ? 0.7832 0.8060 1.0710 -0.1076 0.3255  0.0089  609 ASP B OD1 
751 O OD2 . ASP B 37 ? 0.8399 0.8458 1.1346 -0.1425 0.3751  0.0414  609 ASP B OD2 
752 N N   . SER B 38 ? 0.6302 0.5821 0.5873 -0.0879 0.2017  0.1088  610 SER B N   
753 C CA  . SER B 38 ? 0.6642 0.6110 0.5469 -0.0788 0.1652  0.1322  610 SER B CA  
754 C C   . SER B 38 ? 0.6153 0.5497 0.5412 -0.0675 0.1282  0.1528  610 SER B C   
755 O O   . SER B 38 ? 0.4993 0.4318 0.4941 -0.0652 0.1129  0.1366  610 SER B O   
756 C CB  . SER B 38 ? 0.6821 0.6511 0.5256 -0.0774 0.1456  0.1004  610 SER B CB  
757 O OG  . SER B 38 ? 0.7747 0.7530 0.5545 -0.0899 0.1783  0.0846  610 SER B OG  
758 N N   . TYR B 39 ? 0.6194 0.5382 0.4964 -0.0588 0.1136  0.1886  611 TYR B N   
759 C CA  . TYR B 39 ? 0.5559 0.4639 0.4574 -0.0468 0.0776  0.2061  611 TYR B CA  
760 C C   . TYR B 39 ? 0.5983 0.5335 0.4781 -0.0366 0.0381  0.1865  611 TYR B C   
761 O O   . TYR B 39 ? 0.6250 0.5853 0.4434 -0.0326 0.0313  0.1763  611 TYR B O   
762 C CB  . TYR B 39 ? 0.7279 0.6020 0.5857 -0.0370 0.0822  0.2520  611 TYR B CB  
763 C CG  . TYR B 39 ? 0.8891 0.7265 0.7677 -0.0517 0.1247  0.2710  611 TYR B CG  
764 C CD1 . TYR B 39 ? 0.9350 0.7604 0.8764 -0.0557 0.1126  0.2585  611 TYR B CD1 
765 C CD2 . TYR B 39 ? 1.0113 0.8307 0.8379 -0.0653 0.1702  0.2769  611 TYR B CD2 
766 C CE1 . TYR B 39 ? 0.9784 0.7855 0.9414 -0.0727 0.1433  0.2563  611 TYR B CE1 
767 C CE2 . TYR B 39 ? 1.0712 0.8684 0.9261 -0.0849 0.2033  0.2736  611 TYR B CE2 
768 C CZ  . TYR B 39 ? 1.0402 0.8347 0.9668 -0.0879 0.1890  0.2646  611 TYR B CZ  
769 O OH  . TYR B 39 ? 1.0825 0.8630 1.0395 -0.1073 0.2228  0.2583  611 TYR B OH  
770 N N   . THR B 40 ? 0.5148 0.4448 0.4433 -0.0350 0.0137  0.1783  612 THR B N   
771 C CA  . THR B 40 ? 0.4892 0.4428 0.4086 -0.0261 -0.0196 0.1642  612 THR B CA  
772 C C   . THR B 40 ? 0.4641 0.3953 0.4235 -0.0183 -0.0356 0.1839  612 THR B C   
773 O O   . THR B 40 ? 0.4738 0.3704 0.4729 -0.0268 -0.0236 0.1968  612 THR B O   
774 C CB  . THR B 40 ? 0.4955 0.4627 0.4302 -0.0409 -0.0238 0.1154  612 THR B CB  
775 O OG1 . THR B 40 ? 0.4177 0.3457 0.3995 -0.0506 -0.0242 0.1092  612 THR B OG1 
776 C CG2 . THR B 40 ? 0.4585 0.4334 0.3673 -0.0514 0.0006  0.0931  612 THR B CG2 
777 N N   . LEU B 41 ? 0.4855 0.4416 0.4410 -0.0027 -0.0636 0.1799  613 LEU B N   
778 C CA  . LEU B 41 ? 0.5592 0.4972 0.5569 0.0061  -0.0769 0.1923  613 LEU B CA  
779 C C   . LEU B 41 ? 0.6264 0.6120 0.6448 0.0144  -0.1054 0.1566  613 LEU B C   
780 O O   . LEU B 41 ? 0.7038 0.7392 0.6904 0.0298  -0.1261 0.1445  613 LEU B O   
781 C CB  . LEU B 41 ? 0.6298 0.5367 0.6028 0.0295  -0.0746 0.2438  613 LEU B CB  
782 C CG  . LEU B 41 ? 0.7340 0.6098 0.7442 0.0318  -0.0648 0.2333  613 LEU B CG  
783 C CD1 . LEU B 41 ? 0.6135 0.4668 0.6505 0.0042  -0.0349 0.2070  613 LEU B CD1 
784 C CD2 . LEU B 41 ? 0.5918 0.4349 0.5530 0.0589  -0.0640 0.2591  613 LEU B CD2 
785 N N   . THR B 42 ? 0.5561 0.5288 0.6290 0.0015  -0.1051 0.1345  614 THR B N   
786 C CA  . THR B 42 ? 0.5166 0.5357 0.6295 0.0040  -0.1237 0.0919  614 THR B CA  
787 C C   . THR B 42 ? 0.5976 0.6321 0.7382 0.0410  -0.1490 0.1152  614 THR B C   
788 O O   . THR B 42 ? 0.5707 0.5549 0.7086 0.0538  -0.1417 0.1612  614 THR B O   
789 C CB  . THR B 42 ? 0.4039 0.3894 0.5546 -0.0313 -0.1030 0.0540  614 THR B CB  
790 O OG1 . THR B 42 ? 0.4283 0.3497 0.5903 -0.0367 -0.0899 0.0869  614 THR B OG1 
791 C CG2 . THR B 42 ? 0.3556 0.3218 0.4729 -0.0633 -0.0819 0.0210  614 THR B CG2 
792 N N   . GLU B 43 ? 0.7316 0.8361 0.9050 0.0587  -0.1782 0.0789  615 GLU B N   
793 C CA  . GLU B 43 ? 0.8238 0.9502 1.0344 0.1028  -0.2097 0.0941  615 GLU B CA  
794 C C   . GLU B 43 ? 0.7852 0.8742 1.0684 0.0899  -0.1893 0.0849  615 GLU B C   
795 O O   . GLU B 43 ? 0.8387 0.9260 1.1615 0.1250  -0.2057 0.1014  615 GLU B O   
796 C CB  . GLU B 43 ? 0.9478 1.1755 1.1897 0.1266  -0.2524 0.0463  615 GLU B CB  
797 C CG  . GLU B 43 ? 1.0407 1.3205 1.2508 0.0989  -0.2507 0.0013  615 GLU B CG  
798 C CD  . GLU B 43 ? 1.1748 1.4729 1.2931 0.1267  -0.2786 0.0327  615 GLU B CD  
799 O OE1 . GLU B 43 ? 1.2255 1.6030 1.3460 0.1580  -0.3265 0.0087  615 GLU B OE1 
800 O OE2 . GLU B 43 ? 1.2276 1.4624 1.2720 0.1161  -0.2527 0.0771  615 GLU B OE2 
# 
